data_9S02
#
_entry.id   9S02
#
_cell.length_a   163.674
_cell.length_b   88.042
_cell.length_c   116.731
_cell.angle_alpha   90.000
_cell.angle_beta   90.000
_cell.angle_gamma   90.000
#
_symmetry.space_group_name_H-M   'P 21 21 2'
#
loop_
_entity.id
_entity.type
_entity.pdbx_description
1 polymer 'Isoform 3 of Pyrroline-5-carboxylate reductase 1, mitochondrial'
2 non-polymer '3-(1,3-thiazol-2-yl)propanoic acid'
3 non-polymer 1,2-ETHANEDIOL
4 non-polymer 'DIMETHYL SULFOXIDE'
5 water water
#
_entity_poly.entity_id   1
_entity_poly.type   'polypeptide(L)'
_entity_poly.pdbx_seq_one_letter_code
;MHHHHHHSSGVDLGTENNLYFQSMSVGFIGAGQLAFALAKGFTAAGVLAAHKIMASSPDMDLATVSALRKMGVKLTPHNK
ETVQHSDVLFLAVKPHIIPFILDEIGADIEDRHIVVSCAAGVTISSIEKKLSAFRPAPRVIRCMTNTPVVVREGATVYAT
GTHAQVEDGRLMEQLLSSVGFCTEVEEDLIDAVTGLSGSGPAYAFTALDALADGGVKMGLPRRLAVRLGAQALLGAAKML
LHSEQHPGQLKDNVSSPGGATIHALHVLESGGFRSLLINAVEASCIRTRELQSMADQEQVSPAAIKKTILDKVKLDSPAG
TALSPSGHTKLLPRSLAPAGKD
;
_entity_poly.pdbx_strand_id   A,B,C,D,E
#
# COMPACT_ATOMS: atom_id res chain seq x y z
N MET A 24 18.18 -19.87 44.84
CA MET A 24 16.87 -19.24 44.72
C MET A 24 15.79 -20.28 44.37
N SER A 25 14.60 -20.12 44.96
CA SER A 25 13.50 -21.06 44.78
C SER A 25 12.41 -20.47 43.90
N VAL A 26 11.87 -21.28 43.00
CA VAL A 26 10.84 -20.86 42.09
C VAL A 26 9.61 -21.74 42.27
N GLY A 27 8.45 -21.10 42.31
CA GLY A 27 7.20 -21.81 42.44
C GLY A 27 6.25 -21.43 41.30
N PHE A 28 5.42 -22.39 40.92
CA PHE A 28 4.35 -22.18 39.96
C PHE A 28 3.02 -22.48 40.62
N ILE A 29 2.14 -21.49 40.67
CA ILE A 29 0.75 -21.73 41.00
C ILE A 29 0.03 -21.93 39.67
N GLY A 30 -0.43 -23.15 39.44
CA GLY A 30 -0.83 -23.62 38.13
C GLY A 30 0.18 -24.65 37.65
N ALA A 31 -0.33 -25.72 37.07
CA ALA A 31 0.53 -26.77 36.51
C ALA A 31 0.07 -27.13 35.11
N GLY A 32 -0.30 -26.12 34.32
CA GLY A 32 -0.77 -26.33 32.96
C GLY A 32 0.35 -26.21 31.95
N GLN A 33 -0.05 -25.91 30.71
CA GLN A 33 0.91 -25.89 29.60
C GLN A 33 2.05 -24.91 29.87
N LEU A 34 1.74 -23.71 30.34
CA LEU A 34 2.79 -22.70 30.47
C LEU A 34 3.73 -23.00 31.62
N ALA A 35 3.19 -23.46 32.76
CA ALA A 35 4.04 -23.88 33.87
C ALA A 35 5.00 -24.99 33.45
N PHE A 36 4.49 -26.00 32.75
CA PHE A 36 5.38 -27.05 32.25
C PHE A 36 6.42 -26.47 31.31
N ALA A 37 6.00 -25.61 30.39
CA ALA A 37 6.93 -25.10 29.37
C ALA A 37 8.08 -24.34 30.02
N LEU A 38 7.77 -23.48 31.00
CA LEU A 38 8.79 -22.68 31.69
C LEU A 38 9.70 -23.55 32.53
N ALA A 39 9.12 -24.49 33.28
CA ALA A 39 9.94 -25.40 34.07
C ALA A 39 10.87 -26.22 33.18
N LYS A 40 10.35 -26.74 32.06
CA LYS A 40 11.21 -27.51 31.15
C LYS A 40 12.34 -26.64 30.59
N GLY A 41 12.01 -25.42 30.14
CA GLY A 41 13.03 -24.54 29.61
C GLY A 41 14.08 -24.17 30.64
N PHE A 42 13.63 -23.79 31.85
CA PHE A 42 14.55 -23.37 32.91
C PHE A 42 15.51 -24.49 33.28
N THR A 43 14.99 -25.72 33.43
CA THR A 43 15.87 -26.83 33.79
C THR A 43 16.80 -27.17 32.63
N ALA A 44 16.29 -27.10 31.39
CA ALA A 44 17.16 -27.38 30.25
C ALA A 44 18.24 -26.30 30.12
N ALA A 45 17.90 -25.05 30.45
CA ALA A 45 18.91 -24.00 30.42
C ALA A 45 19.96 -24.19 31.50
N GLY A 46 19.68 -25.04 32.49
CA GLY A 46 20.56 -25.23 33.62
C GLY A 46 20.52 -24.11 34.63
N VAL A 47 19.57 -23.18 34.52
CA VAL A 47 19.54 -22.09 35.48
C VAL A 47 18.79 -22.48 36.75
N LEU A 48 18.01 -23.56 36.70
CA LEU A 48 17.28 -24.07 37.87
C LEU A 48 17.35 -25.58 37.88
N ALA A 49 17.59 -26.14 39.07
CA ALA A 49 17.43 -27.57 39.29
C ALA A 49 15.95 -27.88 39.51
N ALA A 50 15.50 -29.00 38.95
CA ALA A 50 14.08 -29.34 39.01
C ALA A 50 13.57 -29.42 40.44
N HIS A 51 14.39 -29.88 41.39
CA HIS A 51 13.96 -30.00 42.78
C HIS A 51 13.84 -28.66 43.50
N LYS A 52 14.39 -27.58 42.94
CA LYS A 52 14.18 -26.23 43.47
C LYS A 52 12.90 -25.60 42.92
N ILE A 53 12.11 -26.36 42.17
CA ILE A 53 10.85 -25.89 41.59
C ILE A 53 9.70 -26.67 42.22
N MET A 54 8.66 -25.94 42.63
CA MET A 54 7.43 -26.54 43.11
C MET A 54 6.26 -25.99 42.31
N ALA A 55 5.30 -26.86 41.98
CA ALA A 55 4.11 -26.44 41.24
C ALA A 55 2.88 -26.99 41.94
N SER A 56 1.81 -26.19 41.96
CA SER A 56 0.56 -26.62 42.54
C SER A 56 -0.57 -26.56 41.51
N SER A 57 -1.53 -27.48 41.68
CA SER A 57 -2.69 -27.58 40.81
C SER A 57 -3.84 -28.24 41.54
N PRO A 58 -5.07 -27.77 41.33
CA PRO A 58 -6.24 -28.47 41.88
C PRO A 58 -6.58 -29.76 41.14
N ASP A 59 -5.82 -30.12 40.11
CA ASP A 59 -6.14 -31.24 39.22
C ASP A 59 -4.81 -31.90 38.86
N MET A 60 -4.45 -32.97 39.57
CA MET A 60 -3.22 -33.68 39.28
C MET A 60 -3.42 -34.80 38.27
N ASP A 61 -4.46 -34.72 37.45
CA ASP A 61 -4.72 -35.67 36.39
C ASP A 61 -4.29 -35.14 35.04
N LEU A 62 -3.88 -33.88 34.97
CA LEU A 62 -3.43 -33.28 33.73
C LEU A 62 -2.17 -33.97 33.24
N ALA A 63 -2.05 -34.11 31.92
CA ALA A 63 -0.82 -34.67 31.37
C ALA A 63 0.38 -33.77 31.64
N THR A 64 0.17 -32.45 31.80
CA THR A 64 1.27 -31.55 32.16
C THR A 64 1.79 -31.86 33.55
N VAL A 65 0.91 -32.29 34.45
CA VAL A 65 1.31 -32.63 35.80
C VAL A 65 2.20 -33.88 35.79
N SER A 66 1.84 -34.88 34.97
CA SER A 66 2.64 -36.11 34.89
C SER A 66 4.05 -35.82 34.38
N ALA A 67 4.18 -34.88 33.44
CA ALA A 67 5.49 -34.59 32.90
C ALA A 67 6.38 -33.89 33.92
N LEU A 68 5.80 -32.99 34.71
CA LEU A 68 6.56 -32.30 35.74
C LEU A 68 7.13 -33.28 36.76
N ARG A 69 6.37 -34.33 37.12
CA ARG A 69 6.87 -35.32 38.07
C ARG A 69 8.12 -36.03 37.55
N LYS A 70 8.10 -36.44 36.28
CA LYS A 70 9.26 -37.12 35.69
C LYS A 70 10.49 -36.23 35.66
N MET A 71 10.31 -34.91 35.47
CA MET A 71 11.43 -33.97 35.53
C MET A 71 12.04 -33.91 36.92
N GLY A 72 11.27 -34.24 37.96
CA GLY A 72 11.72 -34.04 39.32
C GLY A 72 11.18 -32.81 40.00
N VAL A 73 10.20 -32.12 39.39
CA VAL A 73 9.59 -30.96 40.01
C VAL A 73 8.70 -31.42 41.16
N LYS A 74 8.69 -30.66 42.26
CA LYS A 74 7.83 -30.98 43.39
C LYS A 74 6.40 -30.56 43.08
N LEU A 75 5.45 -31.44 43.37
CA LEU A 75 4.04 -31.14 43.14
C LEU A 75 3.27 -31.21 44.45
N THR A 76 2.28 -30.32 44.58
CA THR A 76 1.41 -30.28 45.76
C THR A 76 0.05 -29.78 45.32
N PRO A 77 -1.03 -30.26 45.93
CA PRO A 77 -2.36 -29.69 45.67
C PRO A 77 -2.61 -28.36 46.34
N HIS A 78 -1.73 -27.94 47.25
CA HIS A 78 -1.97 -26.79 48.11
C HIS A 78 -1.16 -25.61 47.62
N ASN A 79 -1.85 -24.56 47.17
CA ASN A 79 -1.14 -23.37 46.71
C ASN A 79 -0.31 -22.74 47.83
N LYS A 80 -0.74 -22.89 49.09
CA LYS A 80 0.04 -22.32 50.19
C LYS A 80 1.41 -22.98 50.34
N GLU A 81 1.52 -24.29 50.07
CA GLU A 81 2.84 -24.91 50.11
C GLU A 81 3.76 -24.31 49.06
N THR A 82 3.23 -24.05 47.86
CA THR A 82 4.05 -23.41 46.83
C THR A 82 4.56 -22.05 47.29
N VAL A 83 3.70 -21.23 47.90
CA VAL A 83 4.13 -19.92 48.37
C VAL A 83 5.22 -20.07 49.42
N GLN A 84 5.02 -20.98 50.38
CA GLN A 84 5.97 -21.18 51.46
C GLN A 84 7.32 -21.66 50.95
N HIS A 85 7.32 -22.47 49.88
CA HIS A 85 8.55 -22.99 49.29
C HIS A 85 9.30 -21.96 48.46
N SER A 86 8.60 -20.97 47.91
CA SER A 86 9.11 -20.20 46.79
C SER A 86 9.58 -18.81 47.19
N ASP A 87 10.54 -18.29 46.41
CA ASP A 87 10.92 -16.87 46.41
C ASP A 87 10.31 -16.13 45.23
N VAL A 88 10.55 -16.62 44.02
CA VAL A 88 9.90 -16.09 42.83
C VAL A 88 8.67 -16.97 42.58
N LEU A 89 7.50 -16.33 42.50
CA LEU A 89 6.25 -17.06 42.41
C LEU A 89 5.56 -16.73 41.09
N PHE A 90 5.53 -17.69 40.16
CA PHE A 90 4.80 -17.50 38.92
C PHE A 90 3.31 -17.85 39.11
N LEU A 91 2.44 -16.94 38.72
CA LEU A 91 1.00 -17.22 38.68
C LEU A 91 0.71 -17.64 37.25
N ALA A 92 0.62 -18.95 37.04
CA ALA A 92 0.45 -19.53 35.72
C ALA A 92 -0.94 -20.12 35.60
N VAL A 93 -1.96 -19.34 35.98
CA VAL A 93 -3.34 -19.75 35.90
C VAL A 93 -4.08 -18.84 34.92
N LYS A 94 -5.31 -19.23 34.58
CA LYS A 94 -6.14 -18.42 33.71
C LYS A 94 -6.46 -17.07 34.33
N PRO A 95 -6.68 -16.04 33.50
CA PRO A 95 -7.00 -14.69 34.03
C PRO A 95 -8.16 -14.68 35.03
N HIS A 96 -9.24 -15.41 34.77
CA HIS A 96 -10.35 -15.33 35.72
C HIS A 96 -10.05 -16.06 37.02
N ILE A 97 -8.99 -16.89 37.05
CA ILE A 97 -8.59 -17.61 38.26
C ILE A 97 -7.70 -16.75 39.15
N ILE A 98 -6.99 -15.75 38.57
CA ILE A 98 -6.09 -14.91 39.33
C ILE A 98 -6.70 -14.35 40.62
N PRO A 99 -7.88 -13.70 40.60
CA PRO A 99 -8.38 -13.12 41.85
C PRO A 99 -8.57 -14.14 42.95
N PHE A 100 -8.99 -15.37 42.61
CA PHE A 100 -9.17 -16.39 43.63
C PHE A 100 -7.84 -16.79 44.24
N ILE A 101 -6.79 -16.88 43.43
CA ILE A 101 -5.48 -17.23 43.96
C ILE A 101 -5.02 -16.16 44.94
N LEU A 102 -5.14 -14.89 44.55
CA LEU A 102 -4.64 -13.80 45.39
C LEU A 102 -5.36 -13.77 46.72
N ASP A 103 -6.67 -14.03 46.71
CA ASP A 103 -7.42 -14.07 47.97
C ASP A 103 -6.96 -15.22 48.85
N GLU A 104 -6.65 -16.37 48.25
CA GLU A 104 -6.26 -17.54 49.03
C GLU A 104 -4.88 -17.38 49.66
N ILE A 105 -3.91 -16.83 48.92
CA ILE A 105 -2.52 -16.81 49.37
C ILE A 105 -2.06 -15.42 49.80
N GLY A 106 -2.93 -14.41 49.75
CA GLY A 106 -2.48 -13.05 50.03
C GLY A 106 -1.80 -12.91 51.39
N ALA A 107 -2.35 -13.59 52.40
CA ALA A 107 -1.80 -13.49 53.75
C ALA A 107 -0.47 -14.23 53.91
N ASP A 108 -0.10 -15.04 52.92
CA ASP A 108 1.12 -15.83 52.96
C ASP A 108 2.27 -15.17 52.22
N ILE A 109 2.02 -14.06 51.52
CA ILE A 109 3.07 -13.35 50.81
C ILE A 109 3.98 -12.68 51.83
N GLU A 110 5.28 -12.84 51.66
CA GLU A 110 6.29 -12.28 52.54
C GLU A 110 7.09 -11.22 51.80
N ASP A 111 7.94 -10.52 52.55
CA ASP A 111 8.79 -9.49 51.95
C ASP A 111 9.65 -10.05 50.83
N ARG A 112 10.10 -11.30 50.96
CA ARG A 112 11.02 -11.90 49.99
C ARG A 112 10.37 -12.19 48.64
N HIS A 113 9.03 -12.21 48.55
CA HIS A 113 8.37 -12.73 47.35
C HIS A 113 8.39 -11.73 46.21
N ILE A 114 8.70 -12.23 45.01
CA ILE A 114 8.36 -11.56 43.76
C ILE A 114 7.24 -12.35 43.12
N VAL A 115 6.11 -11.69 42.92
CA VAL A 115 4.94 -12.31 42.32
C VAL A 115 4.93 -11.96 40.85
N VAL A 116 5.00 -12.98 39.98
CA VAL A 116 5.09 -12.81 38.54
C VAL A 116 3.81 -13.35 37.92
N SER A 117 2.93 -12.46 37.47
CA SER A 117 1.69 -12.90 36.85
C SER A 117 1.91 -13.12 35.35
N CYS A 118 1.48 -14.29 34.86
CA CYS A 118 1.58 -14.64 33.46
C CYS A 118 0.25 -14.57 32.76
N ALA A 119 -0.82 -14.23 33.49
CA ALA A 119 -2.16 -14.31 32.91
C ALA A 119 -2.36 -13.20 31.91
N ALA A 120 -3.00 -13.52 30.79
CA ALA A 120 -3.29 -12.52 29.78
C ALA A 120 -4.24 -11.47 30.33
N GLY A 121 -3.95 -10.21 30.02
CA GLY A 121 -4.89 -9.14 30.26
C GLY A 121 -4.95 -8.59 31.67
N VAL A 122 -4.48 -9.32 32.68
CA VAL A 122 -4.67 -8.95 34.08
C VAL A 122 -3.60 -7.94 34.49
N THR A 123 -4.03 -6.78 35.00
CA THR A 123 -3.11 -5.67 35.19
C THR A 123 -2.36 -5.77 36.51
N ILE A 124 -1.17 -5.15 36.51
CA ILE A 124 -0.37 -5.02 37.73
C ILE A 124 -1.18 -4.32 38.80
N SER A 125 -1.86 -3.24 38.43
CA SER A 125 -2.57 -2.49 39.46
C SER A 125 -3.66 -3.33 40.12
N SER A 126 -4.34 -4.19 39.36
CA SER A 126 -5.38 -5.04 39.95
C SER A 126 -4.79 -6.07 40.90
N ILE A 127 -3.61 -6.59 40.59
CA ILE A 127 -2.92 -7.56 41.46
C ILE A 127 -2.42 -6.86 42.72
N GLU A 128 -1.79 -5.69 42.56
CA GLU A 128 -1.31 -4.95 43.72
C GLU A 128 -2.46 -4.58 44.65
N LYS A 129 -3.59 -4.18 44.08
CA LYS A 129 -4.69 -3.77 44.94
C LYS A 129 -5.16 -4.94 45.79
N LYS A 130 -5.26 -6.13 45.20
CA LYS A 130 -5.67 -7.33 45.93
C LYS A 130 -4.66 -7.69 47.01
N LEU A 131 -3.37 -7.69 46.67
CA LEU A 131 -2.36 -8.14 47.61
C LEU A 131 -2.10 -7.10 48.70
N SER A 132 -2.29 -5.82 48.40
CA SER A 132 -2.05 -4.78 49.40
C SER A 132 -3.06 -4.82 50.54
N ALA A 133 -4.19 -5.50 50.37
CA ALA A 133 -5.08 -5.70 51.51
C ALA A 133 -4.43 -6.54 52.61
N PHE A 134 -3.36 -7.28 52.29
CA PHE A 134 -2.66 -8.15 53.22
C PHE A 134 -1.34 -7.56 53.71
N ARG A 135 -0.53 -6.99 52.82
CA ARG A 135 0.80 -6.40 53.09
C ARG A 135 0.97 -5.25 52.10
N PRO A 136 1.56 -4.10 52.51
CA PRO A 136 1.39 -2.86 51.72
C PRO A 136 2.16 -2.71 50.43
N ALA A 137 3.32 -3.35 50.30
CA ALA A 137 4.19 -3.13 49.13
C ALA A 137 4.55 -4.44 48.44
N PRO A 138 3.58 -5.15 47.86
CA PRO A 138 3.92 -6.38 47.14
C PRO A 138 4.75 -6.10 45.89
N ARG A 139 5.75 -6.95 45.67
CA ARG A 139 6.63 -6.86 44.51
C ARG A 139 6.02 -7.66 43.38
N VAL A 140 5.49 -6.96 42.37
CA VAL A 140 4.70 -7.58 41.32
C VAL A 140 5.36 -7.29 39.97
N ILE A 141 5.46 -8.32 39.13
CA ILE A 141 5.90 -8.22 37.74
C ILE A 141 4.84 -8.88 36.89
N ARG A 142 4.51 -8.26 35.76
CA ARG A 142 3.62 -8.88 34.80
C ARG A 142 4.44 -9.35 33.61
N CYS A 143 4.24 -10.59 33.19
CA CYS A 143 4.94 -11.01 31.99
C CYS A 143 3.99 -11.62 30.97
N MET A 144 4.44 -11.61 29.73
CA MET A 144 3.71 -12.28 28.65
C MET A 144 4.76 -13.11 27.94
N THR A 145 4.61 -14.43 28.00
CA THR A 145 5.60 -15.30 27.37
C THR A 145 4.83 -16.27 26.50
N ASN A 146 5.49 -17.30 25.97
CA ASN A 146 4.79 -18.16 25.05
C ASN A 146 5.38 -19.57 25.17
N THR A 147 4.66 -20.53 24.56
CA THR A 147 5.03 -21.93 24.72
CA THR A 147 5.04 -21.92 24.77
C THR A 147 6.44 -22.29 24.25
N PRO A 148 7.03 -21.64 23.20
CA PRO A 148 8.38 -22.05 22.78
C PRO A 148 9.48 -21.84 23.81
N VAL A 149 9.19 -21.28 25.00
CA VAL A 149 10.19 -21.38 26.07
C VAL A 149 10.55 -22.83 26.34
N VAL A 150 9.66 -23.78 25.99
CA VAL A 150 9.95 -25.19 26.22
C VAL A 150 11.15 -25.67 25.40
N VAL A 151 11.47 -25.01 24.29
CA VAL A 151 12.68 -25.30 23.52
C VAL A 151 13.67 -24.14 23.59
N ARG A 152 13.52 -23.28 24.62
CA ARG A 152 14.40 -22.14 24.88
C ARG A 152 14.43 -21.16 23.73
N GLU A 153 13.30 -21.02 23.02
CA GLU A 153 13.16 -20.02 21.96
C GLU A 153 11.89 -19.25 22.14
N GLY A 154 11.57 -18.93 23.41
CA GLY A 154 10.40 -18.12 23.72
C GLY A 154 10.60 -16.68 23.35
N ALA A 155 9.50 -15.94 23.42
CA ALA A 155 9.47 -14.49 23.28
C ALA A 155 8.75 -13.98 24.50
N THR A 156 9.45 -13.23 25.33
CA THR A 156 8.90 -12.78 26.60
C THR A 156 9.04 -11.28 26.74
N VAL A 157 7.98 -10.62 27.22
CA VAL A 157 8.10 -9.25 27.67
C VAL A 157 7.65 -9.17 29.12
N TYR A 158 8.12 -8.15 29.83
CA TYR A 158 7.66 -7.99 31.20
C TYR A 158 7.58 -6.51 31.52
N ALA A 159 6.72 -6.20 32.49
CA ALA A 159 6.65 -4.86 33.06
C ALA A 159 6.74 -4.98 34.58
N THR A 160 7.46 -4.04 35.20
CA THR A 160 7.65 -4.06 36.65
C THR A 160 6.60 -3.21 37.34
N GLY A 161 6.14 -3.68 38.50
CA GLY A 161 5.11 -2.99 39.27
C GLY A 161 5.64 -1.83 40.12
N THR A 162 4.70 -1.26 40.88
CA THR A 162 4.96 -0.05 41.68
C THR A 162 6.05 -0.29 42.70
N HIS A 163 6.06 -1.46 43.33
CA HIS A 163 6.97 -1.71 44.46
C HIS A 163 8.08 -2.67 44.09
N ALA A 164 8.17 -3.04 42.82
CA ALA A 164 9.28 -3.86 42.35
C ALA A 164 10.58 -3.11 42.56
N GLN A 165 11.55 -3.78 43.16
CA GLN A 165 12.88 -3.20 43.28
C GLN A 165 13.57 -3.21 41.92
N VAL A 166 14.55 -2.31 41.73
CA VAL A 166 15.18 -2.24 40.40
C VAL A 166 15.87 -3.56 40.08
N GLU A 167 16.41 -4.24 41.10
CA GLU A 167 17.02 -5.54 40.86
C GLU A 167 16.00 -6.65 40.56
N ASP A 168 14.71 -6.43 40.84
CA ASP A 168 13.71 -7.44 40.54
C ASP A 168 13.52 -7.59 39.03
N GLY A 169 13.46 -6.45 38.32
CA GLY A 169 13.34 -6.50 36.88
C GLY A 169 14.55 -7.13 36.24
N ARG A 170 15.74 -6.82 36.77
CA ARG A 170 16.99 -7.39 36.29
C ARG A 170 17.01 -8.91 36.45
N LEU A 171 16.57 -9.39 37.62
CA LEU A 171 16.50 -10.82 37.88
C LEU A 171 15.54 -11.51 36.91
N MET A 172 14.35 -10.93 36.73
CA MET A 172 13.37 -11.45 35.80
CA MET A 172 13.42 -11.57 35.83
C MET A 172 13.95 -11.59 34.40
N GLU A 173 14.66 -10.55 33.97
CA GLU A 173 15.20 -10.56 32.61
C GLU A 173 16.29 -11.61 32.47
N GLN A 174 17.12 -11.79 33.50
CA GLN A 174 18.13 -12.83 33.44
C GLN A 174 17.49 -14.21 33.37
N LEU A 175 16.47 -14.44 34.19
CA LEU A 175 15.79 -15.73 34.19
C LEU A 175 15.08 -16.01 32.87
N LEU A 176 14.29 -15.05 32.37
CA LEU A 176 13.53 -15.34 31.17
C LEU A 176 14.38 -15.29 29.89
N SER A 177 15.52 -14.60 29.91
CA SER A 177 16.43 -14.64 28.75
C SER A 177 17.08 -16.01 28.59
N SER A 178 17.10 -16.83 29.65
CA SER A 178 17.68 -18.15 29.48
C SER A 178 16.80 -19.07 28.63
N VAL A 179 15.55 -18.69 28.39
CA VAL A 179 14.63 -19.51 27.62
C VAL A 179 14.12 -18.81 26.37
N GLY A 180 14.75 -17.73 25.95
CA GLY A 180 14.34 -17.06 24.73
C GLY A 180 14.66 -15.58 24.77
N PHE A 181 14.05 -14.85 23.84
CA PHE A 181 14.13 -13.39 23.84
C PHE A 181 13.35 -12.85 25.03
N CYS A 182 13.91 -11.83 25.70
CA CYS A 182 13.20 -11.17 26.79
C CYS A 182 13.53 -9.68 26.81
N THR A 183 12.51 -8.84 26.96
CA THR A 183 12.77 -7.41 27.09
C THR A 183 11.69 -6.77 27.96
N GLU A 184 12.06 -5.67 28.63
CA GLU A 184 11.11 -4.90 29.41
C GLU A 184 10.26 -4.04 28.47
N VAL A 185 8.98 -3.90 28.78
CA VAL A 185 8.10 -3.00 28.06
C VAL A 185 7.25 -2.23 29.05
N GLU A 186 6.75 -1.10 28.58
CA GLU A 186 5.67 -0.44 29.29
C GLU A 186 4.47 -1.37 29.33
N GLU A 187 3.76 -1.37 30.46
CA GLU A 187 2.68 -2.34 30.63
C GLU A 187 1.58 -2.14 29.59
N ASP A 188 1.37 -0.93 29.12
CA ASP A 188 0.27 -0.77 28.17
C ASP A 188 0.54 -1.37 26.79
N LEU A 189 1.72 -1.96 26.56
CA LEU A 189 1.99 -2.70 25.31
C LEU A 189 1.70 -4.19 25.46
N ILE A 190 1.42 -4.68 26.66
CA ILE A 190 1.42 -6.13 26.82
C ILE A 190 0.22 -6.81 26.14
N ASP A 191 -0.96 -6.17 26.11
CA ASP A 191 -2.06 -6.79 25.37
C ASP A 191 -1.72 -6.95 23.89
N ALA A 192 -1.04 -5.97 23.29
CA ALA A 192 -0.63 -6.09 21.89
C ALA A 192 0.43 -7.19 21.72
N VAL A 193 1.37 -7.28 22.65
CA VAL A 193 2.34 -8.37 22.59
C VAL A 193 1.64 -9.71 22.64
N THR A 194 0.63 -9.84 23.50
CA THR A 194 -0.13 -11.10 23.55
C THR A 194 -0.71 -11.47 22.18
N GLY A 195 -1.25 -10.47 21.48
CA GLY A 195 -1.82 -10.77 20.16
C GLY A 195 -0.78 -11.18 19.14
N LEU A 196 0.48 -10.78 19.34
CA LEU A 196 1.54 -11.05 18.37
C LEU A 196 2.35 -12.27 18.78
N SER A 197 3.16 -12.20 19.84
CA SER A 197 3.99 -13.35 20.18
C SER A 197 3.35 -14.31 21.19
N GLY A 198 2.36 -13.87 21.96
CA GLY A 198 1.73 -14.82 22.86
C GLY A 198 0.90 -15.84 22.09
N SER A 199 0.00 -15.34 21.23
CA SER A 199 -0.83 -16.18 20.36
C SER A 199 -0.06 -16.63 19.11
N GLY A 200 1.04 -15.95 18.76
CA GLY A 200 1.72 -16.20 17.51
C GLY A 200 2.06 -17.64 17.20
N PRO A 201 2.55 -18.42 18.17
CA PRO A 201 2.87 -19.83 17.85
C PRO A 201 1.68 -20.58 17.28
N ALA A 202 0.46 -20.30 17.74
CA ALA A 202 -0.70 -20.97 17.17
C ALA A 202 -0.92 -20.58 15.73
N TYR A 203 -0.61 -19.32 15.36
CA TYR A 203 -0.74 -18.97 13.94
C TYR A 203 0.25 -19.77 13.11
N ALA A 204 1.46 -19.94 13.66
CA ALA A 204 2.48 -20.73 12.98
C ALA A 204 2.09 -22.20 12.91
N PHE A 205 1.53 -22.79 13.98
CA PHE A 205 1.14 -24.19 13.91
C PHE A 205 0.06 -24.41 12.85
N THR A 206 -0.90 -23.49 12.77
CA THR A 206 -1.91 -23.53 11.72
C THR A 206 -1.28 -23.45 10.34
N ALA A 207 -0.39 -22.48 10.16
CA ALA A 207 0.28 -22.28 8.88
C ALA A 207 1.06 -23.52 8.48
N LEU A 208 1.75 -24.15 9.44
CA LEU A 208 2.55 -25.33 9.13
C LEU A 208 1.69 -26.52 8.75
N ASP A 209 0.55 -26.70 9.45
CA ASP A 209 -0.40 -27.74 9.08
C ASP A 209 -0.90 -27.54 7.64
N ALA A 210 -1.20 -26.30 7.28
CA ALA A 210 -1.73 -26.01 5.95
C ALA A 210 -0.67 -26.16 4.87
N LEU A 211 0.54 -25.66 5.15
CA LEU A 211 1.65 -25.83 4.19
C LEU A 211 1.94 -27.31 3.97
N ALA A 212 1.87 -28.11 5.04
CA ALA A 212 2.07 -29.55 4.87
C ALA A 212 0.96 -30.17 4.02
N ASP A 213 -0.30 -29.76 4.22
CA ASP A 213 -1.40 -30.19 3.35
C ASP A 213 -1.13 -29.83 1.90
N GLY A 214 -0.62 -28.61 1.65
CA GLY A 214 -0.25 -28.23 0.29
C GLY A 214 0.84 -29.12 -0.30
N GLY A 215 1.85 -29.46 0.52
CA GLY A 215 2.87 -30.40 0.07
C GLY A 215 2.28 -31.76 -0.25
N VAL A 216 1.38 -32.24 0.62
CA VAL A 216 0.71 -33.54 0.37
C VAL A 216 -0.13 -33.47 -0.88
N LYS A 217 -0.85 -32.35 -1.10
CA LYS A 217 -1.62 -32.23 -2.34
C LYS A 217 -0.74 -32.39 -3.58
N MET A 218 0.48 -31.86 -3.53
CA MET A 218 1.37 -31.90 -4.69
C MET A 218 2.24 -33.16 -4.73
N GLY A 219 1.99 -34.12 -3.83
CA GLY A 219 2.59 -35.45 -3.95
C GLY A 219 3.62 -35.80 -2.88
N LEU A 220 3.86 -34.93 -1.88
CA LEU A 220 4.84 -35.28 -0.86
C LEU A 220 4.22 -36.15 0.24
N PRO A 221 4.98 -37.08 0.81
CA PRO A 221 4.53 -37.74 2.03
C PRO A 221 4.35 -36.71 3.14
N ARG A 222 3.38 -36.99 4.01
CA ARG A 222 3.02 -36.04 5.07
CA ARG A 222 3.03 -36.00 5.05
C ARG A 222 4.20 -35.70 5.98
N ARG A 223 4.94 -36.73 6.43
CA ARG A 223 6.01 -36.47 7.39
C ARG A 223 7.10 -35.60 6.77
N LEU A 224 7.44 -35.85 5.50
CA LEU A 224 8.43 -35.00 4.82
C LEU A 224 7.90 -33.57 4.64
N ALA A 225 6.64 -33.43 4.24
CA ALA A 225 6.06 -32.10 4.08
C ALA A 225 6.09 -31.30 5.39
N VAL A 226 5.75 -31.93 6.53
CA VAL A 226 5.79 -31.20 7.82
C VAL A 226 7.21 -30.75 8.11
N ARG A 227 8.19 -31.66 7.95
CA ARG A 227 9.59 -31.34 8.21
C ARG A 227 10.07 -30.19 7.35
N LEU A 228 9.82 -30.27 6.03
CA LEU A 228 10.29 -29.21 5.13
C LEU A 228 9.62 -27.87 5.43
N GLY A 229 8.31 -27.87 5.67
CA GLY A 229 7.62 -26.62 5.95
C GLY A 229 8.13 -25.97 7.24
N ALA A 230 8.30 -26.77 8.29
CA ALA A 230 8.81 -26.23 9.55
C ALA A 230 10.25 -25.74 9.40
N GLN A 231 11.08 -26.47 8.65
CA GLN A 231 12.45 -25.99 8.45
C GLN A 231 12.47 -24.69 7.66
N ALA A 232 11.56 -24.57 6.65
CA ALA A 232 11.47 -23.33 5.88
C ALA A 232 11.12 -22.15 6.77
N LEU A 233 10.14 -22.34 7.66
CA LEU A 233 9.70 -21.30 8.58
CA LEU A 233 9.73 -21.25 8.53
C LEU A 233 10.81 -20.93 9.55
N LEU A 234 11.45 -21.95 10.14
CA LEU A 234 12.54 -21.70 11.08
C LEU A 234 13.66 -20.93 10.43
N GLY A 235 14.09 -21.38 9.24
CA GLY A 235 15.21 -20.73 8.59
C GLY A 235 14.89 -19.29 8.19
N ALA A 236 13.69 -19.05 7.68
CA ALA A 236 13.33 -17.67 7.31
C ALA A 236 13.28 -16.77 8.53
N ALA A 237 12.71 -17.26 9.63
CA ALA A 237 12.69 -16.46 10.86
C ALA A 237 14.10 -16.17 11.35
N LYS A 238 14.99 -17.17 11.31
CA LYS A 238 16.35 -16.92 11.73
C LYS A 238 17.02 -15.90 10.82
N MET A 239 16.81 -15.98 9.50
CA MET A 239 17.38 -14.98 8.61
C MET A 239 16.96 -13.56 9.00
N LEU A 240 15.67 -13.37 9.29
CA LEU A 240 15.21 -12.02 9.62
C LEU A 240 15.79 -11.54 10.94
N LEU A 241 15.90 -12.45 11.92
CA LEU A 241 16.46 -12.03 13.21
C LEU A 241 17.92 -11.63 13.11
N HIS A 242 18.64 -12.18 12.15
CA HIS A 242 20.05 -11.91 11.95
C HIS A 242 20.32 -10.88 10.85
N SER A 243 19.29 -10.34 10.23
CA SER A 243 19.43 -9.42 9.10
C SER A 243 19.17 -7.99 9.55
N GLU A 244 19.85 -7.05 8.92
CA GLU A 244 19.45 -5.64 9.04
C GLU A 244 18.45 -5.24 7.96
N GLN A 245 18.08 -6.16 7.08
CA GLN A 245 17.24 -5.84 5.93
C GLN A 245 15.77 -5.98 6.27
N HIS A 246 14.96 -5.23 5.55
CA HIS A 246 13.51 -5.30 5.69
C HIS A 246 13.01 -6.68 5.24
N PRO A 247 11.95 -7.22 5.86
CA PRO A 247 11.43 -8.51 5.40
C PRO A 247 11.02 -8.48 3.92
N GLY A 248 10.58 -7.33 3.41
CA GLY A 248 10.28 -7.23 1.99
C GLY A 248 11.51 -7.41 1.11
N GLN A 249 12.68 -6.95 1.58
CA GLN A 249 13.90 -7.18 0.80
C GLN A 249 14.30 -8.66 0.80
N LEU A 250 14.16 -9.33 1.95
CA LEU A 250 14.46 -10.76 1.98
C LEU A 250 13.47 -11.51 1.10
N LYS A 251 12.21 -11.08 1.09
CA LYS A 251 11.23 -11.67 0.18
C LYS A 251 11.64 -11.48 -1.27
N ASP A 252 12.03 -10.26 -1.62
CA ASP A 252 12.50 -10.01 -2.99
C ASP A 252 13.64 -10.96 -3.38
N ASN A 253 14.53 -11.30 -2.44
CA ASN A 253 15.70 -12.13 -2.75
C ASN A 253 15.33 -13.58 -3.09
N VAL A 254 14.16 -14.05 -2.67
CA VAL A 254 13.72 -15.42 -2.93
C VAL A 254 13.21 -15.56 -4.38
N SER A 255 12.61 -14.52 -4.94
CA SER A 255 11.84 -14.67 -6.18
C SER A 255 12.70 -14.42 -7.42
N SER A 256 12.82 -15.41 -8.25
CA SER A 256 13.35 -15.00 -9.54
C SER A 256 12.21 -14.43 -10.42
N PRO A 257 12.54 -13.50 -11.32
CA PRO A 257 11.48 -12.93 -12.16
C PRO A 257 10.78 -14.00 -12.99
N GLY A 258 9.45 -13.92 -13.02
CA GLY A 258 8.63 -14.88 -13.74
C GLY A 258 8.53 -16.25 -13.10
N GLY A 259 9.11 -16.44 -11.92
CA GLY A 259 9.38 -17.75 -11.37
C GLY A 259 8.30 -18.31 -10.46
N ALA A 260 8.66 -19.41 -9.82
CA ALA A 260 7.69 -20.15 -8.99
C ALA A 260 7.24 -19.37 -7.78
N THR A 261 8.18 -18.73 -7.09
CA THR A 261 7.84 -18.06 -5.84
C THR A 261 6.93 -16.87 -6.07
N ILE A 262 7.21 -16.05 -7.09
CA ILE A 262 6.37 -14.87 -7.30
C ILE A 262 4.96 -15.27 -7.75
N HIS A 263 4.83 -16.39 -8.48
CA HIS A 263 3.48 -16.89 -8.77
C HIS A 263 2.74 -17.26 -7.48
N ALA A 264 3.43 -17.92 -6.53
CA ALA A 264 2.78 -18.26 -5.27
C ALA A 264 2.47 -17.02 -4.42
N LEU A 265 3.35 -16.02 -4.44
CA LEU A 265 3.07 -14.80 -3.66
C LEU A 265 1.83 -14.11 -4.19
N HIS A 266 1.59 -14.16 -5.50
CA HIS A 266 0.39 -13.54 -6.05
C HIS A 266 -0.87 -14.19 -5.46
N VAL A 267 -0.91 -15.52 -5.40
CA VAL A 267 -2.16 -16.11 -4.92
C VAL A 267 -2.33 -15.84 -3.41
N LEU A 268 -1.25 -15.72 -2.64
CA LEU A 268 -1.39 -15.24 -1.24
C LEU A 268 -2.01 -13.85 -1.21
N GLU A 269 -1.48 -12.93 -2.02
CA GLU A 269 -2.00 -11.57 -2.05
C GLU A 269 -3.47 -11.55 -2.48
N SER A 270 -3.84 -12.37 -3.47
CA SER A 270 -5.22 -12.33 -3.95
C SER A 270 -6.21 -12.73 -2.87
N GLY A 271 -5.76 -13.53 -1.91
CA GLY A 271 -6.65 -13.90 -0.80
C GLY A 271 -6.56 -12.97 0.40
N GLY A 272 -5.80 -11.90 0.29
CA GLY A 272 -5.65 -10.97 1.43
C GLY A 272 -4.91 -11.58 2.60
N PHE A 273 -3.95 -12.45 2.33
CA PHE A 273 -3.14 -13.13 3.35
C PHE A 273 -2.62 -12.16 4.43
N ARG A 274 -2.05 -11.02 4.00
CA ARG A 274 -1.50 -10.06 4.96
C ARG A 274 -2.60 -9.57 5.91
N SER A 275 -3.75 -9.25 5.35
CA SER A 275 -4.83 -8.72 6.17
C SER A 275 -5.32 -9.75 7.19
N LEU A 276 -5.28 -11.05 6.87
CA LEU A 276 -5.73 -12.05 7.84
C LEU A 276 -4.83 -12.04 9.07
N LEU A 277 -3.51 -11.92 8.86
CA LEU A 277 -2.58 -11.93 9.96
C LEU A 277 -2.71 -10.63 10.78
N ILE A 278 -2.97 -9.49 10.13
CA ILE A 278 -3.27 -8.29 10.90
C ILE A 278 -4.54 -8.50 11.72
N ASN A 279 -5.57 -9.07 11.08
CA ASN A 279 -6.84 -9.35 11.78
C ASN A 279 -6.60 -10.20 13.02
N ALA A 280 -5.70 -11.19 12.91
CA ALA A 280 -5.43 -12.12 14.01
C ALA A 280 -4.79 -11.39 15.20
N VAL A 281 -3.72 -10.64 14.94
CA VAL A 281 -3.07 -9.89 16.04
C VAL A 281 -4.09 -8.97 16.71
N GLU A 282 -4.88 -8.27 15.89
CA GLU A 282 -5.89 -7.36 16.42
C GLU A 282 -6.91 -8.11 17.27
N ALA A 283 -7.43 -9.22 16.76
CA ALA A 283 -8.48 -9.96 17.48
C ALA A 283 -7.97 -10.49 18.81
N SER A 284 -6.74 -11.02 18.82
CA SER A 284 -6.20 -11.54 20.08
C SER A 284 -5.96 -10.40 21.08
N CYS A 285 -5.40 -9.28 20.61
CA CYS A 285 -5.18 -8.12 21.47
C CYS A 285 -6.49 -7.60 22.06
N ILE A 286 -7.53 -7.47 21.22
CA ILE A 286 -8.80 -6.96 21.71
C ILE A 286 -9.43 -7.93 22.72
N ARG A 287 -9.37 -9.23 22.44
CA ARG A 287 -9.91 -10.18 23.40
C ARG A 287 -9.15 -10.12 24.73
N THR A 288 -7.82 -9.94 24.68
CA THR A 288 -7.04 -9.85 25.92
C THR A 288 -7.52 -8.71 26.80
N ARG A 289 -7.87 -7.57 26.20
CA ARG A 289 -8.40 -6.45 26.96
C ARG A 289 -9.71 -6.82 27.64
N GLU A 290 -10.50 -7.70 27.01
CA GLU A 290 -11.75 -8.17 27.62
C GLU A 290 -11.54 -9.18 28.74
N LEU A 291 -10.37 -9.81 28.81
CA LEU A 291 -10.14 -10.84 29.81
C LEU A 291 -9.87 -10.30 31.22
N GLN A 292 -9.59 -9.01 31.39
CA GLN A 292 -9.33 -8.49 32.74
C GLN A 292 -10.49 -8.82 33.66
N SER A 293 -10.18 -9.48 34.78
CA SER A 293 -11.17 -10.01 35.70
C SER A 293 -11.36 -9.16 36.93
N MET A 294 -10.39 -8.31 37.27
CA MET A 294 -10.42 -7.52 38.49
C MET A 294 -10.44 -6.04 38.15
N ALA A 295 -10.84 -5.24 39.14
CA ALA A 295 -10.83 -3.79 38.98
C ALA A 295 -9.40 -3.27 39.01
N ASP A 296 -9.10 -2.36 38.09
CA ASP A 296 -7.76 -1.79 38.03
C ASP A 296 -7.45 -0.97 39.28
N LEU B 19 32.55 -40.27 7.72
CA LEU B 19 32.48 -39.01 6.99
C LEU B 19 33.48 -39.00 5.84
N TYR B 20 33.55 -37.88 5.11
CA TYR B 20 34.34 -37.79 3.89
C TYR B 20 35.28 -36.60 3.98
N PHE B 21 36.56 -36.85 3.68
CA PHE B 21 37.60 -35.85 3.66
C PHE B 21 37.57 -35.10 2.33
N GLN B 22 37.72 -33.77 2.38
CA GLN B 22 37.47 -32.93 1.22
C GLN B 22 38.76 -32.30 0.76
N SER B 23 39.07 -31.05 1.17
CA SER B 23 40.12 -30.23 0.53
C SER B 23 39.83 -30.09 -0.96
N MET B 24 38.55 -30.06 -1.31
CA MET B 24 38.03 -30.09 -2.67
C MET B 24 37.62 -28.69 -3.10
N SER B 25 37.55 -28.50 -4.42
CA SER B 25 37.22 -27.21 -4.99
C SER B 25 35.76 -27.20 -5.42
N VAL B 26 35.08 -26.09 -5.15
CA VAL B 26 33.67 -25.93 -5.47
C VAL B 26 33.53 -24.73 -6.41
N GLY B 27 32.72 -24.90 -7.44
CA GLY B 27 32.44 -23.83 -8.37
C GLY B 27 30.96 -23.55 -8.43
N PHE B 28 30.62 -22.28 -8.64
CA PHE B 28 29.26 -21.85 -8.89
C PHE B 28 29.23 -21.20 -10.27
N ILE B 29 28.44 -21.76 -11.17
N ILE B 29 28.44 -21.76 -11.17
CA ILE B 29 28.04 -21.06 -12.39
C ILE B 29 26.80 -20.27 -12.03
N GLY B 30 26.95 -18.96 -11.96
CA GLY B 30 25.96 -18.09 -11.36
C GLY B 30 26.56 -17.54 -10.07
N ALA B 31 26.37 -16.24 -9.87
CA ALA B 31 26.85 -15.57 -8.66
C ALA B 31 25.74 -14.72 -8.09
N GLY B 32 24.51 -15.26 -8.11
CA GLY B 32 23.33 -14.59 -7.58
C GLY B 32 23.05 -14.97 -6.15
N GLN B 33 21.77 -14.82 -5.77
CA GLN B 33 21.35 -14.99 -4.38
C GLN B 33 21.71 -16.38 -3.87
N LEU B 34 21.47 -17.43 -4.66
CA LEU B 34 21.66 -18.77 -4.09
C LEU B 34 23.13 -19.12 -3.99
N ALA B 35 23.93 -18.75 -4.99
CA ALA B 35 25.37 -18.95 -4.91
C ALA B 35 25.94 -18.22 -3.70
N PHE B 36 25.52 -16.98 -3.49
CA PHE B 36 25.98 -16.26 -2.31
C PHE B 36 25.54 -16.98 -1.05
N ALA B 37 24.27 -17.40 -1.00
CA ALA B 37 23.75 -18.01 0.22
C ALA B 37 24.51 -19.29 0.54
N LEU B 38 24.75 -20.13 -0.48
CA LEU B 38 25.46 -21.40 -0.26
C LEU B 38 26.92 -21.15 0.10
N ALA B 39 27.58 -20.24 -0.61
CA ALA B 39 28.98 -19.94 -0.28
C ALA B 39 29.09 -19.42 1.14
N LYS B 40 28.20 -18.50 1.54
CA LYS B 40 28.24 -17.96 2.89
C LYS B 40 27.99 -19.07 3.91
N GLY B 41 26.97 -19.91 3.66
CA GLY B 41 26.69 -21.00 4.58
C GLY B 41 27.85 -21.97 4.70
N PHE B 42 28.42 -22.40 3.56
CA PHE B 42 29.52 -23.37 3.58
C PHE B 42 30.72 -22.82 4.34
N THR B 43 31.09 -21.56 4.07
CA THR B 43 32.25 -20.99 4.75
C THR B 43 31.97 -20.80 6.24
N ALA B 44 30.74 -20.40 6.60
CA ALA B 44 30.42 -20.25 8.02
C ALA B 44 30.42 -21.59 8.74
N ALA B 45 30.03 -22.66 8.05
CA ALA B 45 30.07 -24.00 8.61
C ALA B 45 31.50 -24.50 8.82
N GLY B 46 32.49 -23.84 8.22
CA GLY B 46 33.86 -24.30 8.27
C GLY B 46 34.17 -25.49 7.37
N VAL B 47 33.27 -25.88 6.49
CA VAL B 47 33.52 -27.04 5.64
C VAL B 47 34.26 -26.68 4.35
N LEU B 48 34.27 -25.41 3.95
CA LEU B 48 34.97 -24.96 2.77
C LEU B 48 35.64 -23.62 3.10
N ALA B 49 36.89 -23.48 2.68
CA ALA B 49 37.57 -22.19 2.67
C ALA B 49 37.12 -21.38 1.46
N ALA B 50 36.95 -20.08 1.66
CA ALA B 50 36.44 -19.21 0.60
C ALA B 50 37.32 -19.24 -0.65
N HIS B 51 38.65 -19.36 -0.51
CA HIS B 51 39.54 -19.37 -1.66
C HIS B 51 39.45 -20.65 -2.48
N LYS B 52 38.83 -21.70 -1.94
CA LYS B 52 38.53 -22.91 -2.69
C LYS B 52 37.24 -22.80 -3.47
N ILE B 53 36.62 -21.63 -3.48
CA ILE B 53 35.36 -21.40 -4.16
C ILE B 53 35.60 -20.41 -5.29
N MET B 54 35.08 -20.73 -6.47
CA MET B 54 35.08 -19.83 -7.59
C MET B 54 33.66 -19.70 -8.10
N ALA B 55 33.29 -18.49 -8.49
CA ALA B 55 31.98 -18.25 -9.04
C ALA B 55 32.12 -17.41 -10.31
N SER B 56 31.28 -17.69 -11.29
CA SER B 56 31.29 -16.92 -12.52
C SER B 56 29.94 -16.28 -12.73
N SER B 57 29.96 -15.10 -13.35
CA SER B 57 28.74 -14.36 -13.63
C SER B 57 28.98 -13.45 -14.82
N PRO B 58 28.00 -13.30 -15.72
CA PRO B 58 28.13 -12.31 -16.81
C PRO B 58 27.95 -10.87 -16.36
N ASP B 59 27.70 -10.62 -15.07
CA ASP B 59 27.34 -9.29 -14.58
C ASP B 59 28.02 -9.11 -13.22
N MET B 60 29.16 -8.41 -13.21
CA MET B 60 29.87 -8.19 -11.96
C MET B 60 29.44 -6.92 -11.26
N ASP B 61 28.21 -6.47 -11.49
CA ASP B 61 27.63 -5.33 -10.81
C ASP B 61 26.66 -5.74 -9.72
N LEU B 62 26.35 -7.04 -9.62
CA LEU B 62 25.42 -7.54 -8.61
C LEU B 62 25.97 -7.34 -7.20
N ALA B 63 25.08 -7.04 -6.26
CA ALA B 63 25.50 -6.95 -4.87
C ALA B 63 25.95 -8.29 -4.33
N THR B 64 25.43 -9.39 -4.88
CA THR B 64 25.90 -10.71 -4.47
C THR B 64 27.35 -10.92 -4.90
N VAL B 65 27.71 -10.37 -6.06
CA VAL B 65 29.07 -10.50 -6.55
C VAL B 65 30.02 -9.73 -5.64
N SER B 66 29.64 -8.52 -5.24
CA SER B 66 30.50 -7.74 -4.35
C SER B 66 30.64 -8.40 -2.97
N ALA B 67 29.56 -9.03 -2.48
CA ALA B 67 29.64 -9.70 -1.19
C ALA B 67 30.51 -10.94 -1.26
N LEU B 68 30.43 -11.69 -2.38
CA LEU B 68 31.30 -12.85 -2.56
C LEU B 68 32.77 -12.45 -2.56
N ARG B 69 33.11 -11.31 -3.20
CA ARG B 69 34.50 -10.85 -3.21
C ARG B 69 35.03 -10.60 -1.81
N LYS B 70 34.24 -9.91 -0.98
CA LYS B 70 34.67 -9.60 0.38
C LYS B 70 34.90 -10.86 1.21
N MET B 71 34.10 -11.91 0.97
CA MET B 71 34.32 -13.21 1.60
C MET B 71 35.65 -13.82 1.20
N GLY B 72 36.21 -13.43 0.07
CA GLY B 72 37.39 -14.07 -0.46
C GLY B 72 37.13 -15.11 -1.53
N VAL B 73 35.89 -15.18 -2.04
CA VAL B 73 35.58 -16.09 -3.14
C VAL B 73 36.20 -15.55 -4.42
N LYS B 74 36.74 -16.45 -5.25
CA LYS B 74 37.30 -16.02 -6.52
C LYS B 74 36.20 -15.79 -7.53
N LEU B 75 36.26 -14.69 -8.25
CA LEU B 75 35.25 -14.38 -9.25
C LEU B 75 35.89 -14.28 -10.63
N THR B 76 35.15 -14.74 -11.64
CA THR B 76 35.62 -14.71 -13.01
C THR B 76 34.42 -14.51 -13.93
N PRO B 77 34.59 -13.80 -15.05
CA PRO B 77 33.53 -13.76 -16.05
C PRO B 77 33.42 -15.02 -16.87
N HIS B 78 34.39 -15.93 -16.78
CA HIS B 78 34.49 -17.06 -17.70
C HIS B 78 33.98 -18.33 -17.04
N ASN B 79 32.85 -18.85 -17.54
CA ASN B 79 32.31 -20.09 -16.99
C ASN B 79 33.30 -21.25 -17.15
N LYS B 80 34.10 -21.24 -18.23
CA LYS B 80 35.07 -22.31 -18.42
C LYS B 80 36.13 -22.33 -17.32
N GLU B 81 36.52 -21.15 -16.81
CA GLU B 81 37.47 -21.12 -15.70
C GLU B 81 36.88 -21.75 -14.44
N THR B 82 35.59 -21.49 -14.18
CA THR B 82 34.95 -22.13 -13.03
C THR B 82 34.98 -23.64 -13.15
N VAL B 83 34.69 -24.16 -14.34
CA VAL B 83 34.73 -25.60 -14.55
C VAL B 83 36.14 -26.14 -14.32
N GLN B 84 37.14 -25.47 -14.90
CA GLN B 84 38.52 -25.93 -14.77
C GLN B 84 39.00 -25.89 -13.33
N HIS B 85 38.48 -24.95 -12.54
CA HIS B 85 38.83 -24.81 -11.12
C HIS B 85 38.16 -25.87 -10.24
N SER B 86 37.01 -26.39 -10.64
CA SER B 86 36.08 -27.05 -9.73
C SER B 86 36.10 -28.56 -9.83
N ASP B 87 35.78 -29.20 -8.70
CA ASP B 87 35.40 -30.60 -8.60
C ASP B 87 33.90 -30.78 -8.54
N VAL B 88 33.27 -30.10 -7.59
CA VAL B 88 31.83 -30.03 -7.48
C VAL B 88 31.40 -28.72 -8.15
N LEU B 89 30.52 -28.82 -9.13
CA LEU B 89 30.10 -27.68 -9.95
C LEU B 89 28.61 -27.47 -9.73
N PHE B 90 28.24 -26.41 -9.02
CA PHE B 90 26.85 -26.04 -8.82
C PHE B 90 26.41 -25.19 -10.01
N LEU B 91 25.27 -25.54 -10.61
CA LEU B 91 24.65 -24.69 -11.62
C LEU B 91 23.60 -23.85 -10.89
N ALA B 92 23.97 -22.62 -10.57
CA ALA B 92 23.11 -21.75 -9.77
C ALA B 92 22.61 -20.61 -10.64
N VAL B 93 22.11 -20.96 -11.83
CA VAL B 93 21.55 -19.99 -12.76
C VAL B 93 20.07 -20.27 -12.92
N LYS B 94 19.38 -19.32 -13.57
CA LYS B 94 17.97 -19.51 -13.84
C LYS B 94 17.76 -20.74 -14.73
N PRO B 95 16.61 -21.41 -14.58
CA PRO B 95 16.31 -22.60 -15.42
C PRO B 95 16.49 -22.37 -16.91
N HIS B 96 16.05 -21.23 -17.46
CA HIS B 96 16.16 -21.07 -18.90
C HIS B 96 17.62 -20.83 -19.33
N ILE B 97 18.51 -20.53 -18.38
CA ILE B 97 19.93 -20.33 -18.65
C ILE B 97 20.69 -21.64 -18.67
N ILE B 98 20.18 -22.66 -17.96
CA ILE B 98 20.86 -23.97 -17.90
C ILE B 98 21.28 -24.50 -19.28
N PRO B 99 20.40 -24.59 -20.28
CA PRO B 99 20.86 -25.18 -21.56
C PRO B 99 22.02 -24.42 -22.17
N PHE B 100 22.05 -23.09 -22.02
CA PHE B 100 23.15 -22.33 -22.58
C PHE B 100 24.46 -22.66 -21.88
N ILE B 101 24.41 -22.79 -20.56
CA ILE B 101 25.61 -23.16 -19.81
C ILE B 101 26.10 -24.52 -20.29
N LEU B 102 25.19 -25.49 -20.39
CA LEU B 102 25.60 -26.84 -20.74
C LEU B 102 26.24 -26.89 -22.11
N ASP B 103 25.70 -26.14 -23.08
CA ASP B 103 26.32 -26.09 -24.40
C ASP B 103 27.70 -25.43 -24.34
N GLU B 104 27.84 -24.41 -23.50
CA GLU B 104 29.09 -23.66 -23.44
C GLU B 104 30.23 -24.47 -22.81
N ILE B 105 29.95 -25.18 -21.72
CA ILE B 105 31.01 -25.84 -20.96
C ILE B 105 30.94 -27.37 -21.05
N GLY B 106 30.04 -27.94 -21.85
CA GLY B 106 29.92 -29.40 -21.92
C GLY B 106 31.24 -30.08 -22.26
N ALA B 107 32.02 -29.50 -23.17
CA ALA B 107 33.28 -30.10 -23.56
C ALA B 107 34.36 -29.97 -22.48
N ASP B 108 34.13 -29.18 -21.44
CA ASP B 108 35.10 -29.01 -20.37
C ASP B 108 34.83 -29.92 -19.18
N ILE B 109 33.71 -30.66 -19.21
CA ILE B 109 33.40 -31.58 -18.12
C ILE B 109 34.34 -32.77 -18.17
N GLU B 110 34.90 -33.11 -17.02
CA GLU B 110 35.86 -34.19 -16.87
C GLU B 110 35.25 -35.27 -15.98
N ASP B 111 35.96 -36.41 -15.93
CA ASP B 111 35.52 -37.53 -15.11
C ASP B 111 35.36 -37.13 -13.64
N ARG B 112 36.20 -36.21 -13.16
CA ARG B 112 36.15 -35.84 -11.75
C ARG B 112 34.92 -35.04 -11.38
N HIS B 113 34.22 -34.45 -12.35
CA HIS B 113 33.18 -33.47 -12.04
C HIS B 113 31.90 -34.13 -11.52
N ILE B 114 31.35 -33.56 -10.46
CA ILE B 114 29.95 -33.77 -10.07
C ILE B 114 29.21 -32.47 -10.40
N VAL B 115 28.23 -32.56 -11.29
CA VAL B 115 27.45 -31.41 -11.71
C VAL B 115 26.16 -31.39 -10.89
N VAL B 116 25.96 -30.32 -10.13
CA VAL B 116 24.83 -30.17 -9.20
C VAL B 116 23.95 -29.05 -9.72
N SER B 117 22.79 -29.41 -10.27
CA SER B 117 21.88 -28.40 -10.77
C SER B 117 20.96 -27.94 -9.65
N CYS B 118 20.88 -26.63 -9.45
CA CYS B 118 19.99 -26.05 -8.47
C CYS B 118 18.77 -25.42 -9.09
N ALA B 119 18.66 -25.42 -10.41
CA ALA B 119 17.58 -24.69 -11.06
C ALA B 119 16.24 -25.38 -10.88
N ALA B 120 15.21 -24.59 -10.62
CA ALA B 120 13.88 -25.13 -10.43
C ALA B 120 13.40 -25.77 -11.74
N GLY B 121 12.79 -26.94 -11.60
CA GLY B 121 12.08 -27.56 -12.68
C GLY B 121 12.93 -28.34 -13.67
N VAL B 122 14.24 -28.14 -13.71
CA VAL B 122 15.07 -28.73 -14.77
C VAL B 122 15.45 -30.16 -14.39
N THR B 123 15.13 -31.12 -15.28
CA THR B 123 15.24 -32.52 -14.93
C THR B 123 16.66 -33.05 -15.12
N ILE B 124 16.98 -34.09 -14.34
CA ILE B 124 18.26 -34.78 -14.50
C ILE B 124 18.42 -35.30 -15.92
N SER B 125 17.36 -35.91 -16.45
CA SER B 125 17.48 -36.51 -17.77
C SER B 125 17.79 -35.47 -18.84
N SER B 126 17.21 -34.26 -18.72
CA SER B 126 17.52 -33.22 -19.70
C SER B 126 18.98 -32.78 -19.62
N ILE B 127 19.52 -32.71 -18.40
CA ILE B 127 20.93 -32.33 -18.23
C ILE B 127 21.84 -33.43 -18.75
N GLU B 128 21.55 -34.68 -18.38
CA GLU B 128 22.37 -35.80 -18.87
C GLU B 128 22.35 -35.89 -20.39
N LYS B 129 21.19 -35.66 -21.00
CA LYS B 129 21.11 -35.76 -22.46
C LYS B 129 22.00 -34.72 -23.11
N LYS B 130 21.96 -33.49 -22.60
CA LYS B 130 22.79 -32.42 -23.15
C LYS B 130 24.27 -32.73 -22.97
N LEU B 131 24.66 -33.16 -21.77
CA LEU B 131 26.08 -33.35 -21.46
C LEU B 131 26.65 -34.61 -22.10
N SER B 132 25.82 -35.64 -22.28
CA SER B 132 26.30 -36.88 -22.88
C SER B 132 26.68 -36.70 -24.34
N ALA B 133 26.26 -35.61 -24.97
CA ALA B 133 26.76 -35.33 -26.31
C ALA B 133 28.28 -35.10 -26.32
N PHE B 134 28.88 -34.80 -25.16
CA PHE B 134 30.31 -34.53 -25.06
C PHE B 134 31.09 -35.67 -24.43
N ARG B 135 30.61 -36.26 -23.34
CA ARG B 135 31.27 -37.33 -22.61
C ARG B 135 30.14 -38.21 -22.07
N PRO B 136 30.30 -39.54 -22.07
CA PRO B 136 29.11 -40.42 -22.00
C PRO B 136 28.42 -40.56 -20.64
N ALA B 137 29.13 -40.43 -19.52
CA ALA B 137 28.56 -40.73 -18.21
C ALA B 137 28.73 -39.57 -17.24
N PRO B 138 28.11 -38.42 -17.52
CA PRO B 138 28.22 -37.28 -16.60
C PRO B 138 27.57 -37.60 -15.27
N ARG B 139 28.22 -37.18 -14.19
CA ARG B 139 27.71 -37.40 -12.83
C ARG B 139 26.86 -36.19 -12.46
N VAL B 140 25.55 -36.38 -12.39
CA VAL B 140 24.61 -35.27 -12.23
C VAL B 140 23.81 -35.50 -10.97
N ILE B 141 23.66 -34.44 -10.17
CA ILE B 141 22.76 -34.41 -9.02
C ILE B 141 21.86 -33.20 -9.20
N ARG B 142 20.57 -33.37 -8.90
CA ARG B 142 19.63 -32.27 -8.90
C ARG B 142 19.32 -31.92 -7.46
N CYS B 143 19.38 -30.65 -7.10
CA CYS B 143 19.01 -30.30 -5.74
C CYS B 143 17.97 -29.17 -5.71
N MET B 144 17.24 -29.10 -4.60
CA MET B 144 16.35 -27.95 -4.37
C MET B 144 16.69 -27.49 -2.97
N THR B 145 17.18 -26.28 -2.86
CA THR B 145 17.57 -25.76 -1.56
C THR B 145 16.94 -24.39 -1.39
N ASN B 146 17.29 -23.63 -0.36
CA ASN B 146 16.58 -22.37 -0.18
C ASN B 146 17.52 -21.36 0.48
N THR B 147 17.08 -20.11 0.53
CA THR B 147 17.97 -19.05 0.99
CA THR B 147 18.02 -19.07 0.98
C THR B 147 18.46 -19.19 2.43
N PRO B 148 17.70 -19.79 3.36
CA PRO B 148 18.20 -19.88 4.75
C PRO B 148 19.46 -20.72 4.93
N VAL B 149 20.00 -21.36 3.89
CA VAL B 149 21.35 -21.90 4.03
C VAL B 149 22.35 -20.82 4.43
N VAL B 150 22.04 -19.54 4.17
CA VAL B 150 22.93 -18.45 4.55
C VAL B 150 23.10 -18.34 6.06
N VAL B 151 22.13 -18.83 6.85
CA VAL B 151 22.25 -18.92 8.29
C VAL B 151 22.33 -20.36 8.76
N ARG B 152 22.72 -21.26 7.85
CA ARG B 152 22.88 -22.69 8.14
C ARG B 152 21.58 -23.32 8.65
N GLU B 153 20.43 -22.84 8.17
CA GLU B 153 19.15 -23.46 8.50
C GLU B 153 18.33 -23.67 7.25
N GLY B 154 19.00 -24.07 6.18
CA GLY B 154 18.32 -24.37 4.93
C GLY B 154 17.53 -25.66 5.00
N ALA B 155 16.72 -25.86 3.97
CA ALA B 155 16.00 -27.10 3.75
C ALA B 155 16.37 -27.55 2.34
N THR B 156 17.04 -28.69 2.23
CA THR B 156 17.57 -29.13 0.94
C THR B 156 17.13 -30.57 0.67
N VAL B 157 16.70 -30.85 -0.56
CA VAL B 157 16.56 -32.23 -1.00
C VAL B 157 17.41 -32.40 -2.26
N TYR B 158 17.78 -33.64 -2.55
CA TYR B 158 18.54 -33.92 -3.76
C TYR B 158 18.13 -35.28 -4.31
N ALA B 159 18.34 -35.42 -5.61
CA ALA B 159 18.20 -36.71 -6.28
C ALA B 159 19.44 -36.95 -7.12
N THR B 160 19.90 -38.21 -7.13
CA THR B 160 21.12 -38.57 -7.87
C THR B 160 20.76 -39.08 -9.26
N GLY B 161 21.58 -38.72 -10.24
CA GLY B 161 21.39 -39.10 -11.62
C GLY B 161 21.89 -40.51 -11.97
N THR B 162 21.78 -40.81 -13.28
CA THR B 162 22.02 -42.16 -13.77
C THR B 162 23.44 -42.63 -13.46
N HIS B 163 24.41 -41.74 -13.58
CA HIS B 163 25.82 -42.09 -13.51
C HIS B 163 26.50 -41.61 -12.23
N ALA B 164 25.73 -41.13 -11.25
CA ALA B 164 26.32 -40.74 -9.98
C ALA B 164 27.07 -41.92 -9.36
N GLN B 165 28.31 -41.68 -8.94
CA GLN B 165 29.08 -42.74 -8.32
C GLN B 165 28.58 -43.02 -6.91
N VAL B 166 29.05 -44.13 -6.33
CA VAL B 166 28.47 -44.61 -5.08
C VAL B 166 28.53 -43.54 -3.99
N GLU B 167 29.66 -42.84 -3.91
CA GLU B 167 29.93 -41.79 -2.93
C GLU B 167 29.33 -40.43 -3.26
N ASP B 168 28.82 -40.21 -4.48
CA ASP B 168 28.42 -38.86 -4.87
C ASP B 168 27.23 -38.36 -4.05
N GLY B 169 26.22 -39.21 -3.84
CA GLY B 169 25.08 -38.80 -3.02
C GLY B 169 25.48 -38.54 -1.57
N ARG B 170 26.33 -39.41 -1.02
CA ARG B 170 26.80 -39.21 0.34
C ARG B 170 27.59 -37.91 0.48
N LEU B 171 28.46 -37.62 -0.48
CA LEU B 171 29.21 -36.36 -0.44
C LEU B 171 28.27 -35.17 -0.47
N MET B 172 27.29 -35.20 -1.37
CA MET B 172 26.33 -34.12 -1.50
CA MET B 172 26.43 -34.03 -1.44
C MET B 172 25.56 -33.93 -0.20
N GLU B 173 25.17 -35.03 0.42
CA GLU B 173 24.40 -34.91 1.65
C GLU B 173 25.25 -34.39 2.78
N GLN B 174 26.52 -34.80 2.84
CA GLN B 174 27.41 -34.29 3.88
C GLN B 174 27.61 -32.79 3.71
N LEU B 175 27.83 -32.35 2.47
CA LEU B 175 28.03 -30.93 2.21
C LEU B 175 26.78 -30.11 2.53
N LEU B 176 25.63 -30.53 2.01
CA LEU B 176 24.45 -29.71 2.23
C LEU B 176 23.91 -29.82 3.65
N SER B 177 24.20 -30.92 4.37
CA SER B 177 23.77 -30.98 5.77
C SER B 177 24.50 -30.00 6.66
N SER B 178 25.67 -29.50 6.21
CA SER B 178 26.37 -28.53 7.03
C SER B 178 25.66 -27.18 7.06
N VAL B 179 24.69 -26.97 6.16
CA VAL B 179 23.99 -25.70 6.10
C VAL B 179 22.49 -25.85 6.32
N GLY B 180 22.03 -27.00 6.82
CA GLY B 180 20.63 -27.16 7.14
C GLY B 180 20.18 -28.61 7.04
N PHE B 181 18.87 -28.80 7.01
CA PHE B 181 18.30 -30.12 6.77
C PHE B 181 18.60 -30.56 5.33
N CYS B 182 18.98 -31.84 5.16
CA CYS B 182 19.18 -32.38 3.82
C CYS B 182 18.79 -33.85 3.76
N THR B 183 18.04 -34.22 2.72
CA THR B 183 17.72 -35.63 2.57
C THR B 183 17.57 -35.95 1.09
N GLU B 184 17.82 -37.22 0.74
CA GLU B 184 17.61 -37.68 -0.63
C GLU B 184 16.13 -37.92 -0.88
N VAL B 185 15.66 -37.59 -2.09
CA VAL B 185 14.28 -37.87 -2.49
C VAL B 185 14.29 -38.42 -3.91
N GLU B 186 13.19 -39.09 -4.28
CA GLU B 186 12.95 -39.39 -5.68
C GLU B 186 12.80 -38.08 -6.44
N GLU B 187 13.31 -38.04 -7.67
CA GLU B 187 13.31 -36.78 -8.41
C GLU B 187 11.90 -36.26 -8.65
N ASP B 188 10.90 -37.14 -8.81
CA ASP B 188 9.57 -36.62 -9.12
C ASP B 188 8.90 -35.91 -7.93
N LEU B 189 9.57 -35.79 -6.76
CA LEU B 189 9.06 -34.97 -5.67
C LEU B 189 9.65 -33.56 -5.68
N ILE B 190 10.65 -33.27 -6.51
CA ILE B 190 11.38 -32.02 -6.30
C ILE B 190 10.56 -30.79 -6.68
N ASP B 191 9.69 -30.89 -7.71
CA ASP B 191 8.85 -29.73 -8.02
C ASP B 191 7.93 -29.39 -6.83
N ALA B 192 7.38 -30.39 -6.16
CA ALA B 192 6.56 -30.13 -4.96
C ALA B 192 7.40 -29.56 -3.83
N VAL B 193 8.62 -30.07 -3.61
CA VAL B 193 9.49 -29.46 -2.60
C VAL B 193 9.73 -27.99 -2.93
N THR B 194 9.91 -27.67 -4.22
CA THR B 194 10.12 -26.27 -4.60
C THR B 194 8.97 -25.40 -4.14
N GLY B 195 7.73 -25.88 -4.32
CA GLY B 195 6.59 -25.10 -3.89
C GLY B 195 6.48 -24.93 -2.39
N LEU B 196 7.07 -25.86 -1.63
CA LEU B 196 6.94 -25.86 -0.18
C LEU B 196 8.15 -25.19 0.47
N SER B 197 9.35 -25.81 0.46
CA SER B 197 10.49 -25.19 1.14
C SER B 197 11.34 -24.29 0.24
N GLY B 198 11.30 -24.46 -1.09
CA GLY B 198 12.06 -23.55 -1.95
C GLY B 198 11.47 -22.14 -1.91
N SER B 199 10.17 -22.04 -2.17
CA SER B 199 9.46 -20.77 -2.10
C SER B 199 9.08 -20.40 -0.67
N GLY B 200 9.06 -21.39 0.24
CA GLY B 200 8.54 -21.17 1.57
C GLY B 200 9.06 -19.98 2.33
N PRO B 201 10.37 -19.67 2.27
CA PRO B 201 10.85 -18.49 3.03
C PRO B 201 10.15 -17.22 2.62
N ALA B 202 9.78 -17.07 1.34
CA ALA B 202 9.06 -15.87 0.93
C ALA B 202 7.68 -15.80 1.56
N TYR B 203 7.01 -16.94 1.73
CA TYR B 203 5.72 -16.93 2.44
C TYR B 203 5.91 -16.46 3.86
N ALA B 204 6.99 -16.93 4.50
CA ALA B 204 7.29 -16.51 5.87
C ALA B 204 7.64 -15.03 5.96
N PHE B 205 8.44 -14.51 5.03
CA PHE B 205 8.77 -13.09 5.07
C PHE B 205 7.53 -12.22 4.89
N THR B 206 6.63 -12.62 4.00
CA THR B 206 5.34 -11.95 3.87
C THR B 206 4.57 -11.97 5.18
N ALA B 207 4.48 -13.17 5.77
CA ALA B 207 3.75 -13.34 7.02
C ALA B 207 4.36 -12.48 8.12
N LEU B 208 5.70 -12.42 8.19
CA LEU B 208 6.33 -11.65 9.27
C LEU B 208 6.10 -10.17 9.09
N ASP B 209 6.12 -9.69 7.84
CA ASP B 209 5.80 -8.28 7.56
C ASP B 209 4.38 -7.94 8.00
N ALA B 210 3.44 -8.82 7.68
CA ALA B 210 2.05 -8.56 8.04
C ALA B 210 1.84 -8.66 9.55
N LEU B 211 2.46 -9.65 10.20
CA LEU B 211 2.31 -9.76 11.64
C LEU B 211 2.87 -8.54 12.34
N ALA B 212 3.99 -8.02 11.84
CA ALA B 212 4.56 -6.79 12.42
C ALA B 212 3.62 -5.60 12.19
N ASP B 213 2.99 -5.51 11.01
CA ASP B 213 1.96 -4.49 10.77
C ASP B 213 0.83 -4.62 11.78
N GLY B 214 0.41 -5.85 12.09
CA GLY B 214 -0.63 -6.02 13.09
C GLY B 214 -0.17 -5.55 14.47
N GLY B 215 1.08 -5.85 14.83
CA GLY B 215 1.61 -5.33 16.09
C GLY B 215 1.62 -3.82 16.12
N VAL B 216 2.04 -3.19 15.00
CA VAL B 216 2.06 -1.73 14.91
C VAL B 216 0.64 -1.17 15.00
N LYS B 217 -0.33 -1.82 14.34
CA LYS B 217 -1.71 -1.35 14.47
C LYS B 217 -2.16 -1.34 15.92
N MET B 218 -1.71 -2.33 16.71
CA MET B 218 -2.17 -2.41 18.11
C MET B 218 -1.26 -1.65 19.08
N GLY B 219 -0.29 -0.88 18.57
CA GLY B 219 0.47 0.07 19.38
C GLY B 219 1.93 -0.27 19.61
N LEU B 220 2.44 -1.35 19.04
CA LEU B 220 3.85 -1.66 19.25
C LEU B 220 4.75 -0.87 18.29
N PRO B 221 5.94 -0.49 18.72
CA PRO B 221 6.95 0.04 17.79
C PRO B 221 7.29 -1.02 16.75
N ARG B 222 7.59 -0.57 15.53
CA ARG B 222 7.84 -1.50 14.41
CA ARG B 222 7.80 -1.53 14.44
C ARG B 222 8.98 -2.46 14.71
N ARG B 223 10.08 -1.95 15.27
CA ARG B 223 11.26 -2.81 15.45
C ARG B 223 10.97 -3.92 16.45
N LEU B 224 10.25 -3.60 17.53
CA LEU B 224 9.85 -4.61 18.50
C LEU B 224 8.88 -5.61 17.89
N ALA B 225 7.91 -5.12 17.12
CA ALA B 225 6.93 -5.99 16.49
C ALA B 225 7.59 -6.98 15.53
N VAL B 226 8.58 -6.53 14.75
CA VAL B 226 9.29 -7.44 13.84
C VAL B 226 10.02 -8.52 14.65
N ARG B 227 10.74 -8.11 15.70
CA ARG B 227 11.50 -9.04 16.53
C ARG B 227 10.58 -10.09 17.17
N LEU B 228 9.48 -9.63 17.78
CA LEU B 228 8.58 -10.58 18.46
C LEU B 228 7.94 -11.55 17.49
N GLY B 229 7.48 -11.06 16.34
CA GLY B 229 6.86 -11.94 15.36
C GLY B 229 7.85 -12.98 14.83
N ALA B 230 9.08 -12.55 14.53
CA ALA B 230 10.08 -13.51 14.04
C ALA B 230 10.46 -14.51 15.11
N GLN B 231 10.58 -14.05 16.36
CA GLN B 231 10.90 -15.00 17.41
C GLN B 231 9.75 -15.99 17.63
N ALA B 232 8.50 -15.51 17.53
CA ALA B 232 7.35 -16.40 17.68
C ALA B 232 7.37 -17.48 16.60
N LEU B 233 7.63 -17.10 15.36
CA LEU B 233 7.69 -18.05 14.26
CA LEU B 233 7.65 -18.10 14.29
C LEU B 233 8.83 -19.06 14.45
N LEU B 234 10.01 -18.54 14.78
CA LEU B 234 11.18 -19.40 15.00
C LEU B 234 10.91 -20.41 16.09
N GLY B 235 10.39 -19.95 17.23
CA GLY B 235 10.18 -20.86 18.34
C GLY B 235 9.13 -21.90 18.03
N ALA B 236 8.05 -21.50 17.34
CA ALA B 236 7.00 -22.45 17.00
C ALA B 236 7.54 -23.50 16.04
N ALA B 237 8.33 -23.08 15.06
CA ALA B 237 8.90 -24.04 14.13
C ALA B 237 9.86 -24.99 14.86
N LYS B 238 10.68 -24.47 15.80
CA LYS B 238 11.55 -25.36 16.54
C LYS B 238 10.75 -26.35 17.37
N MET B 239 9.63 -25.89 17.97
CA MET B 239 8.81 -26.81 18.75
C MET B 239 8.33 -27.98 17.91
N LEU B 240 7.83 -27.71 16.71
CA LEU B 240 7.30 -28.79 15.87
C LEU B 240 8.42 -29.72 15.43
N LEU B 241 9.59 -29.18 15.11
CA LEU B 241 10.71 -30.03 14.71
C LEU B 241 11.16 -30.93 15.84
N HIS B 242 10.98 -30.52 17.10
CA HIS B 242 11.42 -31.31 18.23
C HIS B 242 10.29 -32.11 18.88
N SER B 243 9.07 -32.04 18.36
CA SER B 243 7.91 -32.67 18.96
C SER B 243 7.50 -33.92 18.20
N GLU B 244 6.95 -34.88 18.93
CA GLU B 244 6.29 -36.02 18.32
C GLU B 244 4.81 -35.73 18.05
N GLN B 245 4.33 -34.54 18.38
CA GLN B 245 2.92 -34.23 18.31
C GLN B 245 2.53 -33.59 16.97
N HIS B 246 1.28 -33.79 16.61
CA HIS B 246 0.71 -33.19 15.43
C HIS B 246 0.65 -31.67 15.62
N PRO B 247 0.84 -30.88 14.55
CA PRO B 247 0.73 -29.43 14.70
C PRO B 247 -0.62 -28.98 15.26
N GLY B 248 -1.70 -29.71 14.98
CA GLY B 248 -2.98 -29.36 15.58
C GLY B 248 -3.01 -29.53 17.09
N GLN B 249 -2.28 -30.53 17.61
CA GLN B 249 -2.19 -30.66 19.06
C GLN B 249 -1.37 -29.54 19.68
N LEU B 250 -0.30 -29.12 19.01
CA LEU B 250 0.48 -27.99 19.55
C LEU B 250 -0.36 -26.72 19.52
N LYS B 251 -1.16 -26.56 18.46
CA LYS B 251 -2.09 -25.44 18.37
C LYS B 251 -3.10 -25.47 19.52
N ASP B 252 -3.67 -26.64 19.78
CA ASP B 252 -4.61 -26.79 20.91
C ASP B 252 -3.96 -26.39 22.23
N ASN B 253 -2.65 -26.66 22.40
CA ASN B 253 -1.96 -26.34 23.65
C ASN B 253 -1.79 -24.84 23.90
N VAL B 254 -1.87 -24.01 22.85
CA VAL B 254 -1.68 -22.57 23.01
C VAL B 254 -2.96 -21.93 23.51
N SER B 255 -4.11 -22.48 23.14
CA SER B 255 -5.39 -21.78 23.23
C SER B 255 -6.11 -22.13 24.54
N SER B 256 -6.25 -21.18 25.38
CA SER B 256 -7.13 -21.43 26.51
C SER B 256 -8.58 -21.24 26.09
N PRO B 257 -9.51 -21.96 26.71
CA PRO B 257 -10.92 -21.83 26.32
C PRO B 257 -11.41 -20.39 26.50
N GLY B 258 -12.12 -19.89 25.49
CA GLY B 258 -12.63 -18.53 25.50
C GLY B 258 -11.59 -17.44 25.34
N GLY B 259 -10.32 -17.79 25.12
CA GLY B 259 -9.22 -16.87 25.28
C GLY B 259 -8.82 -16.12 24.02
N ALA B 260 -7.70 -15.41 24.13
CA ALA B 260 -7.25 -14.53 23.05
C ALA B 260 -6.87 -15.30 21.80
N THR B 261 -6.15 -16.40 21.97
CA THR B 261 -5.62 -17.12 20.81
C THR B 261 -6.74 -17.74 19.97
N ILE B 262 -7.76 -18.34 20.61
CA ILE B 262 -8.81 -18.99 19.82
C ILE B 262 -9.65 -17.95 19.09
N HIS B 263 -9.81 -16.75 19.69
CA HIS B 263 -10.47 -15.66 18.96
C HIS B 263 -9.69 -15.28 17.70
N ALA B 264 -8.35 -15.22 17.78
CA ALA B 264 -7.53 -14.92 16.60
C ALA B 264 -7.56 -16.05 15.60
N LEU B 265 -7.54 -17.30 16.06
CA LEU B 265 -7.60 -18.42 15.10
C LEU B 265 -8.89 -18.40 14.30
N HIS B 266 -10.01 -18.02 14.93
CA HIS B 266 -11.28 -17.91 14.19
C HIS B 266 -11.15 -16.93 13.03
N VAL B 267 -10.55 -15.75 13.26
CA VAL B 267 -10.52 -14.80 12.16
C VAL B 267 -9.59 -15.29 11.04
N LEU B 268 -8.52 -16.04 11.37
CA LEU B 268 -7.72 -16.68 10.32
C LEU B 268 -8.58 -17.66 9.53
N GLU B 269 -9.34 -18.51 10.24
CA GLU B 269 -10.20 -19.48 9.54
C GLU B 269 -11.22 -18.80 8.65
N SER B 270 -11.80 -17.68 9.11
CA SER B 270 -12.86 -17.05 8.36
C SER B 270 -12.38 -16.50 7.02
N GLY B 271 -11.09 -16.17 6.93
CA GLY B 271 -10.46 -15.72 5.70
C GLY B 271 -9.91 -16.85 4.86
N GLY B 272 -10.10 -18.10 5.27
CA GLY B 272 -9.53 -19.23 4.50
C GLY B 272 -8.03 -19.27 4.51
N PHE B 273 -7.39 -18.81 5.60
CA PHE B 273 -5.94 -18.79 5.76
C PHE B 273 -5.27 -20.09 5.31
N ARG B 274 -5.79 -21.24 5.77
CA ARG B 274 -5.17 -22.53 5.40
C ARG B 274 -5.18 -22.72 3.89
N SER B 275 -6.30 -22.41 3.27
CA SER B 275 -6.42 -22.62 1.83
C SER B 275 -5.47 -21.73 1.05
N LEU B 276 -5.16 -20.52 1.55
CA LEU B 276 -4.23 -19.65 0.84
C LEU B 276 -2.85 -20.27 0.78
N LEU B 277 -2.41 -20.90 1.89
CA LEU B 277 -1.10 -21.51 1.93
C LEU B 277 -1.06 -22.78 1.05
N ILE B 278 -2.16 -23.54 1.01
CA ILE B 278 -2.25 -24.66 0.06
C ILE B 278 -2.17 -24.13 -1.37
N ASN B 279 -2.91 -23.03 -1.65
CA ASN B 279 -2.88 -22.43 -3.00
C ASN B 279 -1.46 -22.05 -3.40
N ALA B 280 -0.70 -21.50 -2.44
CA ALA B 280 0.66 -21.03 -2.71
C ALA B 280 1.58 -22.20 -3.06
N VAL B 281 1.57 -23.26 -2.23
CA VAL B 281 2.42 -24.43 -2.53
C VAL B 281 2.06 -24.97 -3.90
N GLU B 282 0.76 -25.08 -4.19
CA GLU B 282 0.29 -25.58 -5.48
C GLU B 282 0.76 -24.70 -6.62
N ALA B 283 0.57 -23.38 -6.48
CA ALA B 283 0.93 -22.46 -7.57
C ALA B 283 2.42 -22.49 -7.85
N SER B 284 3.25 -22.53 -6.80
CA SER B 284 4.69 -22.57 -7.04
C SER B 284 5.11 -23.88 -7.70
N CYS B 285 4.57 -25.01 -7.20
CA CYS B 285 4.86 -26.30 -7.81
C CYS B 285 4.46 -26.35 -9.28
N ILE B 286 3.25 -25.86 -9.59
CA ILE B 286 2.78 -25.90 -10.97
C ILE B 286 3.65 -25.00 -11.86
N ARG B 287 4.01 -23.81 -11.37
CA ARG B 287 4.87 -22.94 -12.18
C ARG B 287 6.23 -23.60 -12.40
N THR B 288 6.76 -24.30 -11.39
CA THR B 288 8.04 -24.99 -11.53
C THR B 288 8.02 -25.97 -12.69
N ARG B 289 6.93 -26.70 -12.87
CA ARG B 289 6.81 -27.64 -13.98
C ARG B 289 6.89 -26.91 -15.31
N GLU B 290 6.39 -25.67 -15.35
CA GLU B 290 6.46 -24.87 -16.59
C GLU B 290 7.85 -24.30 -16.87
N LEU B 291 8.72 -24.22 -15.87
CA LEU B 291 10.03 -23.60 -16.08
C LEU B 291 11.02 -24.50 -16.78
N GLN B 292 10.76 -25.81 -16.88
CA GLN B 292 11.70 -26.68 -17.57
C GLN B 292 11.92 -26.19 -19.00
N SER B 293 13.19 -25.98 -19.33
CA SER B 293 13.63 -25.33 -20.55
C SER B 293 14.10 -26.31 -21.61
N MET B 294 14.45 -27.53 -21.23
CA MET B 294 15.03 -28.50 -22.14
C MET B 294 14.15 -29.74 -22.22
N ALA B 295 14.37 -30.51 -23.29
CA ALA B 295 13.69 -31.78 -23.46
C ALA B 295 14.25 -32.84 -22.51
N ASP B 296 13.37 -33.56 -21.83
CA ASP B 296 13.79 -34.58 -20.87
C ASP B 296 14.53 -35.72 -21.54
N MET C 24 16.45 33.99 12.22
CA MET C 24 15.43 33.26 12.97
C MET C 24 15.86 31.83 13.33
N SER C 25 15.48 31.41 14.54
CA SER C 25 15.85 30.11 15.08
C SER C 25 14.64 29.18 15.08
N VAL C 26 14.87 27.91 14.73
CA VAL C 26 13.81 26.90 14.68
C VAL C 26 14.19 25.74 15.59
N GLY C 27 13.22 25.27 16.36
CA GLY C 27 13.44 24.13 17.25
C GLY C 27 12.44 23.03 16.97
N PHE C 28 12.87 21.79 17.18
CA PHE C 28 11.98 20.64 17.11
C PHE C 28 11.96 19.96 18.46
N ILE C 29 10.77 19.81 19.04
CA ILE C 29 10.59 18.91 20.18
C ILE C 29 10.06 17.61 19.60
N GLY C 30 10.92 16.59 19.60
CA GLY C 30 10.71 15.37 18.84
C GLY C 30 11.84 15.26 17.83
N ALA C 31 12.40 14.07 17.73
CA ALA C 31 13.46 13.83 16.76
C ALA C 31 13.19 12.55 16.00
N GLY C 32 11.93 12.33 15.63
CA GLY C 32 11.52 11.17 14.87
C GLY C 32 11.52 11.45 13.38
N GLN C 33 10.76 10.64 12.65
CA GLN C 33 10.77 10.71 11.18
C GLN C 33 10.40 12.10 10.68
N LEU C 34 9.36 12.72 11.24
CA LEU C 34 8.88 13.97 10.66
C LEU C 34 9.82 15.13 10.96
N ALA C 35 10.35 15.21 12.19
CA ALA C 35 11.33 16.24 12.52
C ALA C 35 12.55 16.14 11.61
N PHE C 36 13.05 14.92 11.41
CA PHE C 36 14.19 14.76 10.52
C PHE C 36 13.83 15.23 9.12
N ALA C 37 12.66 14.81 8.61
CA ALA C 37 12.29 15.17 7.24
C ALA C 37 12.22 16.70 7.08
N LEU C 38 11.62 17.40 8.06
CA LEU C 38 11.50 18.86 7.96
C LEU C 38 12.86 19.54 8.06
N ALA C 39 13.68 19.08 9.01
CA ALA C 39 15.03 19.63 9.14
C ALA C 39 15.84 19.40 7.86
N LYS C 40 15.78 18.19 7.30
CA LYS C 40 16.51 17.93 6.06
C LYS C 40 15.98 18.80 4.92
N GLY C 41 14.64 18.90 4.80
CA GLY C 41 14.07 19.73 3.76
C GLY C 41 14.44 21.20 3.89
N PHE C 42 14.30 21.75 5.10
CA PHE C 42 14.62 23.16 5.33
C PHE C 42 16.07 23.46 5.02
N THR C 43 16.98 22.58 5.43
CA THR C 43 18.39 22.85 5.17
C THR C 43 18.72 22.72 3.68
N ALA C 44 18.12 21.74 2.99
CA ALA C 44 18.33 21.60 1.56
C ALA C 44 17.75 22.77 0.77
N ALA C 45 16.63 23.35 1.26
CA ALA C 45 16.05 24.52 0.63
C ALA C 45 16.91 25.76 0.84
N GLY C 46 17.83 25.73 1.80
CA GLY C 46 18.64 26.90 2.07
C GLY C 46 17.91 28.00 2.82
N VAL C 47 16.72 27.74 3.35
CA VAL C 47 15.99 28.79 4.06
C VAL C 47 16.43 28.87 5.50
N LEU C 48 17.08 27.84 6.01
CA LEU C 48 17.61 27.79 7.37
C LEU C 48 18.98 27.16 7.32
N ALA C 49 19.93 27.76 8.03
CA ALA C 49 21.19 27.10 8.25
C ALA C 49 21.01 26.03 9.32
N ALA C 50 21.63 24.87 9.12
CA ALA C 50 21.42 23.77 10.04
C ALA C 50 21.75 24.15 11.48
N HIS C 51 22.77 25.00 11.69
CA HIS C 51 23.13 25.37 13.05
C HIS C 51 22.10 26.28 13.72
N LYS C 52 21.15 26.84 12.98
CA LYS C 52 20.04 27.56 13.59
C LYS C 52 18.89 26.64 13.96
N ILE C 53 19.07 25.32 13.85
CA ILE C 53 18.06 24.33 14.19
C ILE C 53 18.56 23.50 15.38
N MET C 54 17.70 23.35 16.38
CA MET C 54 17.94 22.47 17.51
C MET C 54 16.78 21.48 17.62
N ALA C 55 17.09 20.23 17.96
CA ALA C 55 16.07 19.20 18.14
C ALA C 55 16.31 18.47 19.47
N SER C 56 15.23 18.13 20.16
CA SER C 56 15.37 17.38 21.40
C SER C 56 14.55 16.10 21.40
N SER C 57 15.12 15.09 22.04
CA SER C 57 14.51 13.79 22.24
C SER C 57 15.23 13.16 23.42
N PRO C 58 14.54 12.45 24.31
CA PRO C 58 15.27 11.73 25.37
C PRO C 58 15.99 10.51 24.85
N ASP C 59 15.68 10.08 23.63
CA ASP C 59 16.30 8.88 23.07
C ASP C 59 16.33 9.05 21.55
N MET C 60 17.38 9.69 21.05
CA MET C 60 17.57 9.84 19.62
C MET C 60 18.49 8.72 19.14
N ASP C 61 17.96 7.51 19.14
CA ASP C 61 18.79 6.37 18.78
C ASP C 61 18.73 6.04 17.30
N LEU C 62 17.82 6.66 16.56
CA LEU C 62 17.85 6.53 15.11
C LEU C 62 19.11 7.18 14.57
N ALA C 63 19.58 6.68 13.43
CA ALA C 63 20.77 7.25 12.78
C ALA C 63 20.63 8.73 12.51
N THR C 64 19.46 9.30 12.77
CA THR C 64 19.23 10.73 12.61
C THR C 64 20.22 11.57 13.42
N VAL C 65 20.71 11.05 14.55
CA VAL C 65 21.68 11.83 15.32
C VAL C 65 22.92 12.08 14.47
N SER C 66 23.43 11.05 13.79
CA SER C 66 24.57 11.27 12.92
C SER C 66 24.19 12.13 11.72
N ALA C 67 22.98 11.94 11.17
CA ALA C 67 22.57 12.71 10.02
C ALA C 67 22.31 14.16 10.39
N LEU C 68 21.66 14.40 11.52
CA LEU C 68 21.44 15.77 11.98
C LEU C 68 22.78 16.45 12.28
N ARG C 69 23.70 15.73 12.92
CA ARG C 69 25.02 16.29 13.19
C ARG C 69 25.76 16.59 11.88
N LYS C 70 25.73 15.64 10.94
CA LYS C 70 26.38 15.88 9.65
C LYS C 70 25.75 17.08 8.95
N MET C 71 24.42 17.25 9.11
CA MET C 71 23.76 18.43 8.60
C MET C 71 24.22 19.68 9.32
N GLY C 72 24.60 19.54 10.58
CA GLY C 72 24.90 20.66 11.44
C GLY C 72 23.79 21.04 12.42
N VAL C 73 22.77 20.20 12.60
CA VAL C 73 21.69 20.48 13.54
C VAL C 73 22.19 20.29 14.97
N LYS C 74 21.82 21.21 15.85
CA LYS C 74 22.15 21.10 17.27
C LYS C 74 21.22 20.10 17.95
N LEU C 75 21.78 19.26 18.81
CA LEU C 75 21.00 18.22 19.48
C LEU C 75 21.08 18.40 20.98
N THR C 76 19.96 18.16 21.68
CA THR C 76 19.94 18.23 23.14
C THR C 76 18.90 17.24 23.66
N PRO C 77 19.14 16.63 24.83
CA PRO C 77 18.10 15.80 25.47
C PRO C 77 17.04 16.60 26.21
N HIS C 78 17.21 17.90 26.42
CA HIS C 78 16.33 18.68 27.28
C HIS C 78 15.42 19.55 26.44
N ASN C 79 14.11 19.29 26.54
CA ASN C 79 13.15 20.09 25.79
C ASN C 79 13.20 21.57 26.18
N LYS C 80 13.57 21.88 27.43
CA LYS C 80 13.67 23.28 27.82
C LYS C 80 14.78 24.01 27.06
N GLU C 81 15.90 23.33 26.76
CA GLU C 81 16.94 23.98 25.96
C GLU C 81 16.43 24.30 24.55
N THR C 82 15.68 23.38 23.94
CA THR C 82 15.11 23.67 22.63
C THR C 82 14.23 24.91 22.64
N VAL C 83 13.38 25.04 23.67
CA VAL C 83 12.52 26.21 23.80
C VAL C 83 13.37 27.48 23.94
N GLN C 84 14.38 27.43 24.79
CA GLN C 84 15.23 28.59 25.02
C GLN C 84 16.00 29.02 23.76
N HIS C 85 16.36 28.06 22.91
CA HIS C 85 17.07 28.34 21.66
C HIS C 85 16.15 28.89 20.57
N SER C 86 14.85 28.57 20.61
CA SER C 86 14.01 28.63 19.42
C SER C 86 13.08 29.84 19.44
N ASP C 87 12.75 30.32 18.24
CA ASP C 87 11.65 31.25 18.02
C ASP C 87 10.42 30.51 17.49
N VAL C 88 10.59 29.74 16.42
CA VAL C 88 9.52 28.88 15.94
C VAL C 88 9.79 27.49 16.53
N LEU C 89 8.79 26.95 17.22
CA LEU C 89 8.91 25.68 17.95
C LEU C 89 7.96 24.65 17.34
N PHE C 90 8.52 23.67 16.63
CA PHE C 90 7.71 22.58 16.10
C PHE C 90 7.52 21.51 17.15
N LEU C 91 6.26 21.11 17.39
CA LEU C 91 5.99 19.97 18.27
C LEU C 91 5.76 18.78 17.36
N ALA C 92 6.81 17.95 17.24
CA ALA C 92 6.80 16.82 16.32
C ALA C 92 6.83 15.52 17.10
N VAL C 93 5.92 15.40 18.09
CA VAL C 93 5.79 14.19 18.88
C VAL C 93 4.42 13.59 18.61
N LYS C 94 4.23 12.38 19.13
CA LYS C 94 2.96 11.68 18.96
C LYS C 94 1.83 12.46 19.65
N PRO C 95 0.60 12.35 19.15
CA PRO C 95 -0.54 13.07 19.79
C PRO C 95 -0.66 12.86 21.30
N HIS C 96 -0.48 11.64 21.79
CA HIS C 96 -0.67 11.45 23.23
C HIS C 96 0.49 12.01 24.05
N ILE C 97 1.60 12.37 23.40
CA ILE C 97 2.74 12.99 24.07
C ILE C 97 2.60 14.51 24.17
N ILE C 98 1.82 15.12 23.27
CA ILE C 98 1.64 16.59 23.31
C ILE C 98 1.32 17.11 24.70
N PRO C 99 0.30 16.61 25.41
CA PRO C 99 -0.01 17.20 26.73
C PRO C 99 1.17 17.18 27.68
N PHE C 100 2.00 16.13 27.63
CA PHE C 100 3.15 16.05 28.52
C PHE C 100 4.17 17.11 28.18
N ILE C 101 4.40 17.33 26.89
CA ILE C 101 5.32 18.38 26.44
C ILE C 101 4.83 19.74 26.91
N LEU C 102 3.54 20.03 26.69
CA LEU C 102 3.00 21.33 27.05
C LEU C 102 3.10 21.58 28.55
N ASP C 103 2.87 20.55 29.36
CA ASP C 103 3.02 20.70 30.81
C ASP C 103 4.47 20.98 31.18
N GLU C 104 5.41 20.34 30.48
CA GLU C 104 6.83 20.48 30.79
C GLU C 104 7.37 21.86 30.41
N ILE C 105 7.00 22.39 29.24
CA ILE C 105 7.61 23.60 28.71
C ILE C 105 6.71 24.81 28.81
N GLY C 106 5.48 24.65 29.33
CA GLY C 106 4.53 25.74 29.30
C GLY C 106 5.04 27.01 29.94
N ALA C 107 5.72 26.90 31.08
CA ALA C 107 6.20 28.08 31.78
C ALA C 107 7.40 28.71 31.08
N ASP C 108 7.99 28.04 30.10
CA ASP C 108 9.14 28.53 29.35
C ASP C 108 8.76 29.21 28.05
N ILE C 109 7.47 29.16 27.67
CA ILE C 109 7.03 29.87 26.47
C ILE C 109 7.07 31.38 26.73
N GLU C 110 7.64 32.11 25.78
CA GLU C 110 7.76 33.57 25.85
C GLU C 110 6.91 34.18 24.75
N ASP C 111 6.81 35.52 24.82
CA ASP C 111 6.02 36.25 23.82
C ASP C 111 6.51 35.98 22.40
N ARG C 112 7.82 35.80 22.20
CA ARG C 112 8.35 35.63 20.86
C ARG C 112 7.97 34.31 20.21
N HIS C 113 7.52 33.32 20.99
CA HIS C 113 7.38 31.97 20.47
C HIS C 113 6.16 31.80 19.57
N ILE C 114 6.35 31.11 18.45
CA ILE C 114 5.26 30.51 17.69
C ILE C 114 5.37 29.01 17.89
N VAL C 115 4.31 28.41 18.46
CA VAL C 115 4.24 26.98 18.73
C VAL C 115 3.48 26.32 17.58
N VAL C 116 4.16 25.40 16.86
CA VAL C 116 3.59 24.76 15.68
C VAL C 116 3.40 23.29 16.00
N SER C 117 2.16 22.87 16.20
CA SER C 117 1.90 21.46 16.47
C SER C 117 1.76 20.68 15.18
N CYS C 118 2.49 19.56 15.07
CA CYS C 118 2.40 18.69 13.91
C CYS C 118 1.61 17.42 14.18
N ALA C 119 1.13 17.24 15.41
CA ALA C 119 0.51 15.98 15.79
C ALA C 119 -0.86 15.84 15.15
N ALA C 120 -1.14 14.64 14.67
CA ALA C 120 -2.44 14.33 14.07
C ALA C 120 -3.53 14.45 15.14
N GLY C 121 -4.65 15.05 14.74
CA GLY C 121 -5.85 15.03 15.55
C GLY C 121 -5.91 16.03 16.69
N VAL C 122 -4.80 16.60 17.12
CA VAL C 122 -4.78 17.43 18.32
C VAL C 122 -5.19 18.86 17.97
N THR C 123 -6.23 19.36 18.63
CA THR C 123 -6.82 20.62 18.19
C THR C 123 -6.07 21.83 18.74
N ILE C 124 -6.17 22.94 18.01
CA ILE C 124 -5.60 24.21 18.48
C ILE C 124 -6.17 24.60 19.83
N SER C 125 -7.49 24.47 19.99
CA SER C 125 -8.10 24.91 21.23
C SER C 125 -7.55 24.11 22.41
N SER C 126 -7.28 22.81 22.22
CA SER C 126 -6.75 22.01 23.32
C SER C 126 -5.34 22.46 23.70
N ILE C 127 -4.53 22.85 22.70
CA ILE C 127 -3.18 23.32 22.96
C ILE C 127 -3.20 24.67 23.65
N GLU C 128 -4.03 25.60 23.14
CA GLU C 128 -4.15 26.91 23.76
C GLU C 128 -4.62 26.81 25.20
N LYS C 129 -5.58 25.91 25.49
CA LYS C 129 -6.09 25.79 26.84
C LYS C 129 -4.99 25.36 27.81
N LYS C 130 -4.15 24.41 27.38
CA LYS C 130 -3.04 23.94 28.19
C LYS C 130 -2.01 25.05 28.42
N LEU C 131 -1.63 25.75 27.34
CA LEU C 131 -0.57 26.74 27.44
C LEU C 131 -1.04 28.00 28.16
N SER C 132 -2.34 28.33 28.06
CA SER C 132 -2.86 29.53 28.72
C SER C 132 -2.84 29.42 30.24
N ALA C 133 -2.73 28.22 30.80
CA ALA C 133 -2.51 28.11 32.24
C ALA C 133 -1.21 28.78 32.66
N PHE C 134 -0.31 29.03 31.71
CA PHE C 134 0.99 29.62 31.99
C PHE C 134 1.10 31.08 31.56
N ARG C 135 0.63 31.42 30.35
CA ARG C 135 0.71 32.77 29.78
C ARG C 135 -0.52 32.91 28.88
N PRO C 136 -1.15 34.09 28.82
CA PRO C 136 -2.55 34.15 28.31
C PRO C 136 -2.75 34.05 26.81
N ALA C 137 -1.81 34.48 25.98
CA ALA C 137 -2.05 34.55 24.53
C ALA C 137 -1.00 33.79 23.72
N PRO C 138 -0.90 32.47 23.90
CA PRO C 138 0.09 31.72 23.14
C PRO C 138 -0.21 31.73 21.65
N ARG C 139 0.84 31.89 20.84
CA ARG C 139 0.70 31.92 19.38
C ARG C 139 0.84 30.48 18.86
N VAL C 140 -0.26 29.91 18.40
CA VAL C 140 -0.30 28.48 18.07
C VAL C 140 -0.72 28.32 16.63
N ILE C 141 -0.01 27.45 15.90
CA ILE C 141 -0.34 27.02 14.57
C ILE C 141 -0.43 25.51 14.59
N ARG C 142 -1.43 24.97 13.91
CA ARG C 142 -1.55 23.55 13.70
C ARG C 142 -1.22 23.25 12.24
N CYS C 143 -0.35 22.27 12.01
CA CYS C 143 -0.06 21.89 10.64
C CYS C 143 -0.21 20.40 10.43
N MET C 144 -0.42 20.03 9.18
CA MET C 144 -0.43 18.62 8.81
C MET C 144 0.46 18.59 7.57
N THR C 145 1.59 17.91 7.70
CA THR C 145 2.54 17.80 6.59
C THR C 145 2.88 16.33 6.42
N ASN C 146 3.90 15.99 5.64
CA ASN C 146 4.16 14.58 5.38
C ASN C 146 5.64 14.39 5.10
N THR C 147 6.04 13.11 5.08
CA THR C 147 7.47 12.80 4.98
C THR C 147 8.16 13.31 3.71
N PRO C 148 7.49 13.43 2.52
CA PRO C 148 8.22 13.93 1.34
C PRO C 148 8.74 15.35 1.43
N VAL C 149 8.51 16.08 2.53
CA VAL C 149 9.26 17.32 2.71
C VAL C 149 10.75 17.02 2.69
N VAL C 150 11.14 15.78 2.97
CA VAL C 150 12.56 15.43 2.99
C VAL C 150 13.19 15.60 1.61
N VAL C 151 12.39 15.49 0.55
CA VAL C 151 12.86 15.75 -0.81
C VAL C 151 12.22 17.03 -1.38
N ARG C 152 11.73 17.90 -0.48
CA ARG C 152 11.13 19.19 -0.86
C ARG C 152 9.93 19.01 -1.78
N GLU C 153 9.18 17.91 -1.61
CA GLU C 153 7.93 17.72 -2.34
C GLU C 153 6.82 17.32 -1.38
N GLY C 154 6.80 17.97 -0.21
CA GLY C 154 5.76 17.73 0.76
C GLY C 154 4.44 18.34 0.34
N ALA C 155 3.42 17.95 1.10
CA ALA C 155 2.07 18.48 1.00
C ALA C 155 1.72 18.92 2.42
N THR C 156 1.57 20.22 2.64
CA THR C 156 1.36 20.75 3.99
C THR C 156 0.13 21.65 4.02
N VAL C 157 -0.70 21.50 5.06
CA VAL C 157 -1.72 22.50 5.33
C VAL C 157 -1.49 23.02 6.74
N TYR C 158 -1.99 24.22 7.01
CA TYR C 158 -1.90 24.75 8.36
C TYR C 158 -3.12 25.58 8.68
N ALA C 159 -3.42 25.68 9.97
CA ALA C 159 -4.44 26.60 10.46
C ALA C 159 -3.85 27.43 11.57
N THR C 160 -4.23 28.71 11.62
CA THR C 160 -3.70 29.63 12.64
C THR C 160 -4.64 29.67 13.83
N GLY C 161 -4.04 29.76 15.04
CA GLY C 161 -4.80 29.81 16.28
C GLY C 161 -5.34 31.19 16.64
N THR C 162 -5.99 31.24 17.81
CA THR C 162 -6.72 32.44 18.24
C THR C 162 -5.80 33.65 18.37
N HIS C 163 -4.58 33.43 18.85
CA HIS C 163 -3.70 34.54 19.19
C HIS C 163 -2.54 34.65 18.22
N ALA C 164 -2.51 33.84 17.17
CA ALA C 164 -1.49 33.97 16.14
C ALA C 164 -1.58 35.35 15.48
N GLN C 165 -0.44 36.02 15.35
CA GLN C 165 -0.47 37.29 14.65
C GLN C 165 -0.59 37.01 13.15
N VAL C 166 -1.09 38.00 12.40
CA VAL C 166 -1.31 37.76 10.98
C VAL C 166 0.01 37.43 10.30
N GLU C 167 1.13 38.01 10.77
CA GLU C 167 2.42 37.69 10.16
C GLU C 167 2.88 36.27 10.49
N ASP C 168 2.29 35.63 11.50
CA ASP C 168 2.71 34.29 11.86
C ASP C 168 2.29 33.29 10.80
N GLY C 169 1.06 33.42 10.29
CA GLY C 169 0.62 32.56 9.22
C GLY C 169 1.43 32.75 7.96
N ARG C 170 1.78 34.01 7.65
CA ARG C 170 2.62 34.29 6.49
C ARG C 170 3.99 33.65 6.61
N LEU C 171 4.60 33.75 7.80
CA LEU C 171 5.90 33.13 8.05
C LEU C 171 5.81 31.62 7.90
N MET C 172 4.80 31.00 8.49
CA MET C 172 4.59 29.57 8.37
CA MET C 172 4.74 29.56 8.36
C MET C 172 4.52 29.14 6.91
N GLU C 173 3.77 29.91 6.12
CA GLU C 173 3.56 29.52 4.72
C GLU C 173 4.83 29.69 3.92
N GLN C 174 5.62 30.74 4.20
CA GLN C 174 6.90 30.91 3.52
C GLN C 174 7.84 29.76 3.85
N LEU C 175 7.91 29.37 5.12
CA LEU C 175 8.79 28.29 5.55
C LEU C 175 8.36 26.97 4.94
N LEU C 176 7.09 26.61 5.07
CA LEU C 176 6.67 25.29 4.60
C LEU C 176 6.55 25.21 3.07
N SER C 177 6.40 26.35 2.38
CA SER C 177 6.42 26.29 0.92
C SER C 177 7.81 25.98 0.40
N SER C 178 8.85 26.19 1.20
CA SER C 178 10.19 25.87 0.71
C SER C 178 10.42 24.38 0.58
N VAL C 179 9.56 23.56 1.19
CA VAL C 179 9.71 22.12 1.18
C VAL C 179 8.53 21.40 0.51
N GLY C 180 7.68 22.11 -0.22
CA GLY C 180 6.58 21.46 -0.91
C GLY C 180 5.38 22.39 -1.08
N PHE C 181 4.25 21.79 -1.43
CA PHE C 181 2.99 22.54 -1.46
C PHE C 181 2.57 22.94 -0.05
N CYS C 182 2.08 24.17 0.11
CA CYS C 182 1.58 24.59 1.41
C CYS C 182 0.40 25.53 1.23
N THR C 183 -0.67 25.32 2.01
CA THR C 183 -1.79 26.26 1.95
C THR C 183 -2.49 26.33 3.30
N GLU C 184 -3.09 27.49 3.56
CA GLU C 184 -3.88 27.63 4.78
C GLU C 184 -5.25 27.00 4.59
N VAL C 185 -5.76 26.35 5.63
CA VAL C 185 -7.10 25.77 5.61
C VAL C 185 -7.79 26.09 6.93
N GLU C 186 -9.12 25.98 6.91
CA GLU C 186 -9.87 25.92 8.15
C GLU C 186 -9.47 24.69 8.92
N GLU C 187 -9.38 24.82 10.26
CA GLU C 187 -8.88 23.71 11.07
C GLU C 187 -9.76 22.48 10.92
N ASP C 188 -11.06 22.66 10.69
CA ASP C 188 -11.90 21.46 10.63
C ASP C 188 -11.68 20.62 9.37
N LEU C 189 -10.78 21.01 8.46
CA LEU C 189 -10.42 20.16 7.34
C LEU C 189 -9.19 19.31 7.63
N ILE C 190 -8.48 19.54 8.74
CA ILE C 190 -7.15 18.97 8.86
C ILE C 190 -7.20 17.47 9.10
N ASP C 191 -8.22 16.96 9.82
CA ASP C 191 -8.31 15.51 9.95
C ASP C 191 -8.49 14.83 8.59
N ALA C 192 -9.28 15.43 7.70
CA ALA C 192 -9.44 14.86 6.36
C ALA C 192 -8.15 14.96 5.55
N VAL C 193 -7.42 16.08 5.65
CA VAL C 193 -6.12 16.19 5.00
C VAL C 193 -5.20 15.08 5.50
N THR C 194 -5.24 14.78 6.80
CA THR C 194 -4.39 13.72 7.34
C THR C 194 -4.67 12.39 6.64
N GLY C 195 -5.94 12.09 6.40
CA GLY C 195 -6.29 10.83 5.74
C GLY C 195 -5.82 10.78 4.29
N LEU C 196 -5.67 11.94 3.67
CA LEU C 196 -5.31 12.01 2.25
C LEU C 196 -3.82 12.21 2.05
N SER C 197 -3.26 13.40 2.33
CA SER C 197 -1.84 13.61 2.10
C SER C 197 -0.96 13.25 3.29
N GLY C 198 -1.49 13.23 4.52
CA GLY C 198 -0.66 12.82 5.63
C GLY C 198 -0.28 11.35 5.53
N SER C 199 -1.28 10.48 5.42
CA SER C 199 -1.09 9.06 5.26
C SER C 199 -0.78 8.68 3.82
N GLY C 200 -1.08 9.57 2.86
CA GLY C 200 -0.98 9.23 1.46
C GLY C 200 0.32 8.60 0.99
N PRO C 201 1.48 9.08 1.46
CA PRO C 201 2.73 8.45 0.99
C PRO C 201 2.79 6.97 1.30
N ALA C 202 2.23 6.51 2.43
CA ALA C 202 2.22 5.07 2.71
C ALA C 202 1.36 4.32 1.72
N TYR C 203 0.26 4.92 1.25
CA TYR C 203 -0.53 4.23 0.23
C TYR C 203 0.31 4.07 -1.02
N ALA C 204 1.05 5.12 -1.36
CA ALA C 204 1.92 5.09 -2.53
C ALA C 204 3.03 4.07 -2.37
N PHE C 205 3.68 4.00 -1.18
CA PHE C 205 4.74 3.01 -1.02
C PHE C 205 4.20 1.59 -1.14
N THR C 206 3.01 1.34 -0.58
CA THR C 206 2.37 0.02 -0.77
C THR C 206 2.13 -0.25 -2.24
N ALA C 207 1.56 0.73 -2.94
CA ALA C 207 1.26 0.54 -4.36
C ALA C 207 2.52 0.25 -5.15
N LEU C 208 3.63 0.94 -4.83
CA LEU C 208 4.85 0.75 -5.61
C LEU C 208 5.46 -0.62 -5.34
N ASP C 209 5.40 -1.10 -4.10
CA ASP C 209 5.86 -2.44 -3.79
C ASP C 209 5.07 -3.48 -4.59
N ALA C 210 3.75 -3.31 -4.65
CA ALA C 210 2.90 -4.27 -5.36
C ALA C 210 3.11 -4.17 -6.87
N LEU C 211 3.19 -2.93 -7.41
CA LEU C 211 3.44 -2.79 -8.85
C LEU C 211 4.76 -3.44 -9.24
N ALA C 212 5.78 -3.28 -8.39
CA ALA C 212 7.07 -3.92 -8.65
C ALA C 212 6.94 -5.44 -8.61
N ASP C 213 6.17 -5.98 -7.66
CA ASP C 213 5.85 -7.42 -7.64
C ASP C 213 5.19 -7.84 -8.94
N GLY C 214 4.29 -7.00 -9.48
CA GLY C 214 3.66 -7.33 -10.75
C GLY C 214 4.68 -7.37 -11.87
N GLY C 215 5.61 -6.41 -11.89
CA GLY C 215 6.69 -6.44 -12.89
C GLY C 215 7.55 -7.67 -12.76
N VAL C 216 7.90 -8.04 -11.51
CA VAL C 216 8.68 -9.25 -11.29
C VAL C 216 7.90 -10.48 -11.76
N LYS C 217 6.60 -10.55 -11.46
CA LYS C 217 5.84 -11.71 -11.93
C LYS C 217 5.93 -11.86 -13.44
N MET C 218 5.94 -10.75 -14.16
CA MET C 218 5.96 -10.79 -15.63
C MET C 218 7.37 -10.82 -16.21
N GLY C 219 8.39 -10.97 -15.36
CA GLY C 219 9.74 -11.25 -15.85
C GLY C 219 10.75 -10.13 -15.66
N LEU C 220 10.37 -8.99 -15.04
CA LEU C 220 11.36 -7.93 -14.83
C LEU C 220 12.20 -8.19 -13.59
N PRO C 221 13.48 -7.80 -13.62
CA PRO C 221 14.28 -7.77 -12.40
C PRO C 221 13.68 -6.76 -11.42
N ARG C 222 13.80 -7.08 -10.12
CA ARG C 222 13.15 -6.28 -9.07
CA ARG C 222 13.12 -6.28 -9.10
C ARG C 222 13.58 -4.82 -9.12
N ARG C 223 14.88 -4.59 -9.25
CA ARG C 223 15.37 -3.22 -9.16
C ARG C 223 14.82 -2.37 -10.30
N LEU C 224 14.78 -2.94 -11.52
CA LEU C 224 14.20 -2.22 -12.65
C LEU C 224 12.70 -2.00 -12.45
N ALA C 225 11.99 -3.02 -12.00
CA ALA C 225 10.54 -2.88 -11.76
C ALA C 225 10.25 -1.76 -10.75
N VAL C 226 11.04 -1.66 -9.67
CA VAL C 226 10.80 -0.59 -8.68
C VAL C 226 11.03 0.77 -9.32
N ARG C 227 12.13 0.91 -10.06
CA ARG C 227 12.44 2.18 -10.73
C ARG C 227 11.34 2.57 -11.71
N LEU C 228 10.90 1.64 -12.56
CA LEU C 228 9.89 1.99 -13.55
C LEU C 228 8.56 2.35 -12.90
N GLY C 229 8.14 1.56 -11.91
CA GLY C 229 6.87 1.87 -11.24
C GLY C 229 6.90 3.24 -10.55
N ALA C 230 8.00 3.53 -9.86
CA ALA C 230 8.10 4.83 -9.19
C ALA C 230 8.14 5.97 -10.19
N GLN C 231 8.87 5.79 -11.30
CA GLN C 231 8.91 6.84 -12.31
C GLN C 231 7.54 7.04 -12.96
N ALA C 232 6.80 5.94 -13.19
CA ALA C 232 5.46 6.05 -13.75
C ALA C 232 4.54 6.86 -12.83
N LEU C 233 4.59 6.56 -11.53
CA LEU C 233 3.79 7.29 -10.54
CA LEU C 233 3.74 7.30 -10.59
C LEU C 233 4.19 8.76 -10.48
N LEU C 234 5.50 9.02 -10.43
CA LEU C 234 5.98 10.40 -10.38
C LEU C 234 5.51 11.18 -11.58
N GLY C 235 5.71 10.61 -12.78
CA GLY C 235 5.36 11.34 -13.99
C GLY C 235 3.86 11.60 -14.10
N ALA C 236 3.03 10.61 -13.73
CA ALA C 236 1.59 10.79 -13.80
C ALA C 236 1.14 11.88 -12.83
N ALA C 237 1.70 11.89 -11.63
CA ALA C 237 1.33 12.94 -10.67
C ALA C 237 1.76 14.31 -11.16
N LYS C 238 2.96 14.42 -11.75
CA LYS C 238 3.37 15.69 -12.29
C LYS C 238 2.46 16.14 -13.42
N MET C 239 2.05 15.21 -14.30
CA MET C 239 1.12 15.57 -15.38
C MET C 239 -0.16 16.18 -14.82
N LEU C 240 -0.72 15.54 -13.79
CA LEU C 240 -1.98 16.05 -13.25
C LEU C 240 -1.79 17.42 -12.60
N LEU C 241 -0.68 17.59 -11.89
CA LEU C 241 -0.43 18.89 -11.26
C LEU C 241 -0.26 20.02 -12.27
N HIS C 242 0.22 19.72 -13.46
CA HIS C 242 0.44 20.73 -14.48
C HIS C 242 -0.69 20.79 -15.51
N SER C 243 -1.73 19.99 -15.35
CA SER C 243 -2.82 19.91 -16.32
C SER C 243 -4.05 20.66 -15.81
N GLU C 244 -4.80 21.25 -16.73
CA GLU C 244 -6.13 21.72 -16.38
C GLU C 244 -7.19 20.64 -16.57
N GLN C 245 -6.78 19.45 -16.98
CA GLN C 245 -7.72 18.40 -17.32
C GLN C 245 -8.08 17.51 -16.13
N HIS C 246 -9.26 16.93 -16.21
CA HIS C 246 -9.71 15.99 -15.20
C HIS C 246 -8.83 14.73 -15.26
N PRO C 247 -8.57 14.10 -14.11
CA PRO C 247 -7.78 12.85 -14.13
C PRO C 247 -8.40 11.76 -15.00
N GLY C 248 -9.72 11.74 -15.14
CA GLY C 248 -10.34 10.80 -16.06
C GLY C 248 -9.98 11.07 -17.50
N GLN C 249 -9.81 12.35 -17.86
CA GLN C 249 -9.39 12.62 -19.25
C GLN C 249 -7.95 12.18 -19.47
N LEU C 250 -7.08 12.39 -18.46
CA LEU C 250 -5.70 11.95 -18.63
C LEU C 250 -5.65 10.41 -18.71
N LYS C 251 -6.50 9.74 -17.93
CA LYS C 251 -6.61 8.29 -18.04
C LYS C 251 -7.08 7.87 -19.43
N ASP C 252 -8.09 8.56 -19.96
CA ASP C 252 -8.56 8.25 -21.31
C ASP C 252 -7.45 8.37 -22.36
N ASN C 253 -6.53 9.34 -22.19
CA ASN C 253 -5.45 9.56 -23.16
C ASN C 253 -4.41 8.45 -23.19
N VAL C 254 -4.32 7.65 -22.12
CA VAL C 254 -3.33 6.57 -22.05
C VAL C 254 -3.80 5.35 -22.86
N SER C 255 -5.11 5.11 -22.91
CA SER C 255 -5.66 3.84 -23.38
C SER C 255 -5.98 3.86 -24.88
N SER C 256 -5.32 3.02 -25.64
CA SER C 256 -5.87 2.84 -26.97
C SER C 256 -7.07 1.88 -26.93
N PRO C 257 -8.03 2.03 -27.84
CA PRO C 257 -9.17 1.10 -27.85
C PRO C 257 -8.71 -0.34 -28.05
N GLY C 258 -9.30 -1.25 -27.26
CA GLY C 258 -8.95 -2.65 -27.31
C GLY C 258 -7.59 -3.01 -26.72
N GLY C 259 -6.88 -2.04 -26.15
CA GLY C 259 -5.46 -2.18 -25.88
C GLY C 259 -5.11 -2.68 -24.49
N ALA C 260 -3.81 -2.63 -24.21
CA ALA C 260 -3.28 -3.20 -22.97
C ALA C 260 -3.77 -2.45 -21.76
N THR C 261 -3.76 -1.11 -21.82
CA THR C 261 -4.10 -0.32 -20.63
C THR C 261 -5.56 -0.50 -20.23
N ILE C 262 -6.48 -0.51 -21.20
CA ILE C 262 -7.89 -0.63 -20.82
C ILE C 262 -8.18 -2.02 -20.27
N HIS C 263 -7.48 -3.06 -20.75
CA HIS C 263 -7.62 -4.38 -20.14
C HIS C 263 -7.19 -4.38 -18.69
N ALA C 264 -6.08 -3.70 -18.37
CA ALA C 264 -5.62 -3.60 -16.99
C ALA C 264 -6.56 -2.77 -16.15
N LEU C 265 -7.10 -1.67 -16.70
CA LEU C 265 -8.02 -0.88 -15.88
C LEU C 265 -9.27 -1.68 -15.53
N HIS C 266 -9.74 -2.55 -16.42
CA HIS C 266 -10.90 -3.38 -16.09
C HIS C 266 -10.62 -4.25 -14.85
N VAL C 267 -9.43 -4.88 -14.77
CA VAL C 267 -9.20 -5.74 -13.62
C VAL C 267 -9.08 -4.93 -12.34
N LEU C 268 -8.55 -3.69 -12.40
CA LEU C 268 -8.60 -2.80 -11.22
C LEU C 268 -10.05 -2.54 -10.81
N GLU C 269 -10.89 -2.18 -11.78
CA GLU C 269 -12.28 -1.89 -11.46
C GLU C 269 -12.98 -3.12 -10.87
N SER C 270 -12.71 -4.32 -11.40
CA SER C 270 -13.39 -5.50 -10.92
C SER C 270 -13.08 -5.79 -9.46
N GLY C 271 -11.93 -5.36 -8.98
CA GLY C 271 -11.57 -5.53 -7.58
C GLY C 271 -12.01 -4.36 -6.71
N GLY C 272 -12.72 -3.39 -7.27
CA GLY C 272 -13.11 -2.22 -6.45
C GLY C 272 -11.94 -1.35 -6.00
N PHE C 273 -10.88 -1.26 -6.82
CA PHE C 273 -9.70 -0.45 -6.53
C PHE C 273 -10.04 0.95 -6.04
N ARG C 274 -10.96 1.65 -6.72
CA ARG C 274 -11.29 3.02 -6.33
C ARG C 274 -11.83 3.05 -4.92
N SER C 275 -12.71 2.09 -4.62
CA SER C 275 -13.36 2.06 -3.30
C SER C 275 -12.33 1.80 -2.19
N LEU C 276 -11.29 1.01 -2.47
CA LEU C 276 -10.28 0.75 -1.45
C LEU C 276 -9.56 2.03 -1.04
N LEU C 277 -9.25 2.89 -2.03
CA LEU C 277 -8.56 4.13 -1.72
C LEU C 277 -9.48 5.10 -0.98
N ILE C 278 -10.78 5.12 -1.33
CA ILE C 278 -11.72 5.92 -0.56
C ILE C 278 -11.79 5.40 0.86
N ASN C 279 -11.84 4.05 1.01
CA ASN C 279 -11.89 3.45 2.35
C ASN C 279 -10.69 3.89 3.18
N ALA C 280 -9.52 3.95 2.54
CA ALA C 280 -8.29 4.28 3.24
C ALA C 280 -8.32 5.72 3.73
N VAL C 281 -8.67 6.67 2.86
CA VAL C 281 -8.76 8.07 3.31
C VAL C 281 -9.73 8.21 4.48
N GLU C 282 -10.91 7.58 4.35
CA GLU C 282 -11.92 7.60 5.40
C GLU C 282 -11.37 7.01 6.70
N ALA C 283 -10.72 5.84 6.61
CA ALA C 283 -10.25 5.16 7.83
C ALA C 283 -9.18 5.99 8.53
N SER C 284 -8.24 6.57 7.76
CA SER C 284 -7.22 7.40 8.40
C SER C 284 -7.85 8.65 9.04
N CYS C 285 -8.76 9.31 8.33
CA CYS C 285 -9.43 10.50 8.87
C CYS C 285 -10.20 10.16 10.16
N ILE C 286 -10.95 9.05 10.15
CA ILE C 286 -11.72 8.70 11.34
C ILE C 286 -10.78 8.36 12.51
N ARG C 287 -9.70 7.62 12.24
CA ARG C 287 -8.78 7.32 13.33
C ARG C 287 -8.15 8.61 13.88
N THR C 288 -7.83 9.56 13.00
CA THR C 288 -7.23 10.82 13.43
C THR C 288 -8.14 11.54 14.44
N ARG C 289 -9.45 11.49 14.21
CA ARG C 289 -10.40 12.09 15.15
C ARG C 289 -10.31 11.44 16.52
N GLU C 290 -10.00 10.14 16.57
CA GLU C 290 -9.86 9.43 17.85
C GLU C 290 -8.56 9.69 18.58
N LEU C 291 -7.55 10.23 17.90
CA LEU C 291 -6.24 10.41 18.52
C LEU C 291 -6.15 11.63 19.43
N GLN C 292 -7.12 12.54 19.38
CA GLN C 292 -7.07 13.73 20.24
C GLN C 292 -6.94 13.29 21.69
N SER C 293 -5.92 13.83 22.35
CA SER C 293 -5.48 13.41 23.68
C SER C 293 -5.94 14.34 24.79
N MET C 294 -6.30 15.58 24.46
CA MET C 294 -6.65 16.60 25.45
C MET C 294 -8.07 17.10 25.24
N ALA C 295 -8.60 17.73 26.28
CA ALA C 295 -9.94 18.32 26.19
C ALA C 295 -9.90 19.57 25.31
N ASP C 296 -10.85 19.67 24.40
CA ASP C 296 -10.92 20.83 23.51
C ASP C 296 -11.25 22.13 24.23
N GLN D 22 21.90 19.60 -32.53
CA GLN D 22 22.59 19.25 -33.77
C GLN D 22 21.65 19.29 -34.96
N SER D 23 22.06 18.60 -36.02
CA SER D 23 21.39 18.63 -37.31
C SER D 23 20.19 17.71 -37.40
N MET D 24 19.86 17.02 -36.31
CA MET D 24 19.04 15.82 -36.43
C MET D 24 17.59 16.16 -36.79
N SER D 25 17.05 15.44 -37.76
CA SER D 25 15.67 15.60 -38.17
C SER D 25 14.89 14.41 -37.64
N VAL D 26 13.73 14.67 -37.05
CA VAL D 26 12.92 13.63 -36.43
C VAL D 26 11.54 13.61 -37.06
N GLY D 27 11.04 12.42 -37.35
CA GLY D 27 9.72 12.26 -37.90
C GLY D 27 8.89 11.33 -37.04
N PHE D 28 7.59 11.61 -37.01
CA PHE D 28 6.60 10.76 -36.38
C PHE D 28 5.63 10.31 -37.46
N ILE D 29 5.52 9.01 -37.65
CA ILE D 29 4.40 8.46 -38.40
C ILE D 29 3.34 8.13 -37.37
N GLY D 30 2.24 8.88 -37.42
CA GLY D 30 1.33 9.01 -36.31
C GLY D 30 1.46 10.37 -35.65
N ALA D 31 0.32 10.99 -35.37
CA ALA D 31 0.30 12.30 -34.72
C ALA D 31 -0.71 12.30 -33.59
N GLY D 32 -0.76 11.20 -32.83
CA GLY D 32 -1.65 11.04 -31.71
C GLY D 32 -0.99 11.44 -30.39
N GLN D 33 -1.52 10.85 -29.31
CA GLN D 33 -1.10 11.21 -27.96
C GLN D 33 0.41 11.06 -27.78
N LEU D 34 0.97 9.96 -28.25
CA LEU D 34 2.38 9.72 -27.96
C LEU D 34 3.30 10.60 -28.79
N ALA D 35 2.99 10.81 -30.07
CA ALA D 35 3.75 11.75 -30.87
C ALA D 35 3.71 13.14 -30.27
N PHE D 36 2.53 13.58 -29.85
CA PHE D 36 2.47 14.90 -29.22
C PHE D 36 3.31 14.92 -27.95
N ALA D 37 3.16 13.90 -27.11
CA ALA D 37 3.87 13.91 -25.83
C ALA D 37 5.38 13.95 -26.06
N LEU D 38 5.89 13.15 -27.01
CA LEU D 38 7.33 13.13 -27.27
C LEU D 38 7.81 14.43 -27.88
N ALA D 39 7.10 14.96 -28.88
CA ALA D 39 7.48 16.22 -29.48
C ALA D 39 7.47 17.35 -28.44
N LYS D 40 6.44 17.39 -27.59
CA LYS D 40 6.41 18.42 -26.56
C LYS D 40 7.58 18.28 -25.61
N GLY D 41 7.85 17.05 -25.16
CA GLY D 41 8.98 16.82 -24.25
C GLY D 41 10.32 17.18 -24.87
N PHE D 42 10.55 16.74 -26.11
CA PHE D 42 11.83 17.00 -26.77
C PHE D 42 12.05 18.50 -26.94
N THR D 43 11.01 19.23 -27.37
CA THR D 43 11.18 20.66 -27.59
C THR D 43 11.33 21.42 -26.28
N ALA D 44 10.59 21.02 -25.23
CA ALA D 44 10.79 21.65 -23.94
C ALA D 44 12.17 21.36 -23.37
N ALA D 45 12.71 20.17 -23.66
CA ALA D 45 14.06 19.82 -23.23
C ALA D 45 15.13 20.63 -23.94
N GLY D 46 14.78 21.29 -25.05
CA GLY D 46 15.79 21.98 -25.85
C GLY D 46 16.65 21.08 -26.72
N VAL D 47 16.33 19.79 -26.84
CA VAL D 47 17.18 18.90 -27.63
C VAL D 47 16.83 18.90 -29.10
N LEU D 48 15.64 19.35 -29.46
CA LEU D 48 15.17 19.43 -30.85
C LEU D 48 14.44 20.74 -31.01
N ALA D 49 14.68 21.43 -32.11
CA ALA D 49 13.83 22.53 -32.52
C ALA D 49 12.58 21.98 -33.21
N ALA D 50 11.43 22.61 -32.95
CA ALA D 50 10.17 22.10 -33.48
C ALA D 50 10.16 22.01 -35.01
N HIS D 51 10.84 22.92 -35.72
CA HIS D 51 10.86 22.86 -37.17
C HIS D 51 11.67 21.68 -37.70
N LYS D 52 12.46 21.03 -36.84
CA LYS D 52 13.16 19.80 -37.21
C LYS D 52 12.30 18.57 -37.02
N ILE D 53 11.02 18.74 -36.65
CA ILE D 53 10.11 17.64 -36.42
C ILE D 53 9.01 17.67 -37.48
N MET D 54 8.72 16.52 -38.07
CA MET D 54 7.60 16.38 -38.99
C MET D 54 6.73 15.23 -38.49
N ALA D 55 5.42 15.41 -38.58
CA ALA D 55 4.49 14.36 -38.16
C ALA D 55 3.47 14.16 -39.26
N SER D 56 3.09 12.92 -39.49
CA SER D 56 2.06 12.63 -40.47
C SER D 56 0.91 11.87 -39.83
N SER D 57 -0.29 12.13 -40.35
CA SER D 57 -1.49 11.52 -39.83
C SER D 57 -2.55 11.51 -40.92
N PRO D 58 -3.34 10.44 -41.05
CA PRO D 58 -4.47 10.46 -41.98
C PRO D 58 -5.65 11.29 -41.52
N ASP D 59 -5.57 11.92 -40.36
CA ASP D 59 -6.70 12.62 -39.74
C ASP D 59 -6.14 13.88 -39.09
N MET D 60 -6.26 15.02 -39.78
CA MET D 60 -5.80 16.27 -39.22
C MET D 60 -6.87 16.98 -38.41
N ASP D 61 -7.82 16.23 -37.86
CA ASP D 61 -8.84 16.78 -37.01
C ASP D 61 -8.55 16.52 -35.54
N LEU D 62 -7.55 15.70 -35.25
CA LEU D 62 -7.19 15.39 -33.88
C LEU D 62 -6.71 16.63 -33.15
N ALA D 63 -7.06 16.73 -31.86
CA ALA D 63 -6.56 17.84 -31.07
C ALA D 63 -5.06 17.77 -30.90
N THR D 64 -4.48 16.56 -30.97
CA THR D 64 -3.03 16.43 -30.91
C THR D 64 -2.38 17.06 -32.14
N VAL D 65 -3.04 16.96 -33.29
CA VAL D 65 -2.52 17.57 -34.52
C VAL D 65 -2.54 19.09 -34.41
N SER D 66 -3.63 19.65 -33.90
CA SER D 66 -3.71 21.10 -33.73
C SER D 66 -2.68 21.61 -32.74
N ALA D 67 -2.39 20.83 -31.69
CA ALA D 67 -1.38 21.23 -30.71
C ALA D 67 0.02 21.19 -31.32
N LEU D 68 0.30 20.15 -32.12
CA LEU D 68 1.59 20.04 -32.80
C LEU D 68 1.82 21.22 -33.74
N ARG D 69 0.76 21.65 -34.44
CA ARG D 69 0.88 22.78 -35.36
C ARG D 69 1.29 24.05 -34.62
N LYS D 70 0.63 24.32 -33.49
CA LYS D 70 0.92 25.50 -32.69
C LYS D 70 2.35 25.49 -32.15
N MET D 71 2.89 24.30 -31.85
CA MET D 71 4.28 24.14 -31.43
C MET D 71 5.27 24.51 -32.53
N GLY D 72 4.85 24.50 -33.78
CA GLY D 72 5.77 24.69 -34.89
C GLY D 72 6.22 23.41 -35.56
N VAL D 73 5.61 22.28 -35.22
CA VAL D 73 5.92 21.01 -35.87
C VAL D 73 5.34 21.02 -37.28
N LYS D 74 6.09 20.47 -38.24
CA LYS D 74 5.60 20.34 -39.61
C LYS D 74 4.64 19.16 -39.68
N LEU D 75 3.48 19.36 -40.31
CA LEU D 75 2.45 18.34 -40.44
C LEU D 75 2.21 18.04 -41.91
N THR D 76 1.95 16.76 -42.21
CA THR D 76 1.68 16.36 -43.58
C THR D 76 0.77 15.15 -43.57
N PRO D 77 -0.12 15.02 -44.56
CA PRO D 77 -0.89 13.78 -44.68
C PRO D 77 -0.09 12.62 -45.25
N HIS D 78 1.12 12.85 -45.75
CA HIS D 78 1.85 11.84 -46.51
C HIS D 78 2.95 11.25 -45.65
N ASN D 79 2.82 9.96 -45.31
CA ASN D 79 3.87 9.28 -44.56
C ASN D 79 5.20 9.29 -45.33
N LYS D 80 5.16 9.29 -46.67
CA LYS D 80 6.42 9.31 -47.43
C LYS D 80 7.19 10.62 -47.22
N GLU D 81 6.49 11.75 -47.10
CA GLU D 81 7.18 13.01 -46.83
C GLU D 81 7.87 12.96 -45.46
N THR D 82 7.19 12.38 -44.47
CA THR D 82 7.83 12.23 -43.15
C THR D 82 9.10 11.42 -43.26
N VAL D 83 9.08 10.33 -44.01
CA VAL D 83 10.28 9.52 -44.18
C VAL D 83 11.38 10.33 -44.84
N GLN D 84 11.04 11.05 -45.91
CA GLN D 84 12.06 11.83 -46.62
C GLN D 84 12.66 12.94 -45.74
N HIS D 85 11.87 13.49 -44.84
CA HIS D 85 12.33 14.56 -43.96
C HIS D 85 13.25 14.06 -42.85
N SER D 86 13.12 12.79 -42.46
CA SER D 86 13.61 12.35 -41.16
C SER D 86 14.93 11.59 -41.26
N ASP D 87 15.69 11.68 -40.18
CA ASP D 87 16.80 10.77 -39.88
C ASP D 87 16.36 9.70 -38.88
N VAL D 88 15.80 10.14 -37.77
CA VAL D 88 15.18 9.26 -36.78
C VAL D 88 13.69 9.26 -37.04
N LEU D 89 13.14 8.07 -37.26
CA LEU D 89 11.73 7.90 -37.63
C LEU D 89 11.00 7.10 -36.55
N PHE D 90 10.14 7.77 -35.79
CA PHE D 90 9.30 7.12 -34.78
C PHE D 90 8.04 6.61 -35.44
N LEU D 91 7.72 5.34 -35.21
CA LEU D 91 6.45 4.75 -35.63
C LEU D 91 5.57 4.85 -34.39
N ALA D 92 4.72 5.87 -34.37
CA ALA D 92 3.88 6.16 -33.21
C ALA D 92 2.43 5.90 -33.57
N VAL D 93 2.17 4.75 -34.18
CA VAL D 93 0.82 4.33 -34.55
C VAL D 93 0.48 3.09 -33.75
N LYS D 94 -0.80 2.70 -33.83
CA LYS D 94 -1.27 1.51 -33.15
C LYS D 94 -0.59 0.26 -33.71
N PRO D 95 -0.42 -0.78 -32.87
CA PRO D 95 0.20 -2.04 -33.34
C PRO D 95 -0.38 -2.61 -34.62
N HIS D 96 -1.69 -2.64 -34.79
CA HIS D 96 -2.22 -3.24 -36.01
C HIS D 96 -1.99 -2.36 -37.25
N ILE D 97 -1.61 -1.11 -37.07
CA ILE D 97 -1.33 -0.20 -38.18
C ILE D 97 0.12 -0.33 -38.67
N ILE D 98 1.03 -0.79 -37.80
CA ILE D 98 2.44 -0.91 -38.18
C ILE D 98 2.66 -1.65 -39.51
N PRO D 99 2.12 -2.85 -39.74
CA PRO D 99 2.41 -3.51 -41.03
C PRO D 99 2.02 -2.67 -42.21
N PHE D 100 0.93 -1.90 -42.09
CA PHE D 100 0.50 -1.08 -43.22
C PHE D 100 1.50 0.03 -43.49
N ILE D 101 2.03 0.65 -42.43
CA ILE D 101 3.03 1.69 -42.62
C ILE D 101 4.27 1.11 -43.29
N LEU D 102 4.73 -0.05 -42.80
CA LEU D 102 5.97 -0.63 -43.30
C LEU D 102 5.86 -0.96 -44.79
N ASP D 103 4.70 -1.47 -45.21
CA ASP D 103 4.49 -1.75 -46.63
C ASP D 103 4.49 -0.47 -47.45
N GLU D 104 3.90 0.60 -46.92
CA GLU D 104 3.75 1.85 -47.67
C GLU D 104 5.09 2.55 -47.87
N ILE D 105 5.92 2.62 -46.84
CA ILE D 105 7.13 3.43 -46.86
C ILE D 105 8.39 2.60 -46.89
N GLY D 106 8.30 1.28 -46.96
CA GLY D 106 9.49 0.45 -46.92
C GLY D 106 10.51 0.81 -47.99
N ALA D 107 10.05 1.13 -49.20
CA ALA D 107 10.97 1.44 -50.28
C ALA D 107 11.61 2.81 -50.13
N ASP D 108 11.14 3.62 -49.20
CA ASP D 108 11.65 4.96 -48.96
C ASP D 108 12.66 5.01 -47.83
N ILE D 109 12.88 3.88 -47.14
CA ILE D 109 13.89 3.82 -46.09
C ILE D 109 15.28 3.84 -46.73
N GLU D 110 16.14 4.70 -46.20
CA GLU D 110 17.50 4.87 -46.67
C GLU D 110 18.47 4.40 -45.59
N ASP D 111 19.75 4.34 -45.96
CA ASP D 111 20.78 3.91 -45.01
C ASP D 111 20.82 4.79 -43.77
N ARG D 112 20.56 6.09 -43.91
CA ARG D 112 20.66 6.98 -42.77
C ARG D 112 19.57 6.74 -41.72
N HIS D 113 18.50 6.02 -42.04
CA HIS D 113 17.33 6.00 -41.15
C HIS D 113 17.56 5.10 -39.94
N ILE D 114 17.15 5.59 -38.78
CA ILE D 114 16.88 4.76 -37.60
C ILE D 114 15.38 4.72 -37.42
N VAL D 115 14.82 3.52 -37.49
CA VAL D 115 13.38 3.32 -37.36
C VAL D 115 13.12 2.90 -35.92
N VAL D 116 12.35 3.71 -35.19
CA VAL D 116 12.07 3.49 -33.78
C VAL D 116 10.60 3.16 -33.66
N SER D 117 10.28 1.91 -33.38
CA SER D 117 8.89 1.52 -33.23
C SER D 117 8.45 1.74 -31.78
N CYS D 118 7.33 2.43 -31.61
CA CYS D 118 6.77 2.65 -30.27
C CYS D 118 5.56 1.79 -29.99
N ALA D 119 5.12 0.97 -30.94
CA ALA D 119 3.89 0.26 -30.78
C ALA D 119 4.04 -0.87 -29.77
N ALA D 120 3.02 -1.05 -28.93
CA ALA D 120 3.04 -2.14 -27.96
C ALA D 120 3.04 -3.49 -28.66
N GLY D 121 3.89 -4.38 -28.15
CA GLY D 121 3.84 -5.76 -28.55
C GLY D 121 4.54 -6.14 -29.85
N VAL D 122 4.84 -5.19 -30.73
CA VAL D 122 5.33 -5.47 -32.09
C VAL D 122 6.84 -5.70 -32.03
N THR D 123 7.29 -6.86 -32.52
CA THR D 123 8.67 -7.26 -32.29
C THR D 123 9.62 -6.67 -33.33
N ILE D 124 10.86 -6.53 -32.91
CA ILE D 124 11.92 -6.10 -33.82
C ILE D 124 11.99 -7.02 -35.03
N SER D 125 11.95 -8.34 -34.78
CA SER D 125 12.13 -9.26 -35.89
C SER D 125 11.01 -9.12 -36.92
N SER D 126 9.77 -8.86 -36.48
CA SER D 126 8.69 -8.69 -37.45
C SER D 126 8.90 -7.42 -38.28
N ILE D 127 9.42 -6.35 -37.68
CA ILE D 127 9.66 -5.11 -38.42
C ILE D 127 10.81 -5.30 -39.41
N GLU D 128 11.90 -5.90 -38.93
CA GLU D 128 13.05 -6.17 -39.80
C GLU D 128 12.66 -7.07 -40.96
N LYS D 129 11.83 -8.08 -40.71
CA LYS D 129 11.44 -8.97 -41.80
C LYS D 129 10.69 -8.19 -42.89
N LYS D 130 9.79 -7.31 -42.48
CA LYS D 130 9.02 -6.51 -43.44
C LYS D 130 9.93 -5.56 -44.20
N LEU D 131 10.80 -4.84 -43.49
CA LEU D 131 11.63 -3.82 -44.12
C LEU D 131 12.75 -4.44 -44.96
N SER D 132 13.25 -5.62 -44.59
CA SER D 132 14.33 -6.23 -45.35
C SER D 132 13.88 -6.67 -46.74
N ALA D 133 12.58 -6.78 -46.98
CA ALA D 133 12.11 -7.03 -48.34
C ALA D 133 12.49 -5.88 -49.27
N PHE D 134 12.79 -4.70 -48.74
CA PHE D 134 13.11 -3.54 -49.55
C PHE D 134 14.61 -3.22 -49.56
N ARG D 135 15.26 -3.26 -48.39
CA ARG D 135 16.67 -2.93 -48.23
C ARG D 135 17.16 -3.84 -47.10
N PRO D 136 18.39 -4.37 -47.20
CA PRO D 136 18.74 -5.56 -46.39
C PRO D 136 19.04 -5.40 -44.91
N ALA D 137 19.52 -4.23 -44.50
CA ALA D 137 19.99 -4.03 -43.13
C ALA D 137 19.32 -2.82 -42.48
N PRO D 138 17.99 -2.85 -42.31
CA PRO D 138 17.33 -1.70 -41.67
C PRO D 138 17.74 -1.57 -40.21
N ARG D 139 17.97 -0.33 -39.77
CA ARG D 139 18.36 -0.04 -38.39
C ARG D 139 17.08 0.18 -37.60
N VAL D 140 16.75 -0.76 -36.72
CA VAL D 140 15.48 -0.77 -36.02
C VAL D 140 15.74 -0.72 -34.52
N ILE D 141 14.97 0.12 -33.82
CA ILE D 141 14.94 0.16 -32.36
C ILE D 141 13.50 0.02 -31.92
N ARG D 142 13.26 -0.77 -30.88
CA ARG D 142 11.95 -0.85 -30.29
C ARG D 142 11.97 -0.11 -28.96
N CYS D 143 10.98 0.76 -28.72
CA CYS D 143 10.94 1.41 -27.42
C CYS D 143 9.56 1.28 -26.80
N MET D 144 9.52 1.43 -25.49
CA MET D 144 8.27 1.47 -24.75
C MET D 144 8.40 2.69 -23.86
N THR D 145 7.56 3.69 -24.11
CA THR D 145 7.64 4.92 -23.32
C THR D 145 6.24 5.23 -22.82
N ASN D 146 6.02 6.40 -22.23
CA ASN D 146 4.71 6.65 -21.67
C ASN D 146 4.41 8.15 -21.74
N THR D 147 3.15 8.50 -21.44
CA THR D 147 2.68 9.87 -21.63
CA THR D 147 2.72 9.88 -21.67
C THR D 147 3.45 10.91 -20.81
N PRO D 148 3.98 10.61 -19.61
CA PRO D 148 4.66 11.66 -18.85
C PRO D 148 5.95 12.20 -19.48
N VAL D 149 6.40 11.69 -20.64
CA VAL D 149 7.44 12.42 -21.36
C VAL D 149 7.00 13.85 -21.66
N VAL D 150 5.69 14.11 -21.70
CA VAL D 150 5.18 15.46 -21.98
C VAL D 150 5.57 16.45 -20.90
N VAL D 151 5.84 15.99 -19.68
CA VAL D 151 6.39 16.85 -18.62
C VAL D 151 7.82 16.45 -18.30
N ARG D 152 8.47 15.73 -19.22
CA ARG D 152 9.88 15.31 -19.09
C ARG D 152 10.10 14.42 -17.87
N GLU D 153 9.11 13.61 -17.52
CA GLU D 153 9.26 12.64 -16.45
C GLU D 153 8.77 11.29 -16.93
N GLY D 154 9.08 10.95 -18.17
CA GLY D 154 8.70 9.67 -18.73
C GLY D 154 9.53 8.55 -18.18
N ALA D 155 9.09 7.32 -18.50
CA ALA D 155 9.83 6.11 -18.22
C ALA D 155 9.91 5.37 -19.54
N THR D 156 11.13 5.21 -20.05
CA THR D 156 11.35 4.62 -21.36
C THR D 156 12.35 3.49 -21.27
N VAL D 157 12.07 2.38 -21.95
CA VAL D 157 13.10 1.39 -22.22
C VAL D 157 13.20 1.21 -23.73
N TYR D 158 14.35 0.71 -24.17
CA TYR D 158 14.52 0.41 -25.59
C TYR D 158 15.36 -0.84 -25.76
N ALA D 159 15.17 -1.49 -26.91
CA ALA D 159 16.05 -2.59 -27.31
C ALA D 159 16.51 -2.34 -28.74
N THR D 160 17.77 -2.65 -29.02
CA THR D 160 18.32 -2.42 -30.35
C THR D 160 18.20 -3.67 -31.21
N GLY D 161 17.90 -3.48 -32.50
CA GLY D 161 17.75 -4.57 -33.45
C GLY D 161 19.06 -5.10 -34.00
N THR D 162 18.92 -6.03 -34.96
CA THR D 162 20.05 -6.78 -35.50
C THR D 162 21.08 -5.86 -36.14
N HIS D 163 20.63 -4.83 -36.84
CA HIS D 163 21.52 -4.00 -37.64
C HIS D 163 21.73 -2.61 -37.05
N ALA D 164 21.25 -2.37 -35.84
CA ALA D 164 21.51 -1.09 -35.18
C ALA D 164 23.02 -0.90 -35.03
N GLN D 165 23.52 0.26 -35.45
CA GLN D 165 24.94 0.54 -35.26
C GLN D 165 25.21 0.84 -33.78
N VAL D 166 26.49 0.73 -33.39
CA VAL D 166 26.82 0.83 -31.97
C VAL D 166 26.37 2.18 -31.42
N GLU D 167 26.48 3.22 -32.22
CA GLU D 167 26.06 4.56 -31.82
C GLU D 167 24.55 4.76 -31.85
N ASP D 168 23.79 3.85 -32.47
CA ASP D 168 22.35 4.07 -32.58
C ASP D 168 21.68 3.96 -31.21
N GLY D 169 22.06 2.98 -30.40
CA GLY D 169 21.50 2.86 -29.06
C GLY D 169 21.89 4.02 -28.18
N ARG D 170 23.14 4.47 -28.29
CA ARG D 170 23.60 5.61 -27.49
C ARG D 170 22.84 6.87 -27.85
N LEU D 171 22.64 7.12 -29.15
CA LEU D 171 21.85 8.27 -29.58
C LEU D 171 20.42 8.19 -29.07
N MET D 172 19.79 7.02 -29.18
CA MET D 172 18.43 6.83 -28.67
CA MET D 172 18.42 6.98 -28.70
C MET D 172 18.35 7.14 -27.19
N GLU D 173 19.35 6.66 -26.43
CA GLU D 173 19.29 6.86 -24.99
C GLU D 173 19.51 8.32 -24.64
N GLN D 174 20.38 9.02 -25.38
CA GLN D 174 20.58 10.44 -25.12
C GLN D 174 19.30 11.22 -25.41
N LEU D 175 18.65 10.90 -26.53
CA LEU D 175 17.41 11.59 -26.87
C LEU D 175 16.31 11.32 -25.85
N LEU D 176 16.07 10.05 -25.51
CA LEU D 176 14.95 9.75 -24.64
C LEU D 176 15.23 10.08 -23.18
N SER D 177 16.50 10.14 -22.77
CA SER D 177 16.81 10.57 -21.41
C SER D 177 16.50 12.03 -21.18
N SER D 178 16.38 12.82 -22.24
CA SER D 178 16.06 14.23 -22.08
C SER D 178 14.62 14.44 -21.63
N VAL D 179 13.78 13.40 -21.71
CA VAL D 179 12.37 13.51 -21.34
C VAL D 179 11.98 12.53 -20.25
N GLY D 180 12.95 11.93 -19.55
CA GLY D 180 12.63 11.05 -18.43
C GLY D 180 13.70 9.99 -18.25
N PHE D 181 13.38 8.99 -17.45
CA PHE D 181 14.25 7.84 -17.27
C PHE D 181 14.32 7.05 -18.57
N CYS D 182 15.52 6.60 -18.93
CA CYS D 182 15.67 5.76 -20.10
C CYS D 182 16.77 4.74 -19.89
N THR D 183 16.50 3.48 -20.23
CA THR D 183 17.56 2.48 -20.15
C THR D 183 17.34 1.41 -21.20
N GLU D 184 18.45 0.78 -21.62
CA GLU D 184 18.38 -0.33 -22.56
C GLU D 184 17.94 -1.59 -21.84
N VAL D 185 17.12 -2.41 -22.51
CA VAL D 185 16.73 -3.72 -21.98
C VAL D 185 16.79 -4.72 -23.10
N GLU D 186 16.86 -6.00 -22.70
CA GLU D 186 16.61 -7.08 -23.64
C GLU D 186 15.18 -6.98 -24.12
N GLU D 187 14.97 -7.28 -25.40
CA GLU D 187 13.64 -7.09 -25.99
C GLU D 187 12.58 -7.93 -25.28
N ASP D 188 12.94 -9.10 -24.76
CA ASP D 188 11.89 -9.91 -24.15
C ASP D 188 11.36 -9.35 -22.82
N LEU D 189 11.85 -8.19 -22.35
CA LEU D 189 11.28 -7.54 -21.17
C LEU D 189 10.24 -6.48 -21.54
N ILE D 190 10.10 -6.14 -22.83
CA ILE D 190 9.36 -4.92 -23.14
C ILE D 190 7.85 -5.11 -22.95
N ASP D 191 7.30 -6.31 -23.18
CA ASP D 191 5.88 -6.51 -22.89
C ASP D 191 5.59 -6.31 -21.41
N ALA D 192 6.48 -6.79 -20.53
CA ALA D 192 6.29 -6.57 -19.10
C ALA D 192 6.43 -5.09 -18.73
N VAL D 193 7.39 -4.39 -19.34
CA VAL D 193 7.49 -2.94 -19.09
C VAL D 193 6.20 -2.23 -19.49
N THR D 194 5.60 -2.64 -20.63
CA THR D 194 4.35 -2.03 -21.06
C THR D 194 3.28 -2.14 -19.97
N GLY D 195 3.18 -3.31 -19.35
CA GLY D 195 2.18 -3.50 -18.30
C GLY D 195 2.44 -2.68 -17.05
N LEU D 196 3.70 -2.31 -16.83
CA LEU D 196 4.10 -1.59 -15.61
C LEU D 196 4.17 -0.08 -15.86
N SER D 197 5.16 0.42 -16.62
CA SER D 197 5.27 1.86 -16.82
C SER D 197 4.55 2.37 -18.06
N GLY D 198 4.28 1.53 -19.07
CA GLY D 198 3.51 2.03 -20.20
C GLY D 198 2.07 2.32 -19.80
N SER D 199 1.41 1.34 -19.20
CA SER D 199 0.04 1.51 -18.70
C SER D 199 0.00 2.20 -17.35
N GLY D 200 1.12 2.20 -16.61
CA GLY D 200 1.15 2.70 -15.24
C GLY D 200 0.52 4.06 -14.98
N PRO D 201 0.73 5.05 -15.86
CA PRO D 201 0.11 6.36 -15.59
C PRO D 201 -1.40 6.28 -15.46
N ALA D 202 -2.07 5.39 -16.21
CA ALA D 202 -3.53 5.25 -16.07
C ALA D 202 -3.90 4.67 -14.73
N TYR D 203 -3.08 3.76 -14.17
CA TYR D 203 -3.37 3.28 -12.82
C TYR D 203 -3.28 4.42 -11.83
N ALA D 204 -2.28 5.29 -12.00
CA ALA D 204 -2.12 6.45 -11.12
C ALA D 204 -3.27 7.44 -11.29
N PHE D 205 -3.69 7.72 -12.53
CA PHE D 205 -4.81 8.66 -12.70
C PHE D 205 -6.08 8.14 -12.05
N THR D 206 -6.33 6.84 -12.16
CA THR D 206 -7.46 6.21 -11.47
C THR D 206 -7.33 6.38 -9.96
N ALA D 207 -6.15 6.06 -9.43
CA ALA D 207 -5.88 6.17 -8.00
C ALA D 207 -6.09 7.61 -7.53
N LEU D 208 -5.64 8.58 -8.32
CA LEU D 208 -5.75 9.99 -7.90
C LEU D 208 -7.19 10.46 -7.89
N ASP D 209 -7.99 10.02 -8.88
CA ASP D 209 -9.42 10.34 -8.88
C ASP D 209 -10.10 9.77 -7.64
N ALA D 210 -9.77 8.53 -7.28
CA ALA D 210 -10.41 7.88 -6.14
C ALA D 210 -9.96 8.50 -4.81
N LEU D 211 -8.66 8.79 -4.70
CA LEU D 211 -8.16 9.45 -3.49
C LEU D 211 -8.83 10.80 -3.32
N ALA D 212 -9.01 11.53 -4.42
CA ALA D 212 -9.73 12.81 -4.34
C ALA D 212 -11.18 12.61 -3.91
N ASP D 213 -11.85 11.58 -4.46
CA ASP D 213 -13.20 11.24 -3.97
C ASP D 213 -13.20 10.96 -2.47
N GLY D 214 -12.16 10.27 -1.97
CA GLY D 214 -12.07 10.01 -0.54
C GLY D 214 -11.93 11.29 0.26
N GLY D 215 -11.10 12.23 -0.24
CA GLY D 215 -10.98 13.54 0.40
C GLY D 215 -12.29 14.29 0.42
N VAL D 216 -13.01 14.26 -0.71
CA VAL D 216 -14.32 14.92 -0.79
C VAL D 216 -15.30 14.27 0.19
N LYS D 217 -15.31 12.93 0.27
CA LYS D 217 -16.22 12.27 1.22
C LYS D 217 -15.98 12.77 2.64
N MET D 218 -14.74 13.00 3.00
CA MET D 218 -14.37 13.44 4.36
C MET D 218 -14.43 14.95 4.52
N GLY D 219 -14.91 15.68 3.51
CA GLY D 219 -15.20 17.09 3.70
C GLY D 219 -14.29 18.07 2.96
N LEU D 220 -13.31 17.59 2.17
CA LEU D 220 -12.46 18.54 1.45
C LEU D 220 -13.12 19.01 0.15
N PRO D 221 -12.89 20.26 -0.24
CA PRO D 221 -13.22 20.68 -1.61
C PRO D 221 -12.47 19.84 -2.64
N ARG D 222 -13.15 19.58 -3.77
CA ARG D 222 -12.59 18.73 -4.82
CA ARG D 222 -12.56 18.68 -4.77
C ARG D 222 -11.22 19.21 -5.29
N ARG D 223 -11.11 20.52 -5.57
CA ARG D 223 -9.86 21.02 -6.13
C ARG D 223 -8.69 20.82 -5.17
N LEU D 224 -8.93 21.07 -3.87
CA LEU D 224 -7.89 20.85 -2.87
C LEU D 224 -7.55 19.38 -2.74
N ALA D 225 -8.57 18.50 -2.73
CA ALA D 225 -8.34 17.07 -2.61
C ALA D 225 -7.49 16.54 -3.78
N VAL D 226 -7.76 17.00 -5.01
CA VAL D 226 -6.96 16.54 -6.17
C VAL D 226 -5.50 16.96 -6.01
N ARG D 227 -5.28 18.23 -5.63
CA ARG D 227 -3.93 18.77 -5.46
C ARG D 227 -3.15 18.00 -4.38
N LEU D 228 -3.77 17.79 -3.21
CA LEU D 228 -3.08 17.10 -2.14
C LEU D 228 -2.78 15.64 -2.50
N GLY D 229 -3.72 14.94 -3.12
CA GLY D 229 -3.48 13.56 -3.48
C GLY D 229 -2.35 13.46 -4.51
N ALA D 230 -2.39 14.32 -5.51
CA ALA D 230 -1.33 14.28 -6.51
C ALA D 230 0.01 14.67 -5.91
N GLN D 231 0.04 15.66 -5.02
CA GLN D 231 1.32 16.03 -4.41
C GLN D 231 1.84 14.89 -3.53
N ALA D 232 0.92 14.21 -2.82
CA ALA D 232 1.30 13.06 -2.00
C ALA D 232 1.93 11.95 -2.84
N LEU D 233 1.33 11.66 -4.00
CA LEU D 233 1.86 10.64 -4.90
CA LEU D 233 1.89 10.61 -4.84
C LEU D 233 3.21 11.04 -5.47
N LEU D 234 3.32 12.29 -5.95
CA LEU D 234 4.59 12.77 -6.49
C LEU D 234 5.70 12.72 -5.45
N GLY D 235 5.43 13.24 -4.24
CA GLY D 235 6.48 13.28 -3.24
C GLY D 235 6.92 11.88 -2.81
N ALA D 236 5.97 10.95 -2.66
CA ALA D 236 6.33 9.59 -2.27
C ALA D 236 7.19 8.92 -3.33
N ALA D 237 6.81 9.10 -4.61
CA ALA D 237 7.58 8.49 -5.69
C ALA D 237 8.97 9.10 -5.73
N LYS D 238 9.07 10.42 -5.52
CA LYS D 238 10.39 11.03 -5.51
C LYS D 238 11.23 10.50 -4.36
N MET D 239 10.61 10.31 -3.18
CA MET D 239 11.35 9.74 -2.05
C MET D 239 11.94 8.39 -2.39
N LEU D 240 11.13 7.51 -2.99
CA LEU D 240 11.63 6.17 -3.32
C LEU D 240 12.74 6.23 -4.35
N LEU D 241 12.61 7.10 -5.35
CA LEU D 241 13.66 7.21 -6.37
C LEU D 241 14.97 7.73 -5.79
N HIS D 242 14.91 8.50 -4.71
CA HIS D 242 16.10 9.07 -4.12
C HIS D 242 16.60 8.29 -2.90
N SER D 243 15.95 7.20 -2.55
CA SER D 243 16.26 6.43 -1.35
C SER D 243 16.99 5.14 -1.71
N GLU D 244 17.85 4.69 -0.80
CA GLU D 244 18.38 3.33 -0.90
C GLU D 244 17.50 2.32 -0.18
N GLN D 245 16.39 2.75 0.40
CA GLN D 245 15.57 1.87 1.22
C GLN D 245 14.48 1.18 0.43
N HIS D 246 14.09 0.02 0.94
CA HIS D 246 12.98 -0.72 0.39
C HIS D 246 11.68 0.06 0.54
N PRO D 247 10.76 -0.02 -0.41
CA PRO D 247 9.45 0.66 -0.23
C PRO D 247 8.73 0.24 1.05
N GLY D 248 8.93 -0.98 1.51
CA GLY D 248 8.35 -1.38 2.79
C GLY D 248 8.92 -0.63 3.98
N GLN D 249 10.22 -0.30 3.95
CA GLN D 249 10.79 0.48 5.05
C GLN D 249 10.24 1.90 5.03
N LEU D 250 10.07 2.48 3.83
CA LEU D 250 9.53 3.82 3.78
C LEU D 250 8.08 3.82 4.26
N LYS D 251 7.34 2.77 3.94
CA LYS D 251 5.99 2.59 4.48
C LYS D 251 6.02 2.53 6.02
N ASP D 252 6.91 1.72 6.56
CA ASP D 252 7.04 1.63 8.01
C ASP D 252 7.33 3.00 8.64
N ASN D 253 8.11 3.84 7.94
CA ASN D 253 8.48 5.14 8.49
C ASN D 253 7.32 6.13 8.58
N VAL D 254 6.26 5.93 7.80
CA VAL D 254 5.09 6.82 7.80
C VAL D 254 4.17 6.50 8.99
N SER D 255 4.08 5.22 9.39
CA SER D 255 3.00 4.74 10.25
C SER D 255 3.42 4.72 11.71
N SER D 256 2.91 5.61 12.47
CA SER D 256 3.14 5.53 13.91
C SER D 256 2.23 4.46 14.55
N PRO D 257 2.72 3.83 15.62
CA PRO D 257 1.96 2.73 16.24
C PRO D 257 0.58 3.19 16.69
N GLY D 258 -0.44 2.38 16.37
CA GLY D 258 -1.82 2.70 16.71
C GLY D 258 -2.44 3.83 15.91
N GLY D 259 -1.73 4.37 14.91
CA GLY D 259 -2.07 5.66 14.33
C GLY D 259 -2.99 5.57 13.12
N ALA D 260 -3.17 6.73 12.49
CA ALA D 260 -4.12 6.86 11.38
C ALA D 260 -3.67 6.07 10.16
N THR D 261 -2.38 6.13 9.83
CA THR D 261 -1.89 5.51 8.60
C THR D 261 -2.00 4.00 8.67
N ILE D 262 -1.65 3.40 9.81
CA ILE D 262 -1.69 1.93 9.87
C ILE D 262 -3.14 1.43 9.85
N HIS D 263 -4.08 2.21 10.41
CA HIS D 263 -5.49 1.86 10.27
C HIS D 263 -5.91 1.89 8.79
N ALA D 264 -5.46 2.89 8.03
CA ALA D 264 -5.79 2.93 6.59
C ALA D 264 -5.10 1.81 5.83
N LEU D 265 -3.85 1.49 6.18
CA LEU D 265 -3.17 0.41 5.46
C LEU D 265 -3.90 -0.92 5.66
N HIS D 266 -4.46 -1.14 6.86
CA HIS D 266 -5.22 -2.37 7.09
C HIS D 266 -6.41 -2.47 6.12
N VAL D 267 -7.17 -1.37 5.91
CA VAL D 267 -8.33 -1.49 5.05
C VAL D 267 -7.89 -1.70 3.60
N LEU D 268 -6.74 -1.15 3.18
CA LEU D 268 -6.20 -1.50 1.84
C LEU D 268 -5.90 -2.99 1.75
N GLU D 269 -5.20 -3.52 2.76
CA GLU D 269 -4.88 -4.95 2.75
C GLU D 269 -6.13 -5.82 2.73
N SER D 270 -7.18 -5.44 3.47
CA SER D 270 -8.35 -6.27 3.55
C SER D 270 -9.04 -6.41 2.20
N GLY D 271 -8.88 -5.44 1.32
CA GLY D 271 -9.46 -5.48 0.00
C GLY D 271 -8.51 -6.09 -1.02
N GLY D 272 -7.36 -6.57 -0.58
CA GLY D 272 -6.39 -7.10 -1.57
C GLY D 272 -5.82 -6.08 -2.52
N PHE D 273 -5.63 -4.85 -2.05
CA PHE D 273 -5.05 -3.78 -2.85
C PHE D 273 -3.80 -4.19 -3.62
N ARG D 274 -2.85 -4.85 -2.96
CA ARG D 274 -1.60 -5.21 -3.65
C ARG D 274 -1.88 -6.16 -4.80
N SER D 275 -2.76 -7.14 -4.59
CA SER D 275 -3.06 -8.11 -5.65
C SER D 275 -3.72 -7.45 -6.86
N LEU D 276 -4.50 -6.38 -6.66
CA LEU D 276 -5.14 -5.72 -7.79
C LEU D 276 -4.09 -5.09 -8.69
N LEU D 277 -3.08 -4.48 -8.10
CA LEU D 277 -2.04 -3.87 -8.91
C LEU D 277 -1.19 -4.94 -9.60
N ILE D 278 -0.93 -6.07 -8.94
CA ILE D 278 -0.26 -7.17 -9.65
C ILE D 278 -1.14 -7.65 -10.81
N ASN D 279 -2.44 -7.78 -10.56
CA ASN D 279 -3.37 -8.20 -11.62
C ASN D 279 -3.30 -7.27 -12.82
N ALA D 280 -3.20 -5.97 -12.55
CA ALA D 280 -3.18 -4.97 -13.61
C ALA D 280 -1.93 -5.10 -14.46
N VAL D 281 -0.75 -5.15 -13.82
CA VAL D 281 0.50 -5.30 -14.61
C VAL D 281 0.42 -6.57 -15.46
N GLU D 282 -0.04 -7.67 -14.86
CA GLU D 282 -0.18 -8.94 -15.56
C GLU D 282 -1.14 -8.81 -16.74
N ALA D 283 -2.32 -8.21 -16.51
CA ALA D 283 -3.33 -8.12 -17.58
C ALA D 283 -2.84 -7.28 -18.76
N SER D 284 -2.19 -6.15 -18.47
CA SER D 284 -1.65 -5.32 -19.55
C SER D 284 -0.54 -6.04 -20.31
N CYS D 285 0.36 -6.71 -19.58
CA CYS D 285 1.43 -7.46 -20.24
C CYS D 285 0.86 -8.57 -21.13
N ILE D 286 -0.12 -9.33 -20.61
CA ILE D 286 -0.66 -10.43 -21.42
C ILE D 286 -1.35 -9.89 -22.66
N ARG D 287 -2.12 -8.80 -22.50
CA ARG D 287 -2.80 -8.23 -23.66
C ARG D 287 -1.80 -7.74 -24.70
N THR D 288 -0.69 -7.15 -24.23
CA THR D 288 0.34 -6.68 -25.16
C THR D 288 0.85 -7.81 -26.03
N ARG D 289 1.04 -9.00 -25.46
CA ARG D 289 1.51 -10.14 -26.24
C ARG D 289 0.50 -10.49 -27.32
N GLU D 290 -0.79 -10.27 -27.06
CA GLU D 290 -1.83 -10.54 -28.06
C GLU D 290 -1.92 -9.48 -29.16
N LEU D 291 -1.37 -8.29 -28.94
CA LEU D 291 -1.49 -7.21 -29.92
C LEU D 291 -0.53 -7.34 -31.11
N GLN D 292 0.49 -8.17 -31.01
CA GLN D 292 1.41 -8.32 -32.14
C GLN D 292 0.64 -8.73 -33.39
N SER D 293 0.79 -7.95 -34.46
CA SER D 293 0.02 -8.06 -35.69
C SER D 293 0.76 -8.77 -36.81
N MET D 294 2.08 -8.87 -36.72
CA MET D 294 2.88 -9.42 -37.81
C MET D 294 3.62 -10.67 -37.36
N ALA D 295 4.03 -11.47 -38.34
CA ALA D 295 4.81 -12.66 -38.06
C ALA D 295 6.22 -12.27 -37.63
N ASP D 296 6.68 -12.88 -36.55
CA ASP D 296 8.00 -12.60 -36.01
C ASP D 296 9.12 -13.03 -36.95
N MET E 24 -41.12 40.01 -12.46
CA MET E 24 -40.75 39.60 -11.11
C MET E 24 -39.25 39.36 -11.01
N SER E 25 -38.69 39.62 -9.82
CA SER E 25 -37.27 39.55 -9.59
C SER E 25 -36.92 38.28 -8.82
N VAL E 26 -35.83 37.63 -9.22
CA VAL E 26 -35.35 36.40 -8.61
C VAL E 26 -33.93 36.62 -8.11
N GLY E 27 -33.66 36.16 -6.91
CA GLY E 27 -32.32 36.25 -6.34
C GLY E 27 -31.81 34.91 -5.89
N PHE E 28 -30.49 34.73 -5.98
CA PHE E 28 -29.82 33.56 -5.44
C PHE E 28 -28.83 33.99 -4.38
N ILE E 29 -29.00 33.47 -3.17
CA ILE E 29 -27.95 33.55 -2.15
C ILE E 29 -27.18 32.24 -2.26
N GLY E 30 -25.93 32.34 -2.65
CA GLY E 30 -25.17 31.20 -3.14
C GLY E 30 -24.96 31.34 -4.65
N ALA E 31 -23.76 31.05 -5.08
CA ALA E 31 -23.44 31.11 -6.50
C ALA E 31 -22.63 29.89 -6.90
N GLY E 32 -23.01 28.72 -6.41
CA GLY E 32 -22.34 27.48 -6.74
C GLY E 32 -23.01 26.81 -7.92
N GLN E 33 -22.80 25.49 -8.02
CA GLN E 33 -23.28 24.73 -9.18
C GLN E 33 -24.79 24.86 -9.35
N LEU E 34 -25.56 24.77 -8.28
CA LEU E 34 -27.01 24.72 -8.46
C LEU E 34 -27.57 26.08 -8.85
N ALA E 35 -27.11 27.16 -8.21
CA ALA E 35 -27.57 28.49 -8.59
C ALA E 35 -27.28 28.78 -10.07
N PHE E 36 -26.07 28.46 -10.53
CA PHE E 36 -25.76 28.65 -11.95
C PHE E 36 -26.70 27.84 -12.82
N ALA E 37 -26.92 26.58 -12.46
CA ALA E 37 -27.76 25.73 -13.30
C ALA E 37 -29.18 26.30 -13.40
N LEU E 38 -29.74 26.76 -12.27
CA LEU E 38 -31.09 27.33 -12.29
C LEU E 38 -31.13 28.64 -13.08
N ALA E 39 -30.16 29.53 -12.85
CA ALA E 39 -30.13 30.77 -13.60
C ALA E 39 -30.01 30.52 -15.10
N LYS E 40 -29.12 29.60 -15.51
CA LYS E 40 -28.99 29.29 -16.93
C LYS E 40 -30.28 28.67 -17.48
N GLY E 41 -30.87 27.72 -16.76
CA GLY E 41 -32.12 27.13 -17.23
C GLY E 41 -33.24 28.15 -17.36
N PHE E 42 -33.43 28.99 -16.33
CA PHE E 42 -34.50 30.00 -16.37
C PHE E 42 -34.30 30.95 -17.54
N THR E 43 -33.06 31.43 -17.74
CA THR E 43 -32.83 32.36 -18.83
C THR E 43 -32.99 31.67 -20.20
N ALA E 44 -32.55 30.42 -20.33
CA ALA E 44 -32.76 29.69 -21.57
C ALA E 44 -34.24 29.40 -21.79
N ALA E 45 -35.01 29.20 -20.72
CA ALA E 45 -36.44 28.98 -20.86
C ALA E 45 -37.17 30.22 -21.31
N GLY E 46 -36.53 31.39 -21.20
CA GLY E 46 -37.19 32.64 -21.52
C GLY E 46 -38.16 33.11 -20.46
N VAL E 47 -38.20 32.47 -19.28
CA VAL E 47 -39.16 32.89 -18.27
C VAL E 47 -38.61 34.04 -17.43
N LEU E 48 -37.29 34.24 -17.45
CA LEU E 48 -36.64 35.31 -16.71
C LEU E 48 -35.56 35.91 -17.60
N ALA E 49 -35.48 37.24 -17.62
CA ALA E 49 -34.33 37.91 -18.22
C ALA E 49 -33.18 37.90 -17.24
N ALA E 50 -31.97 37.67 -17.77
CA ALA E 50 -30.81 37.54 -16.89
C ALA E 50 -30.61 38.77 -16.01
N HIS E 51 -30.93 39.96 -16.51
CA HIS E 51 -30.74 41.16 -15.70
C HIS E 51 -31.75 41.28 -14.56
N LYS E 52 -32.84 40.50 -14.57
CA LYS E 52 -33.75 40.43 -13.43
C LYS E 52 -33.30 39.41 -12.39
N ILE E 53 -32.11 38.84 -12.58
CA ILE E 53 -31.54 37.84 -11.66
C ILE E 53 -30.30 38.43 -11.02
N MET E 54 -30.21 38.29 -9.70
CA MET E 54 -29.02 38.69 -8.94
C MET E 54 -28.56 37.50 -8.11
N ALA E 55 -27.24 37.34 -8.01
CA ALA E 55 -26.66 36.28 -7.21
C ALA E 55 -25.58 36.86 -6.31
N SER E 56 -25.49 36.34 -5.09
CA SER E 56 -24.46 36.75 -4.15
C SER E 56 -23.68 35.53 -3.67
N SER E 57 -22.38 35.75 -3.43
CA SER E 57 -21.47 34.73 -2.94
C SER E 57 -20.30 35.43 -2.26
N PRO E 58 -19.78 34.90 -1.15
CA PRO E 58 -18.59 35.49 -0.53
C PRO E 58 -17.30 35.22 -1.30
N ASP E 59 -17.37 34.51 -2.42
CA ASP E 59 -16.17 34.05 -3.13
C ASP E 59 -16.46 34.17 -4.62
N MET E 60 -15.98 35.25 -5.24
CA MET E 60 -16.20 35.50 -6.66
C MET E 60 -15.11 34.87 -7.53
N ASP E 61 -14.49 33.79 -7.05
CA ASP E 61 -13.52 33.02 -7.82
C ASP E 61 -14.11 31.75 -8.43
N LEU E 62 -15.34 31.40 -8.07
CA LEU E 62 -15.93 30.21 -8.64
C LEU E 62 -16.05 30.38 -10.15
N ALA E 63 -15.83 29.29 -10.88
CA ALA E 63 -16.07 29.35 -12.32
C ALA E 63 -17.54 29.60 -12.59
N THR E 64 -18.39 29.29 -11.59
CA THR E 64 -19.81 29.58 -11.68
C THR E 64 -20.06 31.08 -11.78
N VAL E 65 -19.25 31.88 -11.08
CA VAL E 65 -19.37 33.33 -11.11
C VAL E 65 -19.00 33.90 -12.48
N SER E 66 -17.95 33.36 -13.10
CA SER E 66 -17.48 33.91 -14.38
C SER E 66 -18.54 33.80 -15.47
N ALA E 67 -19.28 32.69 -15.50
CA ALA E 67 -20.31 32.47 -16.51
C ALA E 67 -21.53 33.37 -16.31
N LEU E 68 -21.90 33.63 -15.05
CA LEU E 68 -23.08 34.43 -14.77
C LEU E 68 -23.01 35.82 -15.38
N ARG E 69 -21.83 36.47 -15.32
CA ARG E 69 -21.70 37.77 -15.98
C ARG E 69 -21.92 37.68 -17.49
N LYS E 70 -21.36 36.65 -18.12
CA LYS E 70 -21.57 36.50 -19.56
C LYS E 70 -23.05 36.37 -19.88
N MET E 71 -23.81 35.69 -19.01
CA MET E 71 -25.26 35.59 -19.19
C MET E 71 -25.96 36.94 -19.00
N GLY E 72 -25.38 37.83 -18.22
CA GLY E 72 -26.05 39.06 -17.84
C GLY E 72 -26.66 39.05 -16.46
N VAL E 73 -26.34 38.05 -15.64
CA VAL E 73 -26.83 38.03 -14.26
C VAL E 73 -26.09 39.07 -13.44
N LYS E 74 -26.81 39.78 -12.58
CA LYS E 74 -26.20 40.76 -11.69
C LYS E 74 -25.51 40.03 -10.55
N LEU E 75 -24.29 40.47 -10.21
CA LEU E 75 -23.52 39.83 -9.16
C LEU E 75 -23.21 40.83 -8.05
N THR E 76 -23.23 40.35 -6.80
CA THR E 76 -22.88 41.20 -5.67
C THR E 76 -22.28 40.33 -4.58
N PRO E 77 -21.31 40.86 -3.81
CA PRO E 77 -20.83 40.10 -2.64
C PRO E 77 -21.76 40.19 -1.44
N HIS E 78 -22.76 41.07 -1.44
CA HIS E 78 -23.57 41.37 -0.26
C HIS E 78 -24.93 40.68 -0.37
N ASN E 79 -25.18 39.71 0.52
CA ASN E 79 -26.45 39.00 0.53
C ASN E 79 -27.64 39.94 0.78
N LYS E 80 -27.43 41.02 1.53
CA LYS E 80 -28.53 41.95 1.75
C LYS E 80 -28.98 42.63 0.46
N GLU E 81 -28.04 42.94 -0.43
CA GLU E 81 -28.42 43.49 -1.73
C GLU E 81 -29.28 42.51 -2.52
N THR E 82 -28.92 41.22 -2.50
CA THR E 82 -29.74 40.22 -3.18
C THR E 82 -31.17 40.23 -2.64
N VAL E 83 -31.32 40.29 -1.32
CA VAL E 83 -32.65 40.33 -0.73
C VAL E 83 -33.40 41.57 -1.18
N GLN E 84 -32.74 42.72 -1.15
CA GLN E 84 -33.38 43.97 -1.55
C GLN E 84 -33.78 43.96 -3.02
N HIS E 85 -33.01 43.28 -3.86
CA HIS E 85 -33.30 43.18 -5.29
C HIS E 85 -34.45 42.23 -5.60
N SER E 86 -34.68 41.23 -4.75
CA SER E 86 -35.43 40.04 -5.13
C SER E 86 -36.84 39.99 -4.55
N ASP E 87 -37.72 39.32 -5.29
CA ASP E 87 -39.02 38.86 -4.80
C ASP E 87 -38.99 37.41 -4.39
N VAL E 88 -38.57 36.53 -5.30
CA VAL E 88 -38.35 35.13 -5.01
C VAL E 88 -36.87 34.96 -4.69
N LEU E 89 -36.57 34.41 -3.53
CA LEU E 89 -35.20 34.32 -3.02
C LEU E 89 -34.82 32.86 -2.88
N PHE E 90 -33.91 32.38 -3.73
CA PHE E 90 -33.42 31.02 -3.61
C PHE E 90 -32.24 30.99 -2.64
N LEU E 91 -32.30 30.12 -1.65
CA LEU E 91 -31.17 29.86 -0.77
C LEU E 91 -30.48 28.62 -1.33
N ALA E 92 -29.40 28.85 -2.06
CA ALA E 92 -28.70 27.76 -2.74
C ALA E 92 -27.31 27.59 -2.13
N VAL E 93 -27.27 27.51 -0.80
CA VAL E 93 -26.03 27.31 -0.07
C VAL E 93 -26.06 25.93 0.57
N LYS E 94 -24.91 25.52 1.10
CA LYS E 94 -24.83 24.23 1.78
C LYS E 94 -25.73 24.23 3.01
N PRO E 95 -26.28 23.07 3.37
CA PRO E 95 -27.18 22.99 4.55
C PRO E 95 -26.59 23.63 5.81
N HIS E 96 -25.31 23.44 6.10
CA HIS E 96 -24.78 24.02 7.33
C HIS E 96 -24.62 25.54 7.24
N ILE E 97 -24.69 26.11 6.03
CA ILE E 97 -24.60 27.55 5.86
C ILE E 97 -25.97 28.23 6.01
N ILE E 98 -27.08 27.50 5.79
CA ILE E 98 -28.42 28.09 5.90
C ILE E 98 -28.61 28.90 7.17
N PRO E 99 -28.36 28.38 8.38
CA PRO E 99 -28.64 29.20 9.58
C PRO E 99 -27.87 30.49 9.58
N PHE E 100 -26.64 30.52 9.04
CA PHE E 100 -25.89 31.77 9.02
C PHE E 100 -26.55 32.78 8.10
N ILE E 101 -27.05 32.32 6.96
CA ILE E 101 -27.75 33.21 6.02
C ILE E 101 -29.00 33.78 6.68
N LEU E 102 -29.79 32.92 7.32
CA LEU E 102 -31.05 33.36 7.91
C LEU E 102 -30.79 34.40 8.99
N ASP E 103 -29.72 34.22 9.78
CA ASP E 103 -29.38 35.21 10.78
C ASP E 103 -28.97 36.54 10.13
N GLU E 104 -28.28 36.47 9.00
CA GLU E 104 -27.76 37.67 8.36
C GLU E 104 -28.87 38.51 7.74
N ILE E 105 -29.83 37.88 7.07
CA ILE E 105 -30.83 38.58 6.26
C ILE E 105 -32.21 38.55 6.88
N GLY E 106 -32.38 37.92 8.05
CA GLY E 106 -33.73 37.77 8.59
C GLY E 106 -34.48 39.09 8.70
N ALA E 107 -33.79 40.14 9.14
CA ALA E 107 -34.44 41.43 9.31
C ALA E 107 -34.77 42.11 7.98
N ASP E 108 -34.22 41.63 6.87
CA ASP E 108 -34.47 42.23 5.57
C ASP E 108 -35.61 41.57 4.79
N ILE E 109 -36.14 40.46 5.30
CA ILE E 109 -37.27 39.81 4.65
C ILE E 109 -38.51 40.69 4.79
N GLU E 110 -39.21 40.89 3.68
CA GLU E 110 -40.42 41.69 3.61
C GLU E 110 -41.60 40.80 3.31
N ASP E 111 -42.79 41.40 3.38
CA ASP E 111 -44.01 40.64 3.08
C ASP E 111 -43.96 40.04 1.68
N ARG E 112 -43.35 40.75 0.73
CA ARG E 112 -43.37 40.29 -0.65
C ARG E 112 -42.54 39.02 -0.88
N HIS E 113 -41.62 38.68 0.02
CA HIS E 113 -40.62 37.66 -0.25
C HIS E 113 -41.20 36.26 -0.17
N ILE E 114 -40.85 35.43 -1.15
CA ILE E 114 -40.96 33.99 -1.03
C ILE E 114 -39.55 33.45 -0.90
N VAL E 115 -39.28 32.77 0.21
CA VAL E 115 -37.96 32.22 0.49
C VAL E 115 -37.99 30.75 0.10
N VAL E 116 -37.15 30.38 -0.86
CA VAL E 116 -37.12 29.02 -1.43
C VAL E 116 -35.79 28.38 -1.03
N SER E 117 -35.85 27.44 -0.09
CA SER E 117 -34.63 26.76 0.33
C SER E 117 -34.38 25.57 -0.58
N CYS E 118 -33.15 25.48 -1.10
CA CYS E 118 -32.72 24.34 -1.92
C CYS E 118 -31.81 23.37 -1.19
N ALA E 119 -31.48 23.67 0.06
CA ALA E 119 -30.49 22.91 0.78
C ALA E 119 -31.02 21.53 1.13
N ALA E 120 -30.16 20.52 0.96
CA ALA E 120 -30.53 19.15 1.29
C ALA E 120 -30.79 19.03 2.79
N GLY E 121 -31.89 18.34 3.14
CA GLY E 121 -32.10 17.96 4.51
C GLY E 121 -32.68 19.01 5.43
N VAL E 122 -32.69 20.28 5.05
CA VAL E 122 -33.06 21.38 5.97
C VAL E 122 -34.59 21.58 5.93
N THR E 123 -35.22 21.49 7.10
CA THR E 123 -36.69 21.45 7.13
C THR E 123 -37.29 22.85 7.07
N ILE E 124 -38.51 22.91 6.53
CA ILE E 124 -39.27 24.17 6.52
C ILE E 124 -39.44 24.69 7.93
N SER E 125 -39.76 23.81 8.88
CA SER E 125 -40.02 24.29 10.24
C SER E 125 -38.78 24.95 10.83
N SER E 126 -37.59 24.39 10.56
CA SER E 126 -36.36 24.99 11.08
C SER E 126 -36.11 26.37 10.46
N ILE E 127 -36.43 26.53 9.18
CA ILE E 127 -36.28 27.83 8.54
C ILE E 127 -37.30 28.82 9.08
N GLU E 128 -38.56 28.40 9.18
CA GLU E 128 -39.60 29.27 9.71
C GLU E 128 -39.28 29.70 11.15
N LYS E 129 -38.75 28.80 11.96
CA LYS E 129 -38.48 29.19 13.35
C LYS E 129 -37.42 30.29 13.41
N LYS E 130 -36.38 30.17 12.58
CA LYS E 130 -35.34 31.19 12.50
C LYS E 130 -35.91 32.51 12.00
N LEU E 131 -36.68 32.48 10.91
CA LEU E 131 -37.14 33.73 10.30
C LEU E 131 -38.25 34.40 11.09
N SER E 132 -39.07 33.63 11.82
CA SER E 132 -40.14 34.23 12.60
C SER E 132 -39.62 35.06 13.76
N ALA E 133 -38.35 34.90 14.15
CA ALA E 133 -37.76 35.79 15.15
C ALA E 133 -37.71 37.23 14.66
N PHE E 134 -37.83 37.47 13.36
CA PHE E 134 -37.77 38.80 12.78
C PHE E 134 -39.13 39.34 12.36
N ARG E 135 -39.94 38.53 11.69
CA ARG E 135 -41.25 38.89 11.15
C ARG E 135 -42.09 37.63 11.26
N PRO E 136 -43.38 37.73 11.58
CA PRO E 136 -44.11 36.54 12.09
C PRO E 136 -44.51 35.49 11.05
N ALA E 137 -44.76 35.84 9.80
CA ALA E 137 -45.31 34.88 8.83
C ALA E 137 -44.47 34.79 7.57
N PRO E 138 -43.23 34.30 7.66
CA PRO E 138 -42.41 34.17 6.46
C PRO E 138 -42.97 33.13 5.52
N ARG E 139 -42.95 33.44 4.22
CA ARG E 139 -43.43 32.52 3.19
C ARG E 139 -42.26 31.66 2.74
N VAL E 140 -42.28 30.38 3.10
CA VAL E 140 -41.13 29.50 2.90
C VAL E 140 -41.57 28.34 2.01
N ILE E 141 -40.74 28.02 1.02
CA ILE E 141 -40.89 26.81 0.20
C ILE E 141 -39.60 26.04 0.27
N ARG E 142 -39.69 24.72 0.39
CA ARG E 142 -38.53 23.86 0.32
C ARG E 142 -38.53 23.13 -1.01
N CYS E 143 -37.41 23.13 -1.71
CA CYS E 143 -37.37 22.34 -2.93
C CYS E 143 -36.14 21.45 -2.97
N MET E 144 -36.24 20.40 -3.79
CA MET E 144 -35.10 19.56 -4.09
C MET E 144 -35.09 19.45 -5.61
N THR E 145 -34.04 19.97 -6.23
CA THR E 145 -33.92 19.99 -7.68
C THR E 145 -32.53 19.42 -8.01
N ASN E 146 -32.10 19.50 -9.26
CA ASN E 146 -30.83 18.86 -9.58
C ASN E 146 -30.16 19.62 -10.71
N THR E 147 -28.92 19.27 -11.00
CA THR E 147 -28.13 20.04 -11.95
CA THR E 147 -28.15 20.07 -11.96
C THR E 147 -28.70 20.04 -13.38
N PRO E 148 -29.40 18.98 -13.86
CA PRO E 148 -29.91 19.03 -15.24
C PRO E 148 -30.94 20.12 -15.53
N VAL E 149 -31.37 20.91 -14.54
CA VAL E 149 -32.11 22.12 -14.89
C VAL E 149 -31.31 23.00 -15.85
N VAL E 150 -29.99 22.85 -15.87
CA VAL E 150 -29.17 23.67 -16.77
C VAL E 150 -29.45 23.37 -18.25
N VAL E 151 -29.96 22.18 -18.57
CA VAL E 151 -30.40 21.86 -19.94
C VAL E 151 -31.93 21.72 -20.00
N ARG E 152 -32.61 22.28 -18.98
CA ARG E 152 -34.07 22.29 -18.87
C ARG E 152 -34.66 20.88 -18.83
N GLU E 153 -33.92 19.95 -18.22
CA GLU E 153 -34.42 18.60 -17.99
C GLU E 153 -34.20 18.21 -16.54
N GLY E 154 -34.43 19.16 -15.61
CA GLY E 154 -34.30 18.86 -14.21
C GLY E 154 -35.45 18.01 -13.70
N ALA E 155 -35.26 17.54 -12.48
CA ALA E 155 -36.31 16.88 -11.70
C ALA E 155 -36.42 17.63 -10.39
N THR E 156 -37.57 18.25 -10.14
CA THR E 156 -37.76 19.11 -8.98
C THR E 156 -39.02 18.69 -8.22
N VAL E 157 -38.90 18.61 -6.90
CA VAL E 157 -40.09 18.54 -6.05
C VAL E 157 -40.04 19.73 -5.09
N TYR E 158 -41.21 20.12 -4.60
CA TYR E 158 -41.26 21.20 -3.62
C TYR E 158 -42.37 20.93 -2.62
N ALA E 159 -42.21 21.51 -1.42
CA ALA E 159 -43.28 21.52 -0.43
C ALA E 159 -43.46 22.94 0.07
N THR E 160 -44.73 23.32 0.31
CA THR E 160 -45.04 24.67 0.74
C THR E 160 -45.12 24.73 2.25
N GLY E 161 -44.63 25.84 2.81
CA GLY E 161 -44.63 26.06 4.25
C GLY E 161 -45.95 26.57 4.82
N THR E 162 -45.89 26.85 6.14
CA THR E 162 -47.09 27.20 6.90
C THR E 162 -47.78 28.45 6.38
N HIS E 163 -47.01 29.44 5.97
CA HIS E 163 -47.56 30.74 5.61
C HIS E 163 -47.50 31.01 4.11
N ALA E 164 -47.13 30.00 3.30
CA ALA E 164 -47.14 30.17 1.86
C ALA E 164 -48.54 30.54 1.42
N GLN E 165 -48.66 31.62 0.64
CA GLN E 165 -49.96 32.02 0.15
C GLN E 165 -50.46 31.05 -0.90
N VAL E 166 -51.76 31.12 -1.19
CA VAL E 166 -52.41 30.12 -2.02
C VAL E 166 -51.73 30.01 -3.38
N GLU E 167 -51.31 31.14 -3.94
CA GLU E 167 -50.63 31.29 -5.23
C GLU E 167 -49.13 30.97 -5.20
N ASP E 168 -48.52 30.85 -4.01
CA ASP E 168 -47.07 30.68 -3.96
C ASP E 168 -46.62 29.35 -4.52
N GLY E 169 -47.32 28.26 -4.19
CA GLY E 169 -46.96 26.96 -4.74
C GLY E 169 -47.16 26.93 -6.24
N ARG E 170 -48.25 27.54 -6.72
CA ARG E 170 -48.53 27.58 -8.15
C ARG E 170 -47.45 28.35 -8.91
N LEU E 171 -47.05 29.50 -8.37
CA LEU E 171 -45.97 30.27 -8.98
C LEU E 171 -44.69 29.45 -9.02
N MET E 172 -44.35 28.82 -7.92
CA MET E 172 -43.15 27.99 -7.83
CA MET E 172 -43.10 28.07 -7.93
C MET E 172 -43.16 26.89 -8.89
N GLU E 173 -44.32 26.22 -9.02
CA GLU E 173 -44.39 25.11 -9.96
C GLU E 173 -44.31 25.60 -11.40
N GLN E 174 -44.90 26.76 -11.68
CA GLN E 174 -44.78 27.34 -13.02
C GLN E 174 -43.32 27.67 -13.34
N LEU E 175 -42.61 28.28 -12.40
CA LEU E 175 -41.20 28.61 -12.59
C LEU E 175 -40.33 27.36 -12.76
N LEU E 176 -40.45 26.39 -11.84
CA LEU E 176 -39.57 25.25 -11.92
C LEU E 176 -39.96 24.28 -13.02
N SER E 177 -41.22 24.28 -13.47
CA SER E 177 -41.59 23.46 -14.61
C SER E 177 -40.98 23.93 -15.92
N SER E 178 -40.53 25.19 -15.99
CA SER E 178 -39.90 25.66 -17.21
C SER E 178 -38.52 25.04 -17.40
N VAL E 179 -37.96 24.40 -16.37
CA VAL E 179 -36.63 23.83 -16.47
C VAL E 179 -36.62 22.32 -16.20
N GLY E 180 -37.77 21.66 -16.24
CA GLY E 180 -37.80 20.23 -16.06
C GLY E 180 -39.13 19.76 -15.46
N PHE E 181 -39.13 18.52 -14.99
CA PHE E 181 -40.26 18.00 -14.24
C PHE E 181 -40.34 18.71 -12.89
N CYS E 182 -41.57 19.06 -12.48
CA CYS E 182 -41.77 19.67 -11.17
C CYS E 182 -43.10 19.22 -10.60
N THR E 183 -43.11 18.81 -9.33
CA THR E 183 -44.38 18.44 -8.70
C THR E 183 -44.30 18.73 -7.22
N GLU E 184 -45.46 19.00 -6.63
CA GLU E 184 -45.56 19.20 -5.20
C GLU E 184 -45.53 17.86 -4.49
N VAL E 185 -44.87 17.80 -3.33
CA VAL E 185 -44.85 16.60 -2.50
C VAL E 185 -45.02 16.99 -1.04
N GLU E 186 -45.45 16.02 -0.24
CA GLU E 186 -45.36 16.19 1.22
C GLU E 186 -43.89 16.31 1.59
N GLU E 187 -43.60 17.18 2.57
CA GLU E 187 -42.20 17.47 2.89
C GLU E 187 -41.44 16.23 3.34
N ASP E 188 -42.11 15.29 3.99
CA ASP E 188 -41.38 14.13 4.51
C ASP E 188 -40.89 13.19 3.42
N LEU E 189 -41.16 13.46 2.13
CA LEU E 189 -40.60 12.66 1.05
C LEU E 189 -39.31 13.25 0.50
N ILE E 190 -38.93 14.46 0.92
CA ILE E 190 -37.90 15.18 0.17
C ILE E 190 -36.51 14.59 0.40
N ASP E 191 -36.23 14.09 1.61
CA ASP E 191 -34.93 13.42 1.80
C ASP E 191 -34.79 12.20 0.87
N ALA E 192 -35.87 11.44 0.69
CA ALA E 192 -35.80 10.30 -0.25
C ALA E 192 -35.63 10.75 -1.70
N VAL E 193 -36.34 11.80 -2.10
CA VAL E 193 -36.13 12.37 -3.43
C VAL E 193 -34.68 12.79 -3.61
N THR E 194 -34.07 13.36 -2.55
CA THR E 194 -32.66 13.74 -2.66
C THR E 194 -31.78 12.53 -3.02
N GLY E 195 -32.04 11.39 -2.39
CA GLY E 195 -31.26 10.19 -2.69
C GLY E 195 -31.45 9.65 -4.09
N LEU E 196 -32.58 9.98 -4.72
CA LEU E 196 -32.95 9.44 -6.03
C LEU E 196 -32.63 10.44 -7.15
N SER E 197 -33.38 11.53 -7.26
CA SER E 197 -33.12 12.46 -8.36
C SER E 197 -32.15 13.58 -8.00
N GLY E 198 -31.96 13.89 -6.73
CA GLY E 198 -30.95 14.89 -6.38
C GLY E 198 -29.54 14.39 -6.66
N SER E 199 -29.20 13.22 -6.11
CA SER E 199 -27.90 12.60 -6.35
C SER E 199 -27.88 11.85 -7.65
N GLY E 200 -29.05 11.53 -8.21
CA GLY E 200 -29.14 10.65 -9.36
C GLY E 200 -28.25 10.97 -10.54
N PRO E 201 -28.11 12.24 -10.93
CA PRO E 201 -27.24 12.52 -12.08
C PRO E 201 -25.81 12.04 -11.87
N ALA E 202 -25.29 12.10 -10.63
CA ALA E 202 -23.95 11.56 -10.39
C ALA E 202 -23.89 10.05 -10.59
N TYR E 203 -24.96 9.32 -10.28
CA TYR E 203 -24.95 7.88 -10.59
C TYR E 203 -24.87 7.69 -12.09
N ALA E 204 -25.62 8.52 -12.83
CA ALA E 204 -25.61 8.43 -14.29
C ALA E 204 -24.24 8.79 -14.87
N PHE E 205 -23.60 9.85 -14.36
CA PHE E 205 -22.28 10.21 -14.92
C PHE E 205 -21.27 9.10 -14.66
N THR E 206 -21.32 8.49 -13.47
CA THR E 206 -20.47 7.32 -13.20
C THR E 206 -20.75 6.21 -14.19
N ALA E 207 -22.03 5.87 -14.38
CA ALA E 207 -22.42 4.80 -15.28
C ALA E 207 -21.95 5.10 -16.71
N LEU E 208 -22.08 6.37 -17.14
CA LEU E 208 -21.69 6.69 -18.51
C LEU E 208 -20.18 6.61 -18.69
N ASP E 209 -19.41 7.03 -17.69
CA ASP E 209 -17.95 6.88 -17.77
C ASP E 209 -17.57 5.41 -17.89
N ALA E 210 -18.23 4.55 -17.11
CA ALA E 210 -17.91 3.12 -17.17
C ALA E 210 -18.39 2.48 -18.46
N LEU E 211 -19.60 2.82 -18.92
CA LEU E 211 -20.07 2.24 -20.20
C LEU E 211 -19.11 2.64 -21.33
N ALA E 212 -18.63 3.88 -21.30
CA ALA E 212 -17.67 4.32 -22.30
C ALA E 212 -16.36 3.53 -22.20
N ASP E 213 -15.90 3.25 -20.96
CA ASP E 213 -14.73 2.38 -20.77
C ASP E 213 -14.98 0.99 -21.36
N GLY E 214 -16.20 0.45 -21.19
CA GLY E 214 -16.53 -0.82 -21.82
C GLY E 214 -16.47 -0.74 -23.33
N GLY E 215 -17.00 0.35 -23.91
CA GLY E 215 -16.88 0.52 -25.35
C GLY E 215 -15.43 0.57 -25.81
N VAL E 216 -14.59 1.32 -25.08
CA VAL E 216 -13.17 1.43 -25.42
C VAL E 216 -12.51 0.07 -25.32
N LYS E 217 -12.83 -0.71 -24.28
CA LYS E 217 -12.23 -2.04 -24.16
C LYS E 217 -12.54 -2.90 -25.39
N MET E 218 -13.74 -2.76 -25.95
CA MET E 218 -14.16 -3.58 -27.08
C MET E 218 -13.78 -2.95 -28.42
N GLY E 219 -13.01 -1.87 -28.40
CA GLY E 219 -12.39 -1.34 -29.62
C GLY E 219 -12.93 -0.01 -30.12
N LEU E 220 -13.89 0.63 -29.41
CA LEU E 220 -14.40 1.92 -29.88
C LEU E 220 -13.49 3.07 -29.43
N PRO E 221 -13.40 4.10 -30.26
CA PRO E 221 -12.78 5.35 -29.80
C PRO E 221 -13.57 5.93 -28.64
N ARG E 222 -12.85 6.57 -27.70
CA ARG E 222 -13.47 7.08 -26.47
CA ARG E 222 -13.49 7.05 -26.47
C ARG E 222 -14.62 8.05 -26.77
N ARG E 223 -14.39 9.00 -27.68
CA ARG E 223 -15.39 10.03 -27.94
C ARG E 223 -16.67 9.42 -28.49
N LEU E 224 -16.54 8.46 -29.41
CA LEU E 224 -17.71 7.76 -29.94
C LEU E 224 -18.40 6.97 -28.84
N ALA E 225 -17.62 6.26 -28.01
CA ALA E 225 -18.21 5.49 -26.92
C ALA E 225 -19.01 6.36 -25.94
N VAL E 226 -18.50 7.54 -25.58
CA VAL E 226 -19.25 8.41 -24.67
C VAL E 226 -20.57 8.85 -25.30
N ARG E 227 -20.52 9.27 -26.57
CA ARG E 227 -21.71 9.74 -27.27
C ARG E 227 -22.78 8.64 -27.35
N LEU E 228 -22.37 7.45 -27.78
CA LEU E 228 -23.32 6.34 -27.91
C LEU E 228 -23.90 5.93 -26.56
N GLY E 229 -23.07 5.83 -25.52
CA GLY E 229 -23.60 5.48 -24.21
C GLY E 229 -24.58 6.51 -23.69
N ALA E 230 -24.25 7.79 -23.81
CA ALA E 230 -25.14 8.84 -23.34
C ALA E 230 -26.44 8.86 -24.15
N GLN E 231 -26.36 8.66 -25.47
CA GLN E 231 -27.58 8.63 -26.26
C GLN E 231 -28.44 7.42 -25.91
N ALA E 232 -27.80 6.27 -25.65
CA ALA E 232 -28.54 5.08 -25.23
C ALA E 232 -29.31 5.33 -23.93
N LEU E 233 -28.66 5.98 -22.95
CA LEU E 233 -29.28 6.31 -21.68
CA LEU E 233 -29.33 6.25 -21.69
C LEU E 233 -30.40 7.31 -21.85
N LEU E 234 -30.14 8.38 -22.61
CA LEU E 234 -31.16 9.38 -22.87
C LEU E 234 -32.38 8.77 -23.53
N GLY E 235 -32.18 7.99 -24.60
CA GLY E 235 -33.32 7.43 -25.31
C GLY E 235 -34.12 6.46 -24.46
N ALA E 236 -33.44 5.63 -23.68
CA ALA E 236 -34.15 4.67 -22.84
C ALA E 236 -34.97 5.39 -21.77
N ALA E 237 -34.41 6.44 -21.17
CA ALA E 237 -35.18 7.18 -20.17
C ALA E 237 -36.39 7.85 -20.80
N LYS E 238 -36.21 8.42 -22.01
CA LYS E 238 -37.35 9.02 -22.68
C LYS E 238 -38.42 7.97 -23.02
N MET E 239 -37.99 6.77 -23.44
CA MET E 239 -38.99 5.72 -23.71
C MET E 239 -39.85 5.44 -22.49
N LEU E 240 -39.21 5.28 -21.33
CA LEU E 240 -39.95 4.95 -20.12
C LEU E 240 -40.87 6.08 -19.71
N LEU E 241 -40.40 7.32 -19.86
CA LEU E 241 -41.26 8.45 -19.52
C LEU E 241 -42.48 8.55 -20.42
N HIS E 242 -42.38 8.08 -21.67
CA HIS E 242 -43.51 8.14 -22.60
C HIS E 242 -44.28 6.83 -22.69
N SER E 243 -43.91 5.82 -21.91
CA SER E 243 -44.54 4.50 -21.97
C SER E 243 -45.49 4.29 -20.80
N GLU E 244 -46.56 3.54 -21.05
CA GLU E 244 -47.40 3.03 -19.98
C GLU E 244 -46.90 1.70 -19.45
N GLN E 245 -45.78 1.21 -19.97
CA GLN E 245 -45.30 -0.11 -19.61
C GLN E 245 -44.31 -0.06 -18.44
N HIS E 246 -44.26 -1.17 -17.73
CA HIS E 246 -43.31 -1.35 -16.66
C HIS E 246 -41.88 -1.38 -17.23
N PRO E 247 -40.88 -0.88 -16.50
CA PRO E 247 -39.51 -0.95 -17.02
C PRO E 247 -39.06 -2.39 -17.30
N GLY E 248 -39.54 -3.35 -16.54
CA GLY E 248 -39.24 -4.75 -16.85
C GLY E 248 -39.79 -5.20 -18.19
N GLN E 249 -40.95 -4.68 -18.61
CA GLN E 249 -41.47 -5.03 -19.94
C GLN E 249 -40.63 -4.39 -21.04
N LEU E 250 -40.18 -3.15 -20.82
CA LEU E 250 -39.32 -2.53 -21.84
C LEU E 250 -38.01 -3.27 -21.94
N LYS E 251 -37.50 -3.75 -20.80
CA LYS E 251 -36.30 -4.57 -20.81
C LYS E 251 -36.51 -5.86 -21.59
N ASP E 252 -37.63 -6.54 -21.34
CA ASP E 252 -37.94 -7.76 -22.10
C ASP E 252 -37.97 -7.51 -23.59
N ASN E 253 -38.43 -6.33 -24.01
CA ASN E 253 -38.53 -6.01 -25.44
C ASN E 253 -37.16 -5.83 -26.13
N VAL E 254 -36.10 -5.56 -25.37
CA VAL E 254 -34.77 -5.36 -25.96
C VAL E 254 -34.11 -6.69 -26.27
N SER E 255 -34.42 -7.74 -25.47
CA SER E 255 -33.61 -8.95 -25.40
C SER E 255 -34.20 -10.05 -26.29
N SER E 256 -33.55 -10.36 -27.35
CA SER E 256 -33.99 -11.54 -28.08
C SER E 256 -33.47 -12.81 -27.42
N PRO E 257 -34.21 -13.92 -27.54
CA PRO E 257 -33.80 -15.16 -26.89
C PRO E 257 -32.40 -15.60 -27.32
N GLY E 258 -31.58 -15.97 -26.34
CA GLY E 258 -30.22 -16.38 -26.58
C GLY E 258 -29.28 -15.29 -27.01
N GLY E 259 -29.72 -14.03 -27.07
CA GLY E 259 -28.97 -13.00 -27.75
C GLY E 259 -27.98 -12.22 -26.88
N ALA E 260 -27.45 -11.15 -27.49
CA ALA E 260 -26.38 -10.38 -26.86
C ALA E 260 -26.87 -9.68 -25.60
N THR E 261 -28.06 -9.09 -25.65
CA THR E 261 -28.52 -8.29 -24.51
C THR E 261 -28.76 -9.15 -23.27
N ILE E 262 -29.39 -10.32 -23.44
CA ILE E 262 -29.69 -11.14 -22.27
C ILE E 262 -28.40 -11.68 -21.67
N HIS E 263 -27.39 -11.94 -22.51
CA HIS E 263 -26.09 -12.32 -21.95
C HIS E 263 -25.51 -11.21 -21.10
N ALA E 264 -25.62 -9.95 -21.54
CA ALA E 264 -25.10 -8.84 -20.75
C ALA E 264 -25.91 -8.65 -19.48
N LEU E 265 -27.23 -8.81 -19.57
CA LEU E 265 -28.04 -8.62 -18.37
C LEU E 265 -27.66 -9.63 -17.30
N HIS E 266 -27.31 -10.86 -17.70
CA HIS E 266 -26.89 -11.86 -16.71
C HIS E 266 -25.67 -11.37 -15.94
N VAL E 267 -24.67 -10.82 -16.63
CA VAL E 267 -23.47 -10.42 -15.89
C VAL E 267 -23.77 -9.23 -14.99
N LEU E 268 -24.71 -8.33 -15.36
CA LEU E 268 -25.15 -7.29 -14.42
C LEU E 268 -25.77 -7.93 -13.19
N GLU E 269 -26.68 -8.89 -13.38
CA GLU E 269 -27.33 -9.56 -12.26
C GLU E 269 -26.32 -10.28 -11.36
N SER E 270 -25.31 -10.92 -11.96
CA SER E 270 -24.37 -11.68 -11.15
C SER E 270 -23.56 -10.79 -10.21
N GLY E 271 -23.39 -9.54 -10.54
CA GLY E 271 -22.70 -8.59 -9.66
C GLY E 271 -23.63 -7.84 -8.72
N GLY E 272 -24.92 -8.18 -8.72
CA GLY E 272 -25.86 -7.47 -7.84
C GLY E 272 -26.07 -6.02 -8.22
N PHE E 273 -26.01 -5.71 -9.53
CA PHE E 273 -26.20 -4.36 -10.08
C PHE E 273 -27.41 -3.64 -9.48
N ARG E 274 -28.55 -4.32 -9.42
CA ARG E 274 -29.77 -3.69 -8.89
C ARG E 274 -29.57 -3.27 -7.44
N SER E 275 -28.97 -4.14 -6.63
CA SER E 275 -28.78 -3.84 -5.20
C SER E 275 -27.83 -2.66 -5.01
N LEU E 276 -26.85 -2.47 -5.90
CA LEU E 276 -25.95 -1.34 -5.76
C LEU E 276 -26.70 -0.01 -5.89
N LEU E 277 -27.63 0.07 -6.86
CA LEU E 277 -28.39 1.28 -7.05
C LEU E 277 -29.36 1.51 -5.89
N ILE E 278 -29.94 0.45 -5.34
CA ILE E 278 -30.76 0.60 -4.12
C ILE E 278 -29.88 1.12 -2.99
N ASN E 279 -28.68 0.54 -2.85
CA ASN E 279 -27.75 0.98 -1.80
C ASN E 279 -27.47 2.46 -1.92
N ALA E 280 -27.33 2.94 -3.17
CA ALA E 280 -26.95 4.33 -3.41
C ALA E 280 -28.07 5.28 -2.99
N VAL E 281 -29.30 4.99 -3.44
CA VAL E 281 -30.44 5.84 -3.04
C VAL E 281 -30.55 5.88 -1.52
N GLU E 282 -30.44 4.71 -0.90
CA GLU E 282 -30.53 4.60 0.56
C GLU E 282 -29.42 5.42 1.23
N ALA E 283 -28.17 5.26 0.77
CA ALA E 283 -27.05 5.96 1.41
C ALA E 283 -27.18 7.47 1.31
N SER E 284 -27.59 7.97 0.13
CA SER E 284 -27.76 9.42 -0.03
C SER E 284 -28.91 9.93 0.85
N CYS E 285 -30.02 9.20 0.86
CA CYS E 285 -31.15 9.59 1.72
C CYS E 285 -30.75 9.61 3.19
N ILE E 286 -30.04 8.58 3.66
CA ILE E 286 -29.66 8.53 5.07
C ILE E 286 -28.71 9.67 5.40
N ARG E 287 -27.75 9.94 4.51
CA ARG E 287 -26.83 11.03 4.77
C ARG E 287 -27.56 12.37 4.81
N THR E 288 -28.54 12.55 3.92
CA THR E 288 -29.33 13.79 3.89
C THR E 288 -30.01 14.05 5.24
N ARG E 289 -30.52 12.99 5.87
CA ARG E 289 -31.14 13.16 7.19
C ARG E 289 -30.11 13.63 8.22
N GLU E 290 -28.86 13.25 8.08
CA GLU E 290 -27.81 13.72 9.00
C GLU E 290 -27.38 15.17 8.74
N LEU E 291 -27.68 15.73 7.57
CA LEU E 291 -27.18 17.06 7.24
C LEU E 291 -27.96 18.21 7.89
N GLN E 292 -29.14 17.96 8.43
CA GLN E 292 -29.92 19.03 9.05
C GLN E 292 -29.09 19.72 10.13
N SER E 293 -28.97 21.04 10.02
CA SER E 293 -28.09 21.87 10.85
C SER E 293 -28.80 22.61 11.97
N MET E 294 -30.12 22.80 11.86
CA MET E 294 -30.87 23.61 12.80
C MET E 294 -31.92 22.77 13.52
N ALA E 295 -32.41 23.30 14.65
CA ALA E 295 -33.48 22.62 15.37
C ALA E 295 -34.78 22.74 14.59
N ASP E 296 -35.47 21.62 14.44
CA ASP E 296 -36.71 21.61 13.68
C ASP E 296 -37.79 22.43 14.38
#